data_2M1Z
#
_entry.id   2M1Z
#
_entity_poly.entity_id   1
_entity_poly.type   'polypeptide(L)'
_entity_poly.pdbx_seq_one_letter_code
;MKRKIIAVTACATGVAHTYMAAQALKKGAKKMGNLIKVETQGATGIENELTEKDVNIGEVVIFAVDTKVRNKERFDGKVV
LEVPVSAPIKDAEKVINAALALIDEK
;
_entity_poly.pdbx_strand_id   A
#
# COMPACT_ATOMS: atom_id res chain seq x y z
N MET A 1 14.51 -11.47 -4.83
CA MET A 1 13.36 -12.28 -4.34
C MET A 1 12.33 -11.38 -3.67
N LYS A 2 12.79 -10.59 -2.71
CA LYS A 2 11.90 -9.70 -1.98
C LYS A 2 11.84 -8.33 -2.64
N ARG A 3 10.78 -8.07 -3.39
CA ARG A 3 10.61 -6.78 -4.02
C ARG A 3 10.20 -5.75 -2.97
N LYS A 4 10.72 -4.54 -3.09
CA LYS A 4 10.46 -3.49 -2.12
C LYS A 4 9.23 -2.67 -2.51
N ILE A 5 8.18 -2.75 -1.72
CA ILE A 5 6.93 -2.06 -2.03
C ILE A 5 6.38 -1.35 -0.79
N ILE A 6 5.86 -0.14 -0.98
CA ILE A 6 5.15 0.55 0.10
C ILE A 6 3.70 0.78 -0.33
N ALA A 7 2.79 0.74 0.62
CA ALA A 7 1.38 0.87 0.31
C ALA A 7 0.65 1.63 1.40
N VAL A 8 -0.14 2.61 1.02
CA VAL A 8 -0.89 3.39 1.99
C VAL A 8 -2.37 3.00 1.97
N THR A 9 -2.90 2.77 3.16
CA THR A 9 -4.32 2.46 3.32
C THR A 9 -4.96 3.52 4.21
N ALA A 10 -6.04 4.13 3.74
CA ALA A 10 -6.69 5.20 4.49
C ALA A 10 -8.17 5.30 4.16
N CYS A 11 -8.99 5.29 5.18
CA CYS A 11 -10.42 5.48 5.04
C CYS A 11 -10.97 6.16 6.29
N ALA A 12 -11.99 6.99 6.12
CA ALA A 12 -12.55 7.73 7.23
C ALA A 12 -13.70 6.96 7.88
N THR A 13 -14.84 6.93 7.22
CA THR A 13 -16.00 6.20 7.70
C THR A 13 -16.06 4.82 7.05
N GLY A 14 -15.51 3.84 7.75
CA GLY A 14 -15.41 2.51 7.22
C GLY A 14 -14.00 1.97 7.33
N VAL A 15 -13.42 2.12 8.53
CA VAL A 15 -12.03 1.72 8.78
C VAL A 15 -11.86 0.22 8.68
N ALA A 16 -12.96 -0.52 8.69
CA ALA A 16 -12.92 -1.97 8.52
C ALA A 16 -12.24 -2.30 7.19
N HIS A 17 -12.44 -1.43 6.20
CA HIS A 17 -11.75 -1.56 4.92
C HIS A 17 -10.25 -1.40 5.12
N THR A 18 -9.87 -0.31 5.76
CA THR A 18 -8.46 0.04 5.97
C THR A 18 -7.69 -1.10 6.62
N TYR A 19 -8.20 -1.58 7.76
CA TYR A 19 -7.51 -2.61 8.52
C TYR A 19 -7.48 -3.93 7.77
N MET A 20 -8.62 -4.34 7.23
CA MET A 20 -8.71 -5.61 6.53
C MET A 20 -7.80 -5.63 5.32
N ALA A 21 -7.76 -4.52 4.58
CA ALA A 21 -6.89 -4.41 3.42
C ALA A 21 -5.43 -4.51 3.83
N ALA A 22 -5.06 -3.77 4.87
CA ALA A 22 -3.69 -3.76 5.36
C ALA A 22 -3.26 -5.14 5.85
N GLN A 23 -4.21 -5.91 6.36
CA GLN A 23 -3.92 -7.26 6.85
C GLN A 23 -3.76 -8.23 5.68
N ALA A 24 -4.75 -8.26 4.80
CA ALA A 24 -4.74 -9.18 3.66
C ALA A 24 -3.57 -8.89 2.74
N LEU A 25 -3.35 -7.61 2.47
CA LEU A 25 -2.24 -7.17 1.62
C LEU A 25 -0.90 -7.60 2.22
N LYS A 26 -0.77 -7.45 3.53
CA LYS A 26 0.45 -7.81 4.24
C LYS A 26 0.69 -9.31 4.16
N LYS A 27 -0.38 -10.08 4.40
CA LYS A 27 -0.31 -11.54 4.34
C LYS A 27 0.12 -12.01 2.96
N GLY A 28 -0.52 -11.45 1.93
CA GLY A 28 -0.20 -11.82 0.56
C GLY A 28 1.22 -11.49 0.17
N ALA A 29 1.67 -10.29 0.53
CA ALA A 29 3.02 -9.86 0.21
C ALA A 29 4.06 -10.74 0.89
N LYS A 30 3.79 -11.12 2.13
CA LYS A 30 4.67 -11.99 2.88
C LYS A 30 4.67 -13.40 2.28
N LYS A 31 3.49 -13.84 1.85
CA LYS A 31 3.34 -15.17 1.25
C LYS A 31 4.12 -15.27 -0.04
N MET A 32 4.13 -14.18 -0.79
CA MET A 32 4.86 -14.12 -2.05
C MET A 32 6.37 -14.00 -1.80
N GLY A 33 6.71 -13.54 -0.61
CA GLY A 33 8.11 -13.41 -0.23
C GLY A 33 8.70 -12.08 -0.61
N ASN A 34 8.05 -10.99 -0.21
CA ASN A 34 8.52 -9.65 -0.54
C ASN A 34 8.63 -8.81 0.74
N LEU A 35 9.02 -7.55 0.56
CA LEU A 35 9.11 -6.61 1.67
C LEU A 35 8.19 -5.43 1.42
N ILE A 36 7.13 -5.34 2.21
CA ILE A 36 6.12 -4.31 1.99
C ILE A 36 5.97 -3.44 3.24
N LYS A 37 5.74 -2.15 3.01
CA LYS A 37 5.49 -1.21 4.08
C LYS A 37 4.08 -0.67 3.95
N VAL A 38 3.16 -1.17 4.77
CA VAL A 38 1.77 -0.77 4.69
C VAL A 38 1.49 0.33 5.72
N GLU A 39 1.12 1.50 5.22
CA GLU A 39 0.80 2.63 6.08
C GLU A 39 -0.71 2.66 6.31
N THR A 40 -1.11 2.84 7.57
CA THR A 40 -2.51 2.82 7.92
C THR A 40 -2.93 4.15 8.53
N GLN A 41 -3.79 4.87 7.81
CA GLN A 41 -4.33 6.12 8.32
C GLN A 41 -5.77 5.92 8.79
N GLY A 42 -5.98 6.10 10.08
CA GLY A 42 -7.32 6.13 10.61
C GLY A 42 -7.97 7.47 10.36
N ALA A 43 -8.14 7.78 9.07
CA ALA A 43 -8.65 9.06 8.59
C ALA A 43 -7.58 10.14 8.70
N THR A 44 -7.30 10.58 9.91
CA THR A 44 -6.25 11.58 10.13
C THR A 44 -5.08 10.96 10.90
N GLY A 45 -5.40 10.03 11.79
CA GLY A 45 -4.37 9.42 12.62
C GLY A 45 -3.60 8.35 11.89
N ILE A 46 -2.33 8.63 11.63
CA ILE A 46 -1.47 7.67 10.95
C ILE A 46 -0.87 6.72 11.97
N GLU A 47 -1.13 5.42 11.79
CA GLU A 47 -0.71 4.43 12.77
C GLU A 47 0.62 3.78 12.40
N ASN A 48 1.00 3.92 11.14
CA ASN A 48 2.29 3.41 10.69
C ASN A 48 2.91 4.40 9.72
N GLU A 49 3.56 5.41 10.27
CA GLU A 49 4.10 6.50 9.45
C GLU A 49 5.37 6.07 8.74
N LEU A 50 5.29 5.96 7.43
CA LEU A 50 6.46 5.61 6.62
C LEU A 50 7.29 6.85 6.36
N THR A 51 8.52 6.84 6.85
CA THR A 51 9.41 7.98 6.70
C THR A 51 10.08 7.95 5.34
N GLU A 52 10.86 8.99 5.05
CA GLU A 52 11.59 9.08 3.79
C GLU A 52 12.43 7.83 3.56
N LYS A 53 13.03 7.34 4.63
CA LYS A 53 13.81 6.11 4.58
C LYS A 53 13.00 4.96 3.99
N ASP A 54 11.84 4.70 4.59
CA ASP A 54 11.02 3.56 4.20
C ASP A 54 10.47 3.74 2.79
N VAL A 55 10.11 4.97 2.49
CA VAL A 55 9.55 5.32 1.20
C VAL A 55 10.59 5.19 0.08
N ASN A 56 11.85 5.45 0.40
CA ASN A 56 12.91 5.30 -0.57
C ASN A 56 13.31 3.84 -0.72
N ILE A 57 13.01 3.03 0.30
CA ILE A 57 13.24 1.60 0.22
C ILE A 57 12.28 0.98 -0.79
N GLY A 58 10.98 1.18 -0.57
CA GLY A 58 10.00 0.63 -1.48
C GLY A 58 9.97 1.39 -2.79
N GLU A 59 9.90 0.68 -3.90
CA GLU A 59 9.91 1.32 -5.20
C GLU A 59 8.49 1.63 -5.67
N VAL A 60 7.58 0.67 -5.52
CA VAL A 60 6.20 0.87 -5.92
C VAL A 60 5.37 1.34 -4.74
N VAL A 61 4.54 2.33 -4.97
CA VAL A 61 3.64 2.84 -3.94
C VAL A 61 2.20 2.47 -4.26
N ILE A 62 1.64 1.57 -3.51
CA ILE A 62 0.25 1.18 -3.72
C ILE A 62 -0.67 2.04 -2.88
N PHE A 63 -1.67 2.62 -3.52
CA PHE A 63 -2.62 3.46 -2.83
C PHE A 63 -3.99 2.81 -2.82
N ALA A 64 -4.39 2.33 -1.66
CA ALA A 64 -5.73 1.80 -1.46
C ALA A 64 -6.43 2.64 -0.41
N VAL A 65 -7.12 3.68 -0.86
CA VAL A 65 -7.68 4.67 0.05
C VAL A 65 -9.05 5.14 -0.38
N ASP A 66 -9.84 5.57 0.60
CA ASP A 66 -11.10 6.24 0.33
C ASP A 66 -10.94 7.73 0.61
N THR A 67 -9.92 8.06 1.39
CA THR A 67 -9.69 9.43 1.80
C THR A 67 -8.27 9.87 1.44
N LYS A 68 -7.88 11.05 1.90
CA LYS A 68 -6.59 11.62 1.56
C LYS A 68 -5.46 11.00 2.39
N VAL A 69 -4.24 11.17 1.91
CA VAL A 69 -3.05 10.69 2.59
C VAL A 69 -2.20 11.89 3.01
N ARG A 70 -1.56 11.81 4.17
CA ARG A 70 -0.74 12.91 4.66
C ARG A 70 0.71 12.74 4.23
N ASN A 71 1.21 11.52 4.29
CA ASN A 71 2.60 11.24 3.93
C ASN A 71 2.78 11.16 2.43
N LYS A 72 1.67 11.24 1.70
CA LYS A 72 1.66 11.11 0.23
C LYS A 72 2.71 12.02 -0.42
N GLU A 73 3.10 13.09 0.28
CA GLU A 73 4.11 14.02 -0.21
C GLU A 73 5.38 13.31 -0.64
N ARG A 74 5.81 12.33 0.17
CA ARG A 74 7.05 11.61 -0.12
C ARG A 74 6.83 10.51 -1.16
N PHE A 75 5.61 9.99 -1.24
CA PHE A 75 5.27 8.96 -2.21
C PHE A 75 5.07 9.56 -3.60
N ASP A 76 4.63 10.82 -3.63
CA ASP A 76 4.37 11.51 -4.89
C ASP A 76 5.68 11.73 -5.66
N GLY A 77 5.68 11.34 -6.92
CA GLY A 77 6.88 11.42 -7.72
C GLY A 77 7.51 10.04 -7.91
N LYS A 78 7.00 9.08 -7.16
CA LYS A 78 7.43 7.70 -7.27
C LYS A 78 6.41 6.91 -8.08
N VAL A 79 6.70 5.66 -8.38
CA VAL A 79 5.81 4.86 -9.20
C VAL A 79 4.73 4.23 -8.33
N VAL A 80 3.47 4.53 -8.63
CA VAL A 80 2.38 4.14 -7.75
C VAL A 80 1.35 3.26 -8.43
N LEU A 81 0.59 2.55 -7.62
CA LEU A 81 -0.51 1.73 -8.09
C LEU A 81 -1.77 2.07 -7.28
N GLU A 82 -2.66 2.83 -7.90
CA GLU A 82 -3.84 3.33 -7.21
C GLU A 82 -5.04 2.41 -7.41
N VAL A 83 -5.60 1.91 -6.32
CA VAL A 83 -6.77 1.05 -6.36
C VAL A 83 -7.72 1.39 -5.21
N PRO A 84 -8.98 0.92 -5.28
CA PRO A 84 -9.94 1.05 -4.18
C PRO A 84 -9.46 0.30 -2.95
N VAL A 85 -9.81 0.80 -1.76
CA VAL A 85 -9.36 0.19 -0.51
C VAL A 85 -9.93 -1.22 -0.35
N SER A 86 -11.06 -1.48 -1.01
CA SER A 86 -11.70 -2.78 -0.97
C SER A 86 -10.95 -3.82 -1.82
N ALA A 87 -10.12 -3.34 -2.75
CA ALA A 87 -9.43 -4.22 -3.69
C ALA A 87 -8.46 -5.19 -3.02
N PRO A 88 -7.51 -4.71 -2.18
CA PRO A 88 -6.50 -5.58 -1.55
C PRO A 88 -7.11 -6.57 -0.55
N ILE A 89 -8.41 -6.47 -0.34
CA ILE A 89 -9.10 -7.39 0.55
C ILE A 89 -9.45 -8.68 -0.21
N LYS A 90 -9.97 -8.51 -1.43
CA LYS A 90 -10.41 -9.65 -2.22
C LYS A 90 -9.33 -10.09 -3.22
N ASP A 91 -8.51 -9.15 -3.65
CA ASP A 91 -7.53 -9.43 -4.71
C ASP A 91 -6.14 -8.93 -4.33
N ALA A 92 -5.74 -9.17 -3.08
CA ALA A 92 -4.44 -8.71 -2.58
C ALA A 92 -3.30 -9.13 -3.49
N GLU A 93 -3.23 -10.42 -3.81
CA GLU A 93 -2.17 -10.94 -4.68
C GLU A 93 -2.21 -10.27 -6.05
N LYS A 94 -3.42 -9.92 -6.48
CA LYS A 94 -3.60 -9.30 -7.79
C LYS A 94 -3.08 -7.87 -7.77
N VAL A 95 -3.32 -7.18 -6.65
CA VAL A 95 -2.84 -5.82 -6.45
C VAL A 95 -1.31 -5.80 -6.44
N ILE A 96 -0.72 -6.82 -5.82
CA ILE A 96 0.74 -6.96 -5.79
C ILE A 96 1.28 -7.15 -7.21
N ASN A 97 0.58 -7.97 -7.99
CA ASN A 97 0.95 -8.17 -9.40
C ASN A 97 0.81 -6.88 -10.18
N ALA A 98 -0.20 -6.09 -9.85
CA ALA A 98 -0.42 -4.79 -10.49
C ALA A 98 0.74 -3.85 -10.20
N ALA A 99 1.24 -3.88 -8.97
CA ALA A 99 2.39 -3.08 -8.59
C ALA A 99 3.60 -3.47 -9.43
N LEU A 100 3.76 -4.78 -9.63
CA LEU A 100 4.83 -5.30 -10.45
C LEU A 100 4.66 -4.89 -11.91
N ALA A 101 3.41 -4.70 -12.31
CA ALA A 101 3.11 -4.31 -13.69
C ALA A 101 3.52 -2.87 -13.97
N LEU A 102 3.70 -2.09 -12.92
CA LEU A 102 4.09 -0.68 -13.08
C LEU A 102 5.60 -0.54 -13.24
N ILE A 103 6.34 -1.54 -12.79
CA ILE A 103 7.80 -1.49 -12.84
C ILE A 103 8.38 -2.53 -13.79
N ASP A 104 7.63 -3.60 -14.04
CA ASP A 104 8.12 -4.71 -14.85
C ASP A 104 7.05 -5.17 -15.82
N GLU A 105 5.88 -5.49 -15.26
CA GLU A 105 4.71 -5.93 -16.03
C GLU A 105 4.91 -7.30 -16.66
N LYS A 106 4.32 -8.31 -16.05
CA LYS A 106 4.22 -9.62 -16.67
C LYS A 106 2.97 -10.33 -16.18
N MET A 1 11.14 -13.59 -4.65
CA MET A 1 11.64 -12.26 -5.08
C MET A 1 11.23 -11.19 -4.08
N LYS A 2 12.19 -10.74 -3.29
CA LYS A 2 11.92 -9.75 -2.27
C LYS A 2 11.88 -8.34 -2.84
N ARG A 3 10.74 -7.99 -3.42
CA ARG A 3 10.54 -6.65 -3.94
C ARG A 3 10.07 -5.74 -2.81
N LYS A 4 10.66 -4.57 -2.71
CA LYS A 4 10.32 -3.65 -1.62
C LYS A 4 9.23 -2.69 -2.05
N ILE A 5 8.10 -2.78 -1.38
CA ILE A 5 6.90 -2.02 -1.74
C ILE A 5 6.35 -1.29 -0.51
N ILE A 6 5.90 -0.06 -0.70
CA ILE A 6 5.21 0.66 0.36
C ILE A 6 3.76 0.89 -0.03
N ALA A 7 2.85 0.69 0.91
CA ALA A 7 1.43 0.79 0.63
C ALA A 7 0.70 1.51 1.74
N VAL A 8 -0.12 2.47 1.37
CA VAL A 8 -0.90 3.22 2.34
C VAL A 8 -2.37 2.84 2.26
N THR A 9 -2.88 2.26 3.34
CA THR A 9 -4.29 1.94 3.44
C THR A 9 -5.00 2.99 4.30
N ALA A 10 -5.89 3.75 3.69
CA ALA A 10 -6.58 4.82 4.39
C ALA A 10 -8.07 4.84 4.05
N CYS A 11 -8.88 4.45 5.01
CA CYS A 11 -10.31 4.39 4.80
C CYS A 11 -11.04 5.33 5.77
N ALA A 12 -11.90 6.18 5.22
CA ALA A 12 -12.69 7.09 6.04
C ALA A 12 -14.13 6.61 6.13
N THR A 13 -14.46 5.63 5.31
CA THR A 13 -15.80 5.08 5.28
C THR A 13 -15.98 4.01 6.36
N GLY A 14 -15.06 3.06 6.38
CA GLY A 14 -15.09 2.00 7.36
C GLY A 14 -13.73 1.74 7.96
N VAL A 15 -13.56 2.12 9.21
CA VAL A 15 -12.27 1.97 9.90
C VAL A 15 -11.81 0.51 9.89
N ALA A 16 -12.77 -0.41 9.92
CA ALA A 16 -12.47 -1.83 9.83
C ALA A 16 -11.70 -2.15 8.54
N HIS A 17 -12.05 -1.45 7.46
CA HIS A 17 -11.41 -1.68 6.17
C HIS A 17 -9.94 -1.30 6.21
N THR A 18 -9.60 -0.28 6.99
CA THR A 18 -8.22 0.17 7.12
C THR A 18 -7.31 -0.97 7.59
N TYR A 19 -7.71 -1.60 8.69
CA TYR A 19 -6.93 -2.70 9.25
C TYR A 19 -7.12 -3.97 8.43
N MET A 20 -8.31 -4.14 7.88
CA MET A 20 -8.62 -5.30 7.06
C MET A 20 -7.74 -5.34 5.81
N ALA A 21 -7.67 -4.20 5.12
CA ALA A 21 -6.90 -4.11 3.88
C ALA A 21 -5.42 -4.30 4.15
N ALA A 22 -4.90 -3.60 5.15
CA ALA A 22 -3.49 -3.67 5.48
C ALA A 22 -3.05 -5.09 5.80
N GLN A 23 -3.88 -5.81 6.56
CA GLN A 23 -3.57 -7.18 6.94
C GLN A 23 -3.67 -8.12 5.74
N ALA A 24 -4.76 -8.01 4.99
CA ALA A 24 -4.98 -8.89 3.84
C ALA A 24 -3.94 -8.65 2.75
N LEU A 25 -3.66 -7.38 2.50
CA LEU A 25 -2.65 -6.98 1.53
C LEU A 25 -1.27 -7.53 1.93
N LYS A 26 -0.90 -7.31 3.19
CA LYS A 26 0.39 -7.75 3.69
C LYS A 26 0.47 -9.28 3.75
N LYS A 27 -0.68 -9.91 3.96
CA LYS A 27 -0.76 -11.36 3.99
C LYS A 27 -0.37 -11.93 2.63
N GLY A 28 -0.95 -11.36 1.57
CA GLY A 28 -0.62 -11.76 0.22
C GLY A 28 0.82 -11.43 -0.13
N ALA A 29 1.27 -10.25 0.29
CA ALA A 29 2.62 -9.80 0.02
C ALA A 29 3.65 -10.71 0.66
N LYS A 30 3.44 -11.03 1.93
CA LYS A 30 4.33 -11.91 2.66
C LYS A 30 4.30 -13.31 2.05
N LYS A 31 3.14 -13.68 1.53
CA LYS A 31 2.95 -14.98 0.90
C LYS A 31 3.76 -15.06 -0.39
N MET A 32 3.95 -13.92 -1.04
CA MET A 32 4.69 -13.88 -2.30
C MET A 32 6.19 -13.87 -2.04
N GLY A 33 6.59 -13.34 -0.89
CA GLY A 33 7.99 -13.33 -0.52
C GLY A 33 8.65 -11.99 -0.73
N ASN A 34 7.83 -10.95 -0.83
CA ASN A 34 8.33 -9.60 -1.02
C ASN A 34 8.21 -8.80 0.28
N LEU A 35 8.85 -7.65 0.31
CA LEU A 35 8.86 -6.79 1.49
C LEU A 35 7.86 -5.67 1.30
N ILE A 36 7.01 -5.45 2.28
CA ILE A 36 5.98 -4.43 2.16
C ILE A 36 5.83 -3.62 3.44
N LYS A 37 5.66 -2.33 3.28
CA LYS A 37 5.45 -1.42 4.39
C LYS A 37 4.05 -0.81 4.28
N VAL A 38 3.12 -1.30 5.09
CA VAL A 38 1.75 -0.80 5.05
C VAL A 38 1.53 0.28 6.10
N GLU A 39 0.97 1.39 5.66
CA GLU A 39 0.62 2.48 6.54
C GLU A 39 -0.89 2.48 6.79
N THR A 40 -1.27 2.70 8.04
CA THR A 40 -2.67 2.73 8.42
C THR A 40 -3.12 4.17 8.68
N GLN A 41 -3.97 4.69 7.81
CA GLN A 41 -4.47 6.05 7.94
C GLN A 41 -5.99 6.05 7.78
N GLY A 42 -6.63 7.13 8.20
CA GLY A 42 -8.07 7.20 8.07
C GLY A 42 -8.55 8.63 7.94
N ALA A 43 -8.49 9.36 9.04
CA ALA A 43 -8.88 10.76 9.06
C ALA A 43 -8.19 11.46 10.23
N THR A 44 -7.42 12.50 9.92
CA THR A 44 -6.68 13.28 10.92
C THR A 44 -5.82 12.38 11.82
N GLY A 45 -5.41 11.23 11.29
CA GLY A 45 -4.67 10.28 12.10
C GLY A 45 -3.90 9.28 11.26
N ILE A 46 -2.58 9.31 11.42
CA ILE A 46 -1.70 8.34 10.77
C ILE A 46 -1.10 7.43 11.84
N GLU A 47 -1.23 6.12 11.63
CA GLU A 47 -0.78 5.17 12.64
C GLU A 47 0.67 4.76 12.40
N ASN A 48 0.93 4.13 11.26
CA ASN A 48 2.26 3.60 10.97
C ASN A 48 3.26 4.73 10.70
N GLU A 49 2.84 5.69 9.87
CA GLU A 49 3.67 6.83 9.50
C GLU A 49 4.93 6.37 8.76
N LEU A 50 4.82 6.25 7.45
CA LEU A 50 5.93 5.77 6.62
C LEU A 50 7.09 6.76 6.64
N THR A 51 8.18 6.33 7.28
CA THR A 51 9.36 7.16 7.41
C THR A 51 10.14 7.24 6.10
N GLU A 52 10.92 8.31 5.96
CA GLU A 52 11.67 8.57 4.73
C GLU A 52 12.51 7.38 4.29
N LYS A 53 13.12 6.70 5.26
CA LYS A 53 13.90 5.50 4.96
C LYS A 53 13.07 4.49 4.18
N ASP A 54 11.93 4.11 4.74
CA ASP A 54 11.06 3.11 4.13
C ASP A 54 10.54 3.59 2.78
N VAL A 55 10.32 4.89 2.68
CA VAL A 55 9.85 5.51 1.45
C VAL A 55 10.88 5.34 0.33
N ASN A 56 12.15 5.49 0.67
CA ASN A 56 13.22 5.35 -0.30
C ASN A 56 13.57 3.87 -0.51
N ILE A 57 13.18 3.03 0.44
CA ILE A 57 13.34 1.59 0.30
C ILE A 57 12.33 1.08 -0.71
N GLY A 58 11.05 1.22 -0.39
CA GLY A 58 9.99 0.81 -1.28
C GLY A 58 10.10 1.45 -2.65
N GLU A 59 10.10 0.63 -3.68
CA GLU A 59 10.27 1.12 -5.04
C GLU A 59 8.93 1.55 -5.61
N VAL A 60 7.99 0.62 -5.66
CA VAL A 60 6.64 0.93 -6.10
C VAL A 60 5.75 1.20 -4.90
N VAL A 61 4.80 2.10 -5.08
CA VAL A 61 3.89 2.49 -4.01
C VAL A 61 2.48 2.02 -4.35
N ILE A 62 1.75 1.54 -3.36
CA ILE A 62 0.37 1.14 -3.56
C ILE A 62 -0.54 1.97 -2.66
N PHE A 63 -1.59 2.51 -3.25
CA PHE A 63 -2.55 3.30 -2.50
C PHE A 63 -3.91 2.65 -2.51
N ALA A 64 -4.32 2.16 -1.36
CA ALA A 64 -5.65 1.59 -1.20
C ALA A 64 -6.43 2.45 -0.23
N VAL A 65 -7.14 3.43 -0.77
CA VAL A 65 -7.75 4.46 0.05
C VAL A 65 -9.11 4.88 -0.48
N ASP A 66 -9.93 5.42 0.42
CA ASP A 66 -11.16 6.09 0.05
C ASP A 66 -10.95 7.58 0.09
N THR A 67 -10.16 8.01 1.06
CA THR A 67 -9.91 9.42 1.31
C THR A 67 -8.51 9.80 0.86
N LYS A 68 -8.10 11.02 1.18
CA LYS A 68 -6.78 11.51 0.80
C LYS A 68 -5.70 10.95 1.72
N VAL A 69 -4.47 10.94 1.23
CA VAL A 69 -3.32 10.55 2.04
C VAL A 69 -2.40 11.74 2.23
N ARG A 70 -1.95 11.96 3.46
CA ARG A 70 -0.97 13.02 3.72
C ARG A 70 0.38 12.69 3.09
N ASN A 71 0.90 11.52 3.44
CA ASN A 71 2.26 11.15 3.09
C ASN A 71 2.43 10.84 1.61
N LYS A 72 1.33 10.82 0.87
CA LYS A 72 1.39 10.60 -0.58
C LYS A 72 2.32 11.61 -1.24
N GLU A 73 2.51 12.74 -0.57
CA GLU A 73 3.42 13.80 -1.02
C GLU A 73 4.79 13.26 -1.44
N ARG A 74 5.35 12.35 -0.65
CA ARG A 74 6.68 11.82 -0.91
C ARG A 74 6.64 10.72 -1.96
N PHE A 75 5.51 10.04 -2.05
CA PHE A 75 5.31 8.98 -3.03
C PHE A 75 4.87 9.57 -4.37
N ASP A 76 4.49 10.84 -4.33
CA ASP A 76 3.97 11.52 -5.51
C ASP A 76 5.04 11.63 -6.60
N GLY A 77 6.29 11.75 -6.18
CA GLY A 77 7.39 11.78 -7.12
C GLY A 77 7.93 10.39 -7.42
N LYS A 78 7.22 9.38 -6.96
CA LYS A 78 7.61 8.00 -7.17
C LYS A 78 6.56 7.29 -8.02
N VAL A 79 6.70 5.99 -8.21
CA VAL A 79 5.77 5.23 -9.03
C VAL A 79 4.73 4.55 -8.15
N VAL A 80 3.47 4.90 -8.34
CA VAL A 80 2.40 4.39 -7.48
C VAL A 80 1.33 3.64 -8.29
N LEU A 81 0.62 2.77 -7.60
CA LEU A 81 -0.52 2.06 -8.16
C LEU A 81 -1.72 2.29 -7.24
N GLU A 82 -2.70 3.03 -7.73
CA GLU A 82 -3.84 3.42 -6.92
C GLU A 82 -5.01 2.46 -7.13
N VAL A 83 -5.60 2.01 -6.02
CA VAL A 83 -6.75 1.12 -6.05
C VAL A 83 -7.71 1.48 -4.92
N PRO A 84 -8.98 1.00 -4.99
CA PRO A 84 -9.92 1.13 -3.89
C PRO A 84 -9.45 0.35 -2.66
N VAL A 85 -9.87 0.77 -1.47
CA VAL A 85 -9.42 0.13 -0.24
C VAL A 85 -9.92 -1.32 -0.15
N SER A 86 -11.03 -1.59 -0.83
CA SER A 86 -11.61 -2.92 -0.85
C SER A 86 -10.80 -3.88 -1.73
N ALA A 87 -10.02 -3.31 -2.64
CA ALA A 87 -9.29 -4.08 -3.65
C ALA A 87 -8.25 -5.03 -3.03
N PRO A 88 -7.30 -4.54 -2.20
CA PRO A 88 -6.24 -5.38 -1.64
C PRO A 88 -6.76 -6.38 -0.60
N ILE A 89 -8.03 -6.25 -0.24
CA ILE A 89 -8.65 -7.20 0.67
C ILE A 89 -8.99 -8.49 -0.07
N LYS A 90 -9.53 -8.33 -1.27
CA LYS A 90 -9.94 -9.46 -2.09
C LYS A 90 -8.87 -9.84 -3.11
N ASP A 91 -8.29 -8.83 -3.75
CA ASP A 91 -7.41 -9.05 -4.89
C ASP A 91 -5.99 -8.61 -4.60
N ALA A 92 -5.51 -8.90 -3.39
CA ALA A 92 -4.15 -8.57 -3.00
C ALA A 92 -3.13 -9.19 -3.97
N GLU A 93 -3.40 -10.40 -4.41
CA GLU A 93 -2.55 -11.07 -5.38
C GLU A 93 -2.47 -10.27 -6.67
N LYS A 94 -3.61 -9.71 -7.07
CA LYS A 94 -3.71 -8.97 -8.33
C LYS A 94 -3.03 -7.62 -8.21
N VAL A 95 -3.24 -6.97 -7.07
CA VAL A 95 -2.67 -5.65 -6.83
C VAL A 95 -1.15 -5.73 -6.77
N ILE A 96 -0.66 -6.78 -6.14
CA ILE A 96 0.77 -7.07 -6.08
C ILE A 96 1.34 -7.22 -7.49
N ASN A 97 0.70 -8.07 -8.29
CA ASN A 97 1.14 -8.31 -9.65
C ASN A 97 1.09 -7.03 -10.49
N ALA A 98 0.09 -6.20 -10.23
CA ALA A 98 -0.07 -4.95 -10.95
C ALA A 98 1.06 -3.98 -10.62
N ALA A 99 1.52 -4.00 -9.37
CA ALA A 99 2.61 -3.14 -8.93
C ALA A 99 3.90 -3.48 -9.67
N LEU A 100 4.18 -4.78 -9.79
CA LEU A 100 5.35 -5.24 -10.51
C LEU A 100 5.27 -4.88 -11.99
N ALA A 101 4.05 -4.82 -12.51
CA ALA A 101 3.84 -4.50 -13.92
C ALA A 101 4.27 -3.08 -14.24
N LEU A 102 4.41 -2.25 -13.22
CA LEU A 102 4.80 -0.86 -13.42
C LEU A 102 6.28 -0.73 -13.75
N ILE A 103 7.08 -1.69 -13.30
CA ILE A 103 8.53 -1.61 -13.48
C ILE A 103 9.12 -2.89 -14.09
N ASP A 104 8.77 -4.03 -13.54
CA ASP A 104 9.39 -5.30 -13.95
C ASP A 104 8.58 -6.03 -14.99
N GLU A 105 7.33 -6.32 -14.66
CA GLU A 105 6.48 -7.14 -15.54
C GLU A 105 6.09 -6.37 -16.79
N LYS A 106 6.01 -5.05 -16.66
CA LYS A 106 5.75 -4.15 -17.79
C LYS A 106 4.38 -4.46 -18.41
N MET A 1 8.86 -11.58 -5.42
CA MET A 1 9.77 -12.01 -4.34
C MET A 1 10.46 -10.80 -3.71
N LYS A 2 11.58 -11.03 -3.02
CA LYS A 2 12.26 -10.00 -2.23
C LYS A 2 12.32 -8.64 -2.90
N ARG A 3 11.38 -7.77 -2.52
CA ARG A 3 11.40 -6.39 -2.96
C ARG A 3 10.65 -5.52 -1.96
N LYS A 4 11.13 -4.30 -1.75
CA LYS A 4 10.46 -3.36 -0.88
C LYS A 4 9.29 -2.70 -1.58
N ILE A 5 8.11 -2.86 -1.00
CA ILE A 5 6.90 -2.23 -1.50
C ILE A 5 6.23 -1.47 -0.38
N ILE A 6 5.82 -0.25 -0.66
CA ILE A 6 5.12 0.56 0.33
C ILE A 6 3.67 0.76 -0.09
N ALA A 7 2.76 0.56 0.84
CA ALA A 7 1.34 0.63 0.54
C ALA A 7 0.60 1.39 1.62
N VAL A 8 -0.19 2.37 1.22
CA VAL A 8 -0.97 3.15 2.16
C VAL A 8 -2.45 2.80 2.06
N THR A 9 -3.05 2.54 3.21
CA THR A 9 -4.48 2.29 3.30
C THR A 9 -5.14 3.39 4.11
N ALA A 10 -6.01 4.16 3.47
CA ALA A 10 -6.64 5.29 4.14
C ALA A 10 -8.11 5.40 3.77
N CYS A 11 -8.97 5.05 4.71
CA CYS A 11 -10.40 5.14 4.50
C CYS A 11 -11.10 5.46 5.81
N ALA A 12 -11.91 6.51 5.80
CA ALA A 12 -12.62 6.93 7.00
C ALA A 12 -14.12 6.65 6.88
N THR A 13 -14.58 6.45 5.65
CA THR A 13 -15.98 6.15 5.42
C THR A 13 -16.27 4.69 5.77
N GLY A 14 -15.37 3.81 5.38
CA GLY A 14 -15.49 2.41 5.69
C GLY A 14 -14.25 1.89 6.38
N VAL A 15 -14.13 2.15 7.66
CA VAL A 15 -12.94 1.82 8.44
C VAL A 15 -12.66 0.31 8.43
N ALA A 16 -13.71 -0.50 8.31
CA ALA A 16 -13.56 -1.95 8.28
C ALA A 16 -12.82 -2.39 7.02
N HIS A 17 -12.95 -1.60 5.97
CA HIS A 17 -12.30 -1.89 4.70
C HIS A 17 -10.80 -1.59 4.82
N THR A 18 -10.50 -0.50 5.52
CA THR A 18 -9.14 -0.04 5.71
C THR A 18 -8.29 -1.10 6.42
N TYR A 19 -8.72 -1.48 7.62
CA TYR A 19 -7.95 -2.41 8.45
C TYR A 19 -7.87 -3.79 7.82
N MET A 20 -8.88 -4.13 7.02
CA MET A 20 -8.86 -5.40 6.30
C MET A 20 -7.75 -5.41 5.26
N ALA A 21 -7.82 -4.46 4.34
CA ALA A 21 -6.86 -4.38 3.24
C ALA A 21 -5.44 -4.23 3.78
N ALA A 22 -5.28 -3.43 4.83
CA ALA A 22 -3.99 -3.20 5.46
C ALA A 22 -3.31 -4.52 5.84
N GLN A 23 -4.00 -5.32 6.64
CA GLN A 23 -3.44 -6.58 7.11
C GLN A 23 -3.39 -7.62 5.99
N ALA A 24 -4.37 -7.57 5.09
CA ALA A 24 -4.41 -8.48 3.95
C ALA A 24 -3.16 -8.32 3.09
N LEU A 25 -2.79 -7.07 2.86
CA LEU A 25 -1.55 -6.76 2.15
C LEU A 25 -0.34 -7.30 2.88
N LYS A 26 -0.31 -7.10 4.20
CA LYS A 26 0.81 -7.55 5.02
C LYS A 26 0.94 -9.08 4.98
N LYS A 27 -0.20 -9.76 4.94
CA LYS A 27 -0.21 -11.22 4.84
C LYS A 27 0.26 -11.67 3.47
N GLY A 28 -0.37 -11.11 2.44
CA GLY A 28 -0.03 -11.47 1.06
C GLY A 28 1.42 -11.19 0.72
N ALA A 29 2.06 -10.32 1.51
CA ALA A 29 3.46 -10.01 1.32
C ALA A 29 4.32 -11.28 1.35
N LYS A 30 4.10 -12.12 2.35
CA LYS A 30 4.89 -13.34 2.51
C LYS A 30 4.54 -14.34 1.41
N LYS A 31 3.32 -14.25 0.91
CA LYS A 31 2.84 -15.14 -0.14
C LYS A 31 3.53 -14.81 -1.46
N MET A 32 3.88 -13.54 -1.63
CA MET A 32 4.61 -13.09 -2.81
C MET A 32 6.12 -13.12 -2.53
N GLY A 33 6.47 -13.23 -1.26
CA GLY A 33 7.86 -13.36 -0.86
C GLY A 33 8.59 -12.03 -0.83
N ASN A 34 7.83 -10.95 -0.73
CA ASN A 34 8.41 -9.61 -0.72
C ASN A 34 8.17 -8.92 0.61
N LEU A 35 8.79 -7.76 0.79
CA LEU A 35 8.70 -7.02 2.04
C LEU A 35 7.87 -5.75 1.85
N ILE A 36 6.67 -5.74 2.39
CA ILE A 36 5.77 -4.62 2.21
C ILE A 36 5.67 -3.82 3.51
N LYS A 37 5.57 -2.51 3.35
CA LYS A 37 5.35 -1.61 4.47
C LYS A 37 4.01 -0.92 4.30
N VAL A 38 3.03 -1.37 5.08
CA VAL A 38 1.68 -0.84 4.95
C VAL A 38 1.41 0.25 5.97
N GLU A 39 0.95 1.40 5.46
CA GLU A 39 0.54 2.51 6.29
C GLU A 39 -0.97 2.54 6.36
N THR A 40 -1.52 2.99 7.47
CA THR A 40 -2.96 3.06 7.63
C THR A 40 -3.38 4.40 8.23
N GLN A 41 -4.21 5.12 7.49
CA GLN A 41 -4.76 6.38 7.97
C GLN A 41 -6.27 6.32 7.99
N GLY A 42 -6.87 7.02 8.93
CA GLY A 42 -8.30 7.22 8.90
C GLY A 42 -8.63 8.53 8.23
N ALA A 43 -8.28 9.61 8.90
CA ALA A 43 -8.42 10.95 8.34
C ALA A 43 -7.25 11.82 8.80
N THR A 44 -7.00 11.80 10.10
CA THR A 44 -5.88 12.53 10.68
C THR A 44 -4.93 11.55 11.38
N GLY A 45 -5.48 10.44 11.86
CA GLY A 45 -4.70 9.49 12.62
C GLY A 45 -4.00 8.48 11.74
N ILE A 46 -2.71 8.31 11.97
CA ILE A 46 -1.91 7.35 11.24
C ILE A 46 -1.53 6.19 12.17
N GLU A 47 -1.76 4.96 11.74
CA GLU A 47 -1.45 3.80 12.56
C GLU A 47 0.01 3.37 12.36
N ASN A 48 0.53 3.56 11.17
CA ASN A 48 1.90 3.14 10.87
C ASN A 48 2.53 4.09 9.87
N GLU A 49 3.26 5.07 10.37
CA GLU A 49 3.88 6.08 9.51
C GLU A 49 5.01 5.47 8.67
N LEU A 50 4.96 5.69 7.37
CA LEU A 50 6.02 5.25 6.47
C LEU A 50 7.10 6.32 6.38
N THR A 51 8.35 5.89 6.43
CA THR A 51 9.47 6.83 6.38
C THR A 51 9.92 7.06 4.94
N GLU A 52 10.60 8.17 4.70
CA GLU A 52 11.11 8.49 3.37
C GLU A 52 12.06 7.41 2.88
N LYS A 53 12.83 6.82 3.80
CA LYS A 53 13.75 5.75 3.44
C LYS A 53 12.99 4.48 3.03
N ASP A 54 11.85 4.24 3.65
CA ASP A 54 10.98 3.12 3.25
C ASP A 54 10.47 3.36 1.84
N VAL A 55 10.06 4.60 1.60
CA VAL A 55 9.46 4.98 0.32
C VAL A 55 10.51 5.02 -0.79
N ASN A 56 11.74 5.34 -0.42
CA ASN A 56 12.85 5.42 -1.39
C ASN A 56 13.32 4.03 -1.81
N ILE A 57 13.55 3.16 -0.84
CA ILE A 57 14.02 1.82 -1.13
C ILE A 57 12.93 0.99 -1.80
N GLY A 58 11.69 1.31 -1.49
CA GLY A 58 10.57 0.71 -2.19
C GLY A 58 10.54 1.10 -3.64
N GLU A 59 10.20 0.14 -4.51
CA GLU A 59 10.17 0.39 -5.93
C GLU A 59 8.82 0.95 -6.35
N VAL A 60 7.77 0.32 -5.86
CA VAL A 60 6.41 0.69 -6.23
C VAL A 60 5.57 0.98 -4.99
N VAL A 61 4.63 1.89 -5.15
CA VAL A 61 3.74 2.27 -4.07
C VAL A 61 2.31 1.83 -4.37
N ILE A 62 1.60 1.37 -3.36
CA ILE A 62 0.20 1.02 -3.51
C ILE A 62 -0.66 1.98 -2.69
N PHE A 63 -1.70 2.50 -3.32
CA PHE A 63 -2.63 3.37 -2.63
C PHE A 63 -4.03 2.79 -2.63
N ALA A 64 -4.44 2.26 -1.51
CA ALA A 64 -5.80 1.81 -1.34
C ALA A 64 -6.51 2.78 -0.39
N VAL A 65 -7.12 3.80 -0.96
CA VAL A 65 -7.63 4.90 -0.17
C VAL A 65 -9.03 5.33 -0.59
N ASP A 66 -9.71 5.96 0.35
CA ASP A 66 -10.98 6.64 0.12
C ASP A 66 -10.87 8.06 0.66
N THR A 67 -10.03 8.22 1.67
CA THR A 67 -9.82 9.52 2.28
C THR A 67 -8.40 10.03 2.02
N LYS A 68 -8.01 11.06 2.76
CA LYS A 68 -6.75 11.75 2.54
C LYS A 68 -5.59 11.10 3.29
N VAL A 69 -4.48 10.96 2.60
CA VAL A 69 -3.23 10.47 3.19
C VAL A 69 -2.18 11.58 3.14
N ARG A 70 -1.55 11.85 4.28
CA ARG A 70 -0.69 13.02 4.41
C ARG A 70 0.71 12.70 3.93
N ASN A 71 1.07 11.43 3.97
CA ASN A 71 2.40 11.00 3.55
C ASN A 71 2.47 10.84 2.05
N LYS A 72 1.32 10.99 1.37
CA LYS A 72 1.25 10.87 -0.09
C LYS A 72 2.33 11.71 -0.76
N GLU A 73 2.73 12.80 -0.10
CA GLU A 73 3.80 13.67 -0.60
C GLU A 73 5.06 12.89 -0.92
N ARG A 74 5.38 11.90 -0.09
CA ARG A 74 6.56 11.07 -0.29
C ARG A 74 6.47 10.32 -1.61
N PHE A 75 5.31 9.73 -1.84
CA PHE A 75 5.11 8.87 -2.99
C PHE A 75 4.76 9.70 -4.23
N ASP A 76 4.70 11.01 -4.06
CA ASP A 76 4.36 11.94 -5.13
C ASP A 76 5.37 11.84 -6.28
N GLY A 77 6.64 11.85 -5.93
CA GLY A 77 7.69 11.73 -6.93
C GLY A 77 8.06 10.29 -7.22
N LYS A 78 7.34 9.35 -6.62
CA LYS A 78 7.61 7.94 -6.83
C LYS A 78 6.53 7.31 -7.72
N VAL A 79 6.64 6.00 -7.92
CA VAL A 79 5.71 5.29 -8.80
C VAL A 79 4.65 4.57 -7.97
N VAL A 80 3.39 4.95 -8.17
CA VAL A 80 2.33 4.41 -7.34
C VAL A 80 1.23 3.75 -8.19
N LEU A 81 0.57 2.78 -7.60
CA LEU A 81 -0.60 2.16 -8.19
C LEU A 81 -1.77 2.37 -7.23
N GLU A 82 -2.68 3.27 -7.60
CA GLU A 82 -3.78 3.65 -6.72
C GLU A 82 -5.05 2.91 -7.10
N VAL A 83 -5.71 2.35 -6.09
CA VAL A 83 -6.94 1.57 -6.28
C VAL A 83 -7.91 1.84 -5.13
N PRO A 84 -9.18 1.41 -5.28
CA PRO A 84 -10.16 1.47 -4.19
C PRO A 84 -9.70 0.65 -2.99
N VAL A 85 -10.06 1.10 -1.80
CA VAL A 85 -9.57 0.48 -0.57
C VAL A 85 -10.01 -0.98 -0.42
N SER A 86 -11.18 -1.30 -0.94
CA SER A 86 -11.71 -2.65 -0.83
C SER A 86 -11.01 -3.64 -1.77
N ALA A 87 -10.34 -3.12 -2.80
CA ALA A 87 -9.72 -3.95 -3.82
C ALA A 87 -8.69 -4.95 -3.24
N PRO A 88 -7.69 -4.48 -2.47
CA PRO A 88 -6.64 -5.35 -1.93
C PRO A 88 -7.13 -6.27 -0.81
N ILE A 89 -8.43 -6.24 -0.52
CA ILE A 89 -8.99 -7.10 0.51
C ILE A 89 -8.94 -8.56 0.06
N LYS A 90 -9.43 -8.83 -1.14
CA LYS A 90 -9.39 -10.18 -1.69
C LYS A 90 -8.17 -10.37 -2.59
N ASP A 91 -7.83 -9.33 -3.33
CA ASP A 91 -6.82 -9.42 -4.38
C ASP A 91 -5.51 -8.77 -3.96
N ALA A 92 -5.10 -8.99 -2.72
CA ALA A 92 -3.87 -8.42 -2.21
C ALA A 92 -2.65 -8.86 -3.02
N GLU A 93 -2.59 -10.15 -3.35
CA GLU A 93 -1.48 -10.65 -4.16
C GLU A 93 -1.58 -10.09 -5.58
N LYS A 94 -2.80 -9.85 -6.02
CA LYS A 94 -3.06 -9.37 -7.37
C LYS A 94 -2.65 -7.91 -7.48
N VAL A 95 -2.98 -7.15 -6.45
CA VAL A 95 -2.66 -5.72 -6.39
C VAL A 95 -1.15 -5.52 -6.36
N ILE A 96 -0.47 -6.40 -5.65
CA ILE A 96 0.98 -6.41 -5.60
C ILE A 96 1.55 -6.67 -7.00
N ASN A 97 1.00 -7.67 -7.69
CA ASN A 97 1.41 -7.99 -9.05
C ASN A 97 1.15 -6.82 -9.98
N ALA A 98 0.03 -6.14 -9.77
CA ALA A 98 -0.33 -4.97 -10.55
C ALA A 98 0.72 -3.86 -10.38
N ALA A 99 1.20 -3.70 -9.15
CA ALA A 99 2.26 -2.74 -8.87
C ALA A 99 3.56 -3.16 -9.52
N LEU A 100 3.90 -4.43 -9.38
CA LEU A 100 5.10 -4.99 -9.98
C LEU A 100 5.07 -4.82 -11.51
N ALA A 101 3.87 -4.76 -12.06
CA ALA A 101 3.68 -4.56 -13.49
C ALA A 101 4.20 -3.19 -13.94
N LEU A 102 4.29 -2.25 -13.00
CA LEU A 102 4.78 -0.90 -13.31
C LEU A 102 6.30 -0.88 -13.45
N ILE A 103 6.98 -1.90 -12.95
CA ILE A 103 8.44 -1.93 -13.00
C ILE A 103 8.96 -3.09 -13.85
N ASP A 104 8.22 -4.20 -13.88
CA ASP A 104 8.67 -5.37 -14.64
C ASP A 104 7.53 -6.00 -15.41
N GLU A 105 6.37 -6.08 -14.79
CA GLU A 105 5.18 -6.68 -15.40
C GLU A 105 5.43 -8.17 -15.65
N LYS A 106 5.48 -8.93 -14.57
CA LYS A 106 5.73 -10.36 -14.62
C LYS A 106 5.70 -10.93 -13.20
N MET A 1 13.96 -10.58 -5.83
CA MET A 1 13.54 -11.54 -4.78
C MET A 1 12.43 -10.95 -3.92
N LYS A 2 12.80 -9.95 -3.14
CA LYS A 2 11.84 -9.28 -2.26
C LYS A 2 11.65 -7.85 -2.72
N ARG A 3 10.59 -7.61 -3.47
CA ARG A 3 10.29 -6.27 -3.95
C ARG A 3 10.00 -5.34 -2.77
N LYS A 4 10.58 -4.16 -2.81
CA LYS A 4 10.38 -3.18 -1.77
C LYS A 4 9.08 -2.43 -2.03
N ILE A 5 8.08 -2.68 -1.19
CA ILE A 5 6.77 -2.08 -1.37
C ILE A 5 6.40 -1.17 -0.22
N ILE A 6 5.95 0.03 -0.54
CA ILE A 6 5.36 0.91 0.46
C ILE A 6 3.89 1.14 0.09
N ALA A 7 3.00 0.85 1.02
CA ALA A 7 1.58 0.92 0.73
C ALA A 7 0.85 1.69 1.82
N VAL A 8 -0.10 2.51 1.41
CA VAL A 8 -0.89 3.28 2.36
C VAL A 8 -2.36 2.91 2.25
N THR A 9 -2.94 2.54 3.37
CA THR A 9 -4.37 2.30 3.43
C THR A 9 -5.04 3.44 4.18
N ALA A 10 -6.11 3.98 3.62
CA ALA A 10 -6.78 5.13 4.23
C ALA A 10 -8.27 5.07 3.99
N CYS A 11 -9.02 4.87 5.06
CA CYS A 11 -10.46 4.83 4.97
C CYS A 11 -11.08 5.27 6.29
N ALA A 12 -11.99 6.23 6.20
CA ALA A 12 -12.64 6.77 7.39
C ALA A 12 -14.06 6.21 7.52
N THR A 13 -14.60 5.75 6.41
CA THR A 13 -15.92 5.14 6.40
C THR A 13 -15.81 3.63 6.52
N GLY A 14 -16.22 3.10 7.66
CA GLY A 14 -15.98 1.71 7.94
C GLY A 14 -14.51 1.48 8.21
N VAL A 15 -14.06 1.96 9.36
CA VAL A 15 -12.65 1.92 9.76
C VAL A 15 -12.04 0.51 9.64
N ALA A 16 -12.88 -0.51 9.70
CA ALA A 16 -12.43 -1.89 9.55
C ALA A 16 -11.76 -2.11 8.19
N HIS A 17 -12.14 -1.29 7.21
CA HIS A 17 -11.57 -1.36 5.87
C HIS A 17 -10.06 -1.17 5.92
N THR A 18 -9.65 -0.10 6.59
CA THR A 18 -8.26 0.27 6.67
C THR A 18 -7.43 -0.82 7.35
N TYR A 19 -8.07 -1.61 8.21
CA TYR A 19 -7.38 -2.64 8.94
C TYR A 19 -7.40 -3.95 8.18
N MET A 20 -8.56 -4.30 7.63
CA MET A 20 -8.70 -5.53 6.87
C MET A 20 -7.83 -5.47 5.62
N ALA A 21 -7.82 -4.32 4.96
CA ALA A 21 -7.01 -4.14 3.77
C ALA A 21 -5.53 -4.26 4.08
N ALA A 22 -5.10 -3.62 5.16
CA ALA A 22 -3.69 -3.63 5.55
C ALA A 22 -3.21 -5.06 5.86
N GLN A 23 -4.03 -5.82 6.59
CA GLN A 23 -3.64 -7.16 6.98
C GLN A 23 -3.76 -8.13 5.81
N ALA A 24 -4.78 -7.96 4.99
CA ALA A 24 -4.95 -8.81 3.81
C ALA A 24 -3.85 -8.54 2.80
N LEU A 25 -3.53 -7.26 2.64
CA LEU A 25 -2.42 -6.84 1.78
C LEU A 25 -1.10 -7.39 2.30
N LYS A 26 -0.96 -7.38 3.62
CA LYS A 26 0.23 -7.93 4.26
C LYS A 26 0.34 -9.43 3.97
N LYS A 27 -0.81 -10.11 4.00
CA LYS A 27 -0.87 -11.52 3.64
C LYS A 27 -0.47 -11.73 2.19
N GLY A 28 -1.06 -10.93 1.31
CA GLY A 28 -0.75 -11.00 -0.11
C GLY A 28 0.71 -10.74 -0.39
N ALA A 29 1.31 -9.83 0.37
CA ALA A 29 2.72 -9.51 0.22
C ALA A 29 3.58 -10.71 0.60
N LYS A 30 3.26 -11.32 1.73
CA LYS A 30 3.98 -12.51 2.19
C LYS A 30 3.68 -13.71 1.29
N LYS A 31 2.50 -13.68 0.67
CA LYS A 31 2.09 -14.72 -0.27
C LYS A 31 3.03 -14.75 -1.46
N MET A 32 3.42 -13.57 -1.93
CA MET A 32 4.29 -13.45 -3.09
C MET A 32 5.76 -13.36 -2.67
N GLY A 33 5.99 -13.19 -1.37
CA GLY A 33 7.34 -13.14 -0.86
C GLY A 33 8.01 -11.79 -1.11
N ASN A 34 7.42 -10.73 -0.60
CA ASN A 34 7.97 -9.39 -0.75
C ASN A 34 8.17 -8.73 0.61
N LEU A 35 8.70 -7.52 0.60
CA LEU A 35 8.87 -6.72 1.81
C LEU A 35 7.99 -5.50 1.72
N ILE A 36 7.00 -5.41 2.58
CA ILE A 36 6.00 -4.36 2.47
C ILE A 36 5.99 -3.47 3.71
N LYS A 37 5.83 -2.19 3.47
CA LYS A 37 5.67 -1.19 4.51
C LYS A 37 4.28 -0.57 4.39
N VAL A 38 3.35 -1.02 5.23
CA VAL A 38 1.96 -0.58 5.11
C VAL A 38 1.63 0.52 6.13
N GLU A 39 1.03 1.59 5.63
CA GLU A 39 0.57 2.69 6.47
C GLU A 39 -0.92 2.56 6.71
N THR A 40 -1.39 3.07 7.83
CA THR A 40 -2.78 2.98 8.20
C THR A 40 -3.34 4.35 8.55
N GLN A 41 -4.01 4.98 7.60
CA GLN A 41 -4.67 6.24 7.88
C GLN A 41 -6.13 6.00 8.23
N GLY A 42 -6.45 6.18 9.50
CA GLY A 42 -7.83 6.03 9.95
C GLY A 42 -8.71 7.17 9.47
N ALA A 43 -8.04 8.19 8.95
CA ALA A 43 -8.68 9.37 8.41
C ALA A 43 -7.62 10.18 7.67
N THR A 44 -7.51 11.46 8.00
CA THR A 44 -6.43 12.28 7.47
C THR A 44 -5.21 12.13 8.37
N GLY A 45 -5.38 11.39 9.47
CA GLY A 45 -4.30 11.17 10.41
C GLY A 45 -3.54 9.90 10.09
N ILE A 46 -2.34 9.78 10.66
CA ILE A 46 -1.43 8.69 10.32
C ILE A 46 -1.16 7.80 11.54
N GLU A 47 -1.13 6.49 11.33
CA GLU A 47 -0.87 5.54 12.42
C GLU A 47 0.55 5.00 12.38
N ASN A 48 0.87 4.30 11.30
CA ASN A 48 2.15 3.59 11.20
C ASN A 48 3.26 4.54 10.82
N GLU A 49 2.96 5.40 9.86
CA GLU A 49 3.91 6.38 9.34
C GLU A 49 5.01 5.71 8.53
N LEU A 50 4.95 5.87 7.23
CA LEU A 50 5.99 5.35 6.35
C LEU A 50 7.15 6.34 6.35
N THR A 51 8.22 5.98 7.05
CA THR A 51 9.36 6.86 7.20
C THR A 51 9.97 7.20 5.85
N GLU A 52 10.58 8.38 5.76
CA GLU A 52 11.17 8.85 4.52
C GLU A 52 12.19 7.85 3.98
N LYS A 53 12.92 7.22 4.89
CA LYS A 53 13.94 6.24 4.51
C LYS A 53 13.31 4.97 3.95
N ASP A 54 12.24 4.48 4.60
CA ASP A 54 11.55 3.29 4.12
C ASP A 54 10.89 3.55 2.77
N VAL A 55 10.46 4.79 2.58
CA VAL A 55 9.82 5.19 1.33
C VAL A 55 10.83 5.24 0.19
N ASN A 56 12.05 5.67 0.49
CA ASN A 56 13.11 5.71 -0.51
C ASN A 56 13.59 4.31 -0.85
N ILE A 57 13.53 3.41 0.13
CA ILE A 57 13.85 2.01 -0.10
C ILE A 57 12.76 1.35 -0.91
N GLY A 58 11.51 1.57 -0.50
CA GLY A 58 10.37 1.05 -1.23
C GLY A 58 10.31 1.62 -2.64
N GLU A 59 9.99 0.79 -3.61
CA GLU A 59 10.01 1.20 -4.99
C GLU A 59 8.60 1.55 -5.48
N VAL A 60 7.69 0.59 -5.39
CA VAL A 60 6.32 0.80 -5.82
C VAL A 60 5.44 1.19 -4.64
N VAL A 61 4.54 2.14 -4.87
CA VAL A 61 3.64 2.62 -3.85
C VAL A 61 2.22 2.18 -4.14
N ILE A 62 1.66 1.39 -3.24
CA ILE A 62 0.31 0.91 -3.41
C ILE A 62 -0.65 1.71 -2.54
N PHE A 63 -1.64 2.33 -3.17
CA PHE A 63 -2.65 3.07 -2.44
C PHE A 63 -3.96 2.33 -2.43
N ALA A 64 -4.30 1.76 -1.29
CA ALA A 64 -5.61 1.18 -1.09
C ALA A 64 -6.40 2.09 -0.17
N VAL A 65 -7.11 3.03 -0.76
CA VAL A 65 -7.73 4.09 0.01
C VAL A 65 -9.16 4.37 -0.44
N ASP A 66 -9.89 5.02 0.45
CA ASP A 66 -11.22 5.53 0.13
C ASP A 66 -11.23 7.04 0.31
N THR A 67 -10.44 7.50 1.27
CA THR A 67 -10.25 8.93 1.49
C THR A 67 -8.87 9.34 1.01
N LYS A 68 -8.44 10.55 1.34
CA LYS A 68 -7.16 11.06 0.86
C LYS A 68 -6.04 10.77 1.85
N VAL A 69 -4.80 11.00 1.43
CA VAL A 69 -3.64 10.62 2.21
C VAL A 69 -2.68 11.79 2.39
N ARG A 70 -1.98 11.81 3.51
CA ARG A 70 -0.96 12.82 3.77
C ARG A 70 0.42 12.32 3.36
N ASN A 71 0.62 11.00 3.46
CA ASN A 71 1.92 10.39 3.16
C ASN A 71 2.27 10.51 1.67
N LYS A 72 1.27 10.85 0.85
CA LYS A 72 1.43 10.94 -0.60
C LYS A 72 2.65 11.78 -0.99
N GLU A 73 2.96 12.79 -0.18
CA GLU A 73 4.04 13.72 -0.47
C GLU A 73 5.36 13.02 -0.78
N ARG A 74 5.73 12.04 0.04
CA ARG A 74 7.03 11.37 -0.09
C ARG A 74 7.06 10.40 -1.26
N PHE A 75 5.89 10.07 -1.81
CA PHE A 75 5.80 9.13 -2.90
C PHE A 75 5.84 9.85 -4.25
N ASP A 76 5.97 11.16 -4.22
CA ASP A 76 6.04 11.94 -5.45
C ASP A 76 7.30 11.58 -6.25
N GLY A 77 7.12 11.39 -7.55
CA GLY A 77 8.23 11.04 -8.41
C GLY A 77 8.54 9.55 -8.38
N LYS A 78 7.73 8.80 -7.64
CA LYS A 78 7.91 7.37 -7.52
C LYS A 78 6.83 6.63 -8.29
N VAL A 79 6.88 5.31 -8.27
CA VAL A 79 5.91 4.50 -9.01
C VAL A 79 4.68 4.25 -8.14
N VAL A 80 3.51 4.60 -8.66
CA VAL A 80 2.30 4.55 -7.87
C VAL A 80 1.25 3.61 -8.48
N LEU A 81 0.62 2.84 -7.62
CA LEU A 81 -0.48 1.97 -8.02
C LEU A 81 -1.67 2.25 -7.10
N GLU A 82 -2.71 2.86 -7.66
CA GLU A 82 -3.86 3.30 -6.86
C GLU A 82 -5.06 2.39 -7.11
N VAL A 83 -5.62 1.84 -6.04
CA VAL A 83 -6.79 0.96 -6.14
C VAL A 83 -7.77 1.24 -5.01
N PRO A 84 -9.04 0.80 -5.15
CA PRO A 84 -10.04 0.90 -4.10
C PRO A 84 -9.62 0.13 -2.86
N VAL A 85 -9.98 0.63 -1.69
CA VAL A 85 -9.57 0.03 -0.42
C VAL A 85 -10.16 -1.38 -0.26
N SER A 86 -11.26 -1.65 -0.95
CA SER A 86 -11.91 -2.95 -0.91
C SER A 86 -11.15 -4.02 -1.71
N ALA A 87 -10.37 -3.58 -2.69
CA ALA A 87 -9.72 -4.49 -3.63
C ALA A 87 -8.68 -5.42 -2.97
N PRO A 88 -7.70 -4.87 -2.20
CA PRO A 88 -6.59 -5.68 -1.67
C PRO A 88 -7.01 -6.62 -0.54
N ILE A 89 -8.30 -6.64 -0.21
CA ILE A 89 -8.80 -7.55 0.79
C ILE A 89 -8.84 -8.97 0.23
N LYS A 90 -9.32 -9.09 -1.00
CA LYS A 90 -9.32 -10.37 -1.68
C LYS A 90 -8.10 -10.48 -2.61
N ASP A 91 -7.95 -9.49 -3.48
CA ASP A 91 -6.97 -9.54 -4.56
C ASP A 91 -5.67 -8.87 -4.15
N ALA A 92 -5.21 -9.10 -2.94
CA ALA A 92 -4.03 -8.42 -2.40
C ALA A 92 -2.81 -8.68 -3.27
N GLU A 93 -2.62 -9.95 -3.61
CA GLU A 93 -1.51 -10.36 -4.43
C GLU A 93 -1.69 -9.89 -5.88
N LYS A 94 -2.93 -9.71 -6.28
CA LYS A 94 -3.26 -9.25 -7.62
C LYS A 94 -2.91 -7.77 -7.74
N VAL A 95 -3.12 -7.04 -6.65
CA VAL A 95 -2.75 -5.64 -6.56
C VAL A 95 -1.24 -5.48 -6.66
N ILE A 96 -0.52 -6.38 -6.00
CA ILE A 96 0.93 -6.37 -6.02
C ILE A 96 1.46 -6.62 -7.43
N ASN A 97 0.87 -7.60 -8.11
CA ASN A 97 1.26 -7.91 -9.49
C ASN A 97 1.02 -6.72 -10.41
N ALA A 98 -0.04 -5.96 -10.10
CA ALA A 98 -0.34 -4.75 -10.86
C ALA A 98 0.76 -3.70 -10.66
N ALA A 99 1.24 -3.59 -9.43
CA ALA A 99 2.33 -2.66 -9.13
C ALA A 99 3.60 -3.08 -9.86
N LEU A 100 3.88 -4.38 -9.86
CA LEU A 100 5.02 -4.92 -10.59
C LEU A 100 4.86 -4.66 -12.09
N ALA A 101 3.62 -4.64 -12.56
CA ALA A 101 3.34 -4.39 -13.96
C ALA A 101 3.67 -2.95 -14.35
N LEU A 102 3.80 -2.08 -13.37
CA LEU A 102 4.13 -0.68 -13.61
C LEU A 102 5.63 -0.46 -13.72
N ILE A 103 6.42 -1.43 -13.28
CA ILE A 103 7.87 -1.32 -13.31
C ILE A 103 8.53 -2.39 -14.17
N ASP A 104 7.80 -3.46 -14.45
CA ASP A 104 8.35 -4.60 -15.17
C ASP A 104 7.27 -5.31 -15.98
N GLU A 105 6.26 -5.79 -15.27
CA GLU A 105 5.12 -6.52 -15.86
C GLU A 105 5.52 -7.89 -16.38
N LYS A 106 5.31 -8.90 -15.53
CA LYS A 106 5.51 -10.30 -15.90
C LYS A 106 6.98 -10.60 -16.21
N MET A 1 16.06 -9.35 -3.44
CA MET A 1 15.13 -10.38 -2.94
C MET A 1 14.08 -9.72 -2.04
N LYS A 2 12.83 -10.15 -2.19
CA LYS A 2 11.69 -9.53 -1.50
C LYS A 2 11.52 -8.09 -1.98
N ARG A 3 10.62 -7.88 -2.93
CA ARG A 3 10.43 -6.55 -3.52
C ARG A 3 10.05 -5.55 -2.44
N LYS A 4 10.75 -4.43 -2.43
CA LYS A 4 10.52 -3.38 -1.45
C LYS A 4 9.29 -2.57 -1.88
N ILE A 5 8.18 -2.77 -1.18
CA ILE A 5 6.95 -2.11 -1.56
C ILE A 5 6.41 -1.29 -0.40
N ILE A 6 6.02 -0.06 -0.69
CA ILE A 6 5.41 0.81 0.31
C ILE A 6 3.95 1.04 -0.04
N ALA A 7 3.08 0.88 0.94
CA ALA A 7 1.65 0.99 0.68
C ALA A 7 0.98 1.84 1.75
N VAL A 8 0.04 2.66 1.32
CA VAL A 8 -0.73 3.47 2.25
C VAL A 8 -2.21 3.18 2.10
N THR A 9 -2.80 2.68 3.17
CA THR A 9 -4.24 2.45 3.19
C THR A 9 -4.92 3.59 3.93
N ALA A 10 -5.87 4.25 3.28
CA ALA A 10 -6.50 5.43 3.87
C ALA A 10 -7.99 5.48 3.57
N CYS A 11 -8.79 5.04 4.51
CA CYS A 11 -10.23 5.08 4.37
C CYS A 11 -10.88 5.53 5.67
N ALA A 12 -11.40 6.76 5.68
CA ALA A 12 -12.09 7.29 6.84
C ALA A 12 -13.53 6.77 6.87
N THR A 13 -14.09 6.58 5.69
CA THR A 13 -15.46 6.10 5.54
C THR A 13 -15.61 4.72 6.19
N GLY A 14 -14.67 3.83 5.90
CA GLY A 14 -14.69 2.52 6.49
C GLY A 14 -13.34 2.17 7.08
N VAL A 15 -13.12 2.58 8.31
CA VAL A 15 -11.83 2.37 8.98
C VAL A 15 -11.52 0.89 9.14
N ALA A 16 -12.56 0.06 9.26
CA ALA A 16 -12.37 -1.38 9.35
C ALA A 16 -11.80 -1.94 8.05
N HIS A 17 -12.16 -1.30 6.94
CA HIS A 17 -11.66 -1.69 5.63
C HIS A 17 -10.17 -1.40 5.53
N THR A 18 -9.78 -0.25 6.05
CA THR A 18 -8.39 0.18 6.06
C THR A 18 -7.49 -0.86 6.73
N TYR A 19 -7.89 -1.26 7.94
CA TYR A 19 -7.08 -2.16 8.75
C TYR A 19 -7.08 -3.57 8.16
N MET A 20 -8.23 -4.01 7.67
CA MET A 20 -8.35 -5.33 7.07
C MET A 20 -7.53 -5.41 5.79
N ALA A 21 -7.57 -4.34 4.99
CA ALA A 21 -6.83 -4.27 3.74
C ALA A 21 -5.33 -4.40 3.98
N ALA A 22 -4.83 -3.62 4.93
CA ALA A 22 -3.40 -3.63 5.25
C ALA A 22 -2.93 -5.03 5.63
N GLN A 23 -3.76 -5.73 6.41
CA GLN A 23 -3.43 -7.07 6.85
C GLN A 23 -3.50 -8.08 5.70
N ALA A 24 -4.60 -8.02 4.94
CA ALA A 24 -4.80 -8.94 3.82
C ALA A 24 -3.74 -8.73 2.74
N LEU A 25 -3.41 -7.47 2.51
CA LEU A 25 -2.37 -7.11 1.55
C LEU A 25 -1.01 -7.63 2.01
N LYS A 26 -0.76 -7.55 3.31
CA LYS A 26 0.49 -8.00 3.89
C LYS A 26 0.57 -9.53 3.84
N LYS A 27 -0.59 -10.18 3.88
CA LYS A 27 -0.66 -11.63 3.77
C LYS A 27 -0.21 -12.08 2.38
N GLY A 28 -0.66 -11.35 1.37
CA GLY A 28 -0.22 -11.62 0.01
C GLY A 28 1.28 -11.45 -0.13
N ALA A 29 1.81 -10.43 0.53
CA ALA A 29 3.25 -10.20 0.55
C ALA A 29 3.98 -11.36 1.21
N LYS A 30 3.36 -11.92 2.26
CA LYS A 30 3.92 -13.09 2.94
C LYS A 30 3.90 -14.31 2.02
N LYS A 31 2.83 -14.43 1.24
CA LYS A 31 2.65 -15.56 0.34
C LYS A 31 3.70 -15.54 -0.76
N MET A 32 3.79 -14.41 -1.45
CA MET A 32 4.71 -14.26 -2.56
C MET A 32 6.14 -14.13 -2.08
N GLY A 33 6.32 -13.58 -0.89
CA GLY A 33 7.65 -13.45 -0.32
C GLY A 33 8.26 -12.10 -0.61
N ASN A 34 7.57 -11.04 -0.19
CA ASN A 34 8.04 -9.68 -0.41
C ASN A 34 8.04 -8.91 0.91
N LEU A 35 8.61 -7.73 0.89
CA LEU A 35 8.63 -6.87 2.07
C LEU A 35 7.85 -5.60 1.81
N ILE A 36 6.70 -5.49 2.46
CA ILE A 36 5.84 -4.36 2.25
C ILE A 36 5.62 -3.60 3.56
N LYS A 37 5.57 -2.27 3.44
CA LYS A 37 5.28 -1.41 4.57
C LYS A 37 3.97 -0.70 4.35
N VAL A 38 2.94 -1.15 5.05
CA VAL A 38 1.62 -0.60 4.87
C VAL A 38 1.26 0.36 6.00
N GLU A 39 0.97 1.60 5.63
CA GLU A 39 0.58 2.63 6.57
C GLU A 39 -0.94 2.69 6.64
N THR A 40 -1.47 2.88 7.84
CA THR A 40 -2.91 2.95 8.03
C THR A 40 -3.32 4.37 8.40
N GLN A 41 -3.95 5.05 7.45
CA GLN A 41 -4.32 6.44 7.63
C GLN A 41 -5.82 6.60 7.54
N GLY A 42 -6.47 6.73 8.69
CA GLY A 42 -7.91 6.82 8.70
C GLY A 42 -8.38 8.25 8.54
N ALA A 43 -8.28 9.01 9.62
CA ALA A 43 -8.67 10.41 9.60
C ALA A 43 -7.72 11.22 10.46
N THR A 44 -6.71 11.79 9.82
CA THR A 44 -5.65 12.59 10.46
C THR A 44 -4.85 11.81 11.52
N GLY A 45 -5.27 10.59 11.82
CA GLY A 45 -4.54 9.75 12.76
C GLY A 45 -3.67 8.75 12.02
N ILE A 46 -2.36 8.90 12.16
CA ILE A 46 -1.43 8.09 11.39
C ILE A 46 -0.92 6.91 12.21
N GLU A 47 -1.24 5.70 11.78
CA GLU A 47 -0.69 4.51 12.40
C GLU A 47 0.29 3.85 11.45
N ASN A 48 1.45 3.50 11.98
CA ASN A 48 2.58 3.02 11.19
C ASN A 48 3.05 4.12 10.26
N GLU A 49 3.66 5.14 10.84
CA GLU A 49 4.17 6.27 10.07
C GLU A 49 5.24 5.79 9.10
N LEU A 50 4.93 5.82 7.82
CA LEU A 50 5.83 5.37 6.81
C LEU A 50 6.91 6.42 6.57
N THR A 51 8.07 6.21 7.16
CA THR A 51 9.11 7.22 7.19
C THR A 51 9.93 7.20 5.90
N GLU A 52 10.74 8.24 5.74
CA GLU A 52 11.50 8.48 4.52
C GLU A 52 12.37 7.28 4.15
N LYS A 53 12.96 6.64 5.14
CA LYS A 53 13.83 5.48 4.89
C LYS A 53 13.07 4.39 4.13
N ASP A 54 11.89 4.04 4.61
CA ASP A 54 11.08 3.02 3.95
C ASP A 54 10.63 3.47 2.57
N VAL A 55 10.23 4.73 2.49
CA VAL A 55 9.69 5.30 1.26
C VAL A 55 10.74 5.38 0.15
N ASN A 56 11.97 5.73 0.51
CA ASN A 56 13.04 5.83 -0.47
C ASN A 56 13.51 4.44 -0.92
N ILE A 57 13.46 3.47 -0.02
CA ILE A 57 13.87 2.11 -0.35
C ILE A 57 12.82 1.44 -1.22
N GLY A 58 11.56 1.52 -0.82
CA GLY A 58 10.48 0.94 -1.60
C GLY A 58 10.36 1.60 -2.95
N GLU A 59 10.20 0.82 -4.01
CA GLU A 59 10.16 1.37 -5.36
C GLU A 59 8.73 1.56 -5.84
N VAL A 60 7.87 0.59 -5.59
CA VAL A 60 6.48 0.70 -6.00
C VAL A 60 5.59 1.03 -4.80
N VAL A 61 4.67 1.96 -5.01
CA VAL A 61 3.77 2.39 -3.97
C VAL A 61 2.36 1.93 -4.27
N ILE A 62 1.68 1.41 -3.27
CA ILE A 62 0.29 0.99 -3.44
C ILE A 62 -0.62 1.83 -2.56
N PHE A 63 -1.51 2.57 -3.19
CA PHE A 63 -2.49 3.36 -2.47
C PHE A 63 -3.84 2.70 -2.50
N ALA A 64 -4.13 1.93 -1.46
CA ALA A 64 -5.45 1.36 -1.28
C ALA A 64 -6.24 2.26 -0.36
N VAL A 65 -6.95 3.21 -0.94
CA VAL A 65 -7.53 4.27 -0.16
C VAL A 65 -9.00 4.52 -0.50
N ASP A 66 -9.54 5.55 0.13
CA ASP A 66 -10.92 5.97 -0.05
C ASP A 66 -11.01 7.46 0.25
N THR A 67 -10.20 7.89 1.22
CA THR A 67 -10.11 9.29 1.58
C THR A 67 -8.75 9.85 1.14
N LYS A 68 -8.45 11.08 1.55
CA LYS A 68 -7.22 11.74 1.16
C LYS A 68 -6.03 11.22 1.96
N VAL A 69 -4.85 11.30 1.36
CA VAL A 69 -3.62 10.89 2.02
C VAL A 69 -2.72 12.10 2.21
N ARG A 70 -2.16 12.23 3.40
CA ARG A 70 -1.26 13.35 3.70
C ARG A 70 0.17 13.02 3.26
N ASN A 71 0.61 11.81 3.56
CA ASN A 71 2.00 11.40 3.34
C ASN A 71 2.30 11.14 1.86
N LYS A 72 1.27 11.19 1.02
CA LYS A 72 1.43 10.99 -0.43
C LYS A 72 2.50 11.93 -0.99
N GLU A 73 2.73 13.03 -0.28
CA GLU A 73 3.76 14.02 -0.61
C GLU A 73 5.09 13.36 -1.00
N ARG A 74 5.52 12.34 -0.26
CA ARG A 74 6.80 11.69 -0.52
C ARG A 74 6.70 10.65 -1.64
N PHE A 75 5.53 10.05 -1.81
CA PHE A 75 5.32 9.04 -2.83
C PHE A 75 5.06 9.69 -4.18
N ASP A 76 4.59 10.93 -4.15
CA ASP A 76 4.38 11.70 -5.37
C ASP A 76 5.71 11.91 -6.09
N GLY A 77 5.78 11.45 -7.32
CA GLY A 77 7.03 11.48 -8.06
C GLY A 77 7.66 10.11 -8.13
N LYS A 78 7.04 9.16 -7.45
CA LYS A 78 7.45 7.78 -7.51
C LYS A 78 6.42 6.95 -8.28
N VAL A 79 6.62 5.64 -8.34
CA VAL A 79 5.72 4.78 -9.09
C VAL A 79 4.64 4.21 -8.18
N VAL A 80 3.42 4.69 -8.31
CA VAL A 80 2.35 4.26 -7.41
C VAL A 80 1.17 3.68 -8.18
N LEU A 81 0.45 2.80 -7.51
CA LEU A 81 -0.82 2.28 -8.00
C LEU A 81 -1.94 2.71 -7.08
N GLU A 82 -3.00 3.27 -7.62
CA GLU A 82 -4.11 3.74 -6.79
C GLU A 82 -5.34 2.87 -7.01
N VAL A 83 -5.68 2.08 -5.99
CA VAL A 83 -6.86 1.22 -6.02
C VAL A 83 -7.74 1.48 -4.80
N PRO A 84 -9.02 1.05 -4.84
CA PRO A 84 -9.92 1.15 -3.69
C PRO A 84 -9.41 0.33 -2.50
N VAL A 85 -9.63 0.84 -1.30
CA VAL A 85 -9.12 0.19 -0.09
C VAL A 85 -9.66 -1.23 0.08
N SER A 86 -10.89 -1.46 -0.37
CA SER A 86 -11.54 -2.76 -0.23
C SER A 86 -10.98 -3.79 -1.22
N ALA A 87 -10.33 -3.30 -2.28
CA ALA A 87 -9.84 -4.17 -3.37
C ALA A 87 -8.75 -5.15 -2.92
N PRO A 88 -7.64 -4.69 -2.29
CA PRO A 88 -6.51 -5.56 -1.90
C PRO A 88 -6.86 -6.53 -0.79
N ILE A 89 -8.07 -6.43 -0.25
CA ILE A 89 -8.54 -7.37 0.73
C ILE A 89 -8.73 -8.74 0.09
N LYS A 90 -9.34 -8.75 -1.08
CA LYS A 90 -9.56 -9.99 -1.82
C LYS A 90 -8.48 -10.20 -2.86
N ASP A 91 -8.27 -9.19 -3.71
CA ASP A 91 -7.36 -9.31 -4.85
C ASP A 91 -5.96 -8.88 -4.49
N ALA A 92 -5.51 -9.22 -3.29
CA ALA A 92 -4.21 -8.80 -2.79
C ALA A 92 -3.09 -9.16 -3.78
N GLU A 93 -3.07 -10.41 -4.21
CA GLU A 93 -2.03 -10.89 -5.10
C GLU A 93 -2.01 -10.12 -6.40
N LYS A 94 -3.20 -9.80 -6.90
CA LYS A 94 -3.33 -9.13 -8.19
C LYS A 94 -2.89 -7.68 -8.07
N VAL A 95 -3.18 -7.07 -6.93
CA VAL A 95 -2.75 -5.71 -6.66
C VAL A 95 -1.23 -5.63 -6.60
N ILE A 96 -0.63 -6.62 -5.96
CA ILE A 96 0.83 -6.72 -5.86
C ILE A 96 1.44 -6.85 -7.27
N ASN A 97 0.88 -7.75 -8.06
CA ASN A 97 1.36 -7.97 -9.43
C ASN A 97 1.11 -6.74 -10.30
N ALA A 98 0.04 -6.02 -10.00
CA ALA A 98 -0.31 -4.80 -10.73
C ALA A 98 0.73 -3.72 -10.48
N ALA A 99 1.23 -3.64 -9.25
CA ALA A 99 2.28 -2.70 -8.92
C ALA A 99 3.55 -3.02 -9.70
N LEU A 100 3.84 -4.31 -9.81
CA LEU A 100 4.99 -4.79 -10.56
C LEU A 100 4.78 -4.57 -12.06
N ALA A 101 3.52 -4.60 -12.48
CA ALA A 101 3.16 -4.38 -13.88
C ALA A 101 3.43 -2.94 -14.29
N LEU A 102 3.61 -2.07 -13.31
CA LEU A 102 3.87 -0.66 -13.59
C LEU A 102 5.35 -0.41 -13.85
N ILE A 103 6.21 -1.26 -13.28
CA ILE A 103 7.65 -1.12 -13.47
C ILE A 103 8.19 -2.16 -14.44
N ASP A 104 7.82 -3.42 -14.21
CA ASP A 104 8.31 -4.52 -15.03
C ASP A 104 7.47 -4.66 -16.28
N GLU A 105 6.18 -4.34 -16.14
CA GLU A 105 5.20 -4.54 -17.21
C GLU A 105 5.17 -6.01 -17.64
N LYS A 106 5.45 -6.89 -16.68
CA LYS A 106 5.49 -8.33 -16.94
C LYS A 106 4.20 -8.98 -16.48
N MET A 1 12.45 -11.51 -6.19
CA MET A 1 11.63 -11.53 -4.97
C MET A 1 12.15 -10.50 -3.97
N LYS A 2 11.54 -10.47 -2.78
CA LYS A 2 11.91 -9.53 -1.73
C LYS A 2 11.69 -8.10 -2.20
N ARG A 3 10.62 -7.92 -2.97
CA ARG A 3 10.26 -6.62 -3.48
C ARG A 3 9.95 -5.65 -2.36
N LYS A 4 10.63 -4.51 -2.36
CA LYS A 4 10.38 -3.48 -1.37
C LYS A 4 9.16 -2.68 -1.79
N ILE A 5 8.10 -2.78 -1.01
CA ILE A 5 6.85 -2.11 -1.33
C ILE A 5 6.39 -1.21 -0.19
N ILE A 6 5.88 -0.05 -0.53
CA ILE A 6 5.22 0.81 0.44
C ILE A 6 3.79 1.04 0.01
N ALA A 7 2.88 0.98 0.96
CA ALA A 7 1.47 1.08 0.65
C ALA A 7 0.71 1.83 1.73
N VAL A 8 -0.28 2.60 1.33
CA VAL A 8 -1.13 3.29 2.29
C VAL A 8 -2.56 2.80 2.15
N THR A 9 -3.09 2.26 3.22
CA THR A 9 -4.46 1.81 3.25
C THR A 9 -5.31 2.75 4.10
N ALA A 10 -6.25 3.42 3.46
CA ALA A 10 -7.05 4.43 4.15
C ALA A 10 -8.51 4.32 3.75
N CYS A 11 -9.39 4.62 4.69
CA CYS A 11 -10.82 4.64 4.42
C CYS A 11 -11.54 5.41 5.52
N ALA A 12 -12.45 6.28 5.14
CA ALA A 12 -13.20 7.07 6.10
C ALA A 12 -14.60 6.48 6.27
N THR A 13 -15.13 5.92 5.19
CA THR A 13 -16.43 5.30 5.21
C THR A 13 -16.43 4.00 6.02
N GLY A 14 -15.49 3.11 5.71
CA GLY A 14 -15.43 1.83 6.38
C GLY A 14 -14.12 1.61 7.10
N VAL A 15 -14.14 1.82 8.42
CA VAL A 15 -12.95 1.68 9.25
C VAL A 15 -12.36 0.27 9.14
N ALA A 16 -13.23 -0.73 9.18
CA ALA A 16 -12.82 -2.12 9.08
C ALA A 16 -12.10 -2.40 7.76
N HIS A 17 -12.49 -1.67 6.72
CA HIS A 17 -11.87 -1.83 5.40
C HIS A 17 -10.42 -1.42 5.44
N THR A 18 -10.15 -0.34 6.17
CA THR A 18 -8.80 0.17 6.34
C THR A 18 -7.88 -0.90 6.93
N TYR A 19 -8.39 -1.61 7.91
CA TYR A 19 -7.59 -2.60 8.62
C TYR A 19 -7.46 -3.88 7.82
N MET A 20 -8.58 -4.34 7.25
CA MET A 20 -8.58 -5.57 6.47
C MET A 20 -7.63 -5.46 5.28
N ALA A 21 -7.68 -4.32 4.60
CA ALA A 21 -6.81 -4.09 3.44
C ALA A 21 -5.35 -4.18 3.85
N ALA A 22 -5.02 -3.54 4.97
CA ALA A 22 -3.65 -3.56 5.48
C ALA A 22 -3.23 -4.96 5.88
N GLN A 23 -4.14 -5.69 6.51
CA GLN A 23 -3.86 -7.05 6.95
C GLN A 23 -3.65 -7.97 5.76
N ALA A 24 -4.53 -7.88 4.78
CA ALA A 24 -4.44 -8.70 3.59
C ALA A 24 -3.14 -8.43 2.83
N LEU A 25 -2.81 -7.16 2.69
CA LEU A 25 -1.56 -6.76 2.02
C LEU A 25 -0.34 -7.27 2.78
N LYS A 26 -0.36 -7.15 4.09
CA LYS A 26 0.76 -7.58 4.92
C LYS A 26 0.95 -9.08 4.84
N LYS A 27 -0.15 -9.81 4.67
CA LYS A 27 -0.08 -11.26 4.48
C LYS A 27 0.39 -11.59 3.07
N GLY A 28 -0.23 -10.94 2.09
CA GLY A 28 0.14 -11.15 0.69
C GLY A 28 1.61 -10.87 0.42
N ALA A 29 2.17 -9.92 1.14
CA ALA A 29 3.60 -9.60 1.04
C ALA A 29 4.44 -10.83 1.37
N LYS A 30 4.17 -11.45 2.50
CA LYS A 30 4.90 -12.65 2.91
C LYS A 30 4.54 -13.82 2.00
N LYS A 31 3.34 -13.77 1.43
CA LYS A 31 2.88 -14.77 0.48
C LYS A 31 3.78 -14.78 -0.77
N MET A 32 4.23 -13.59 -1.15
CA MET A 32 5.10 -13.46 -2.32
C MET A 32 6.55 -13.29 -1.91
N GLY A 33 6.80 -13.33 -0.60
CA GLY A 33 8.16 -13.21 -0.09
C GLY A 33 8.76 -11.84 -0.31
N ASN A 34 7.98 -10.80 -0.07
CA ASN A 34 8.48 -9.44 -0.19
C ASN A 34 8.30 -8.67 1.11
N LEU A 35 8.82 -7.45 1.13
CA LEU A 35 8.82 -6.63 2.33
C LEU A 35 7.97 -5.38 2.09
N ILE A 36 6.86 -5.28 2.80
CA ILE A 36 5.93 -4.18 2.60
C ILE A 36 5.87 -3.28 3.83
N LYS A 37 5.72 -2.00 3.57
CA LYS A 37 5.44 -1.02 4.61
C LYS A 37 4.07 -0.42 4.34
N VAL A 38 3.08 -0.83 5.11
CA VAL A 38 1.73 -0.36 4.91
C VAL A 38 1.30 0.59 6.03
N GLU A 39 0.84 1.76 5.65
CA GLU A 39 0.34 2.74 6.60
C GLU A 39 -1.17 2.62 6.70
N THR A 40 -1.64 2.15 7.84
CA THR A 40 -3.06 2.04 8.08
C THR A 40 -3.62 3.40 8.51
N GLN A 41 -4.21 4.11 7.57
CA GLN A 41 -4.75 5.44 7.85
C GLN A 41 -6.21 5.32 8.24
N GLY A 42 -6.46 5.40 9.54
CA GLY A 42 -7.80 5.20 10.06
C GLY A 42 -8.60 6.49 10.03
N ALA A 43 -8.70 7.09 8.84
CA ALA A 43 -9.40 8.34 8.64
C ALA A 43 -8.70 9.46 9.39
N THR A 44 -7.67 10.01 8.75
CA THR A 44 -6.85 11.08 9.32
C THR A 44 -5.86 10.52 10.37
N GLY A 45 -6.29 9.49 11.11
CA GLY A 45 -5.42 8.86 12.07
C GLY A 45 -4.45 7.89 11.40
N ILE A 46 -3.34 7.60 12.07
CA ILE A 46 -2.30 6.77 11.47
C ILE A 46 -1.91 5.62 12.40
N GLU A 47 -1.87 4.40 11.86
CA GLU A 47 -1.46 3.23 12.63
C GLU A 47 0.04 2.94 12.47
N ASN A 48 0.56 3.17 11.26
CA ASN A 48 1.93 2.79 10.94
C ASN A 48 2.56 3.79 9.98
N GLU A 49 3.31 4.73 10.52
CA GLU A 49 3.99 5.73 9.70
C GLU A 49 4.91 5.08 8.68
N LEU A 50 4.85 5.55 7.45
CA LEU A 50 5.79 5.12 6.43
C LEU A 50 6.99 6.06 6.42
N THR A 51 8.08 5.59 6.99
CA THR A 51 9.26 6.42 7.16
C THR A 51 9.91 6.74 5.81
N GLU A 52 10.62 7.86 5.78
CA GLU A 52 11.21 8.40 4.56
C GLU A 52 12.17 7.38 3.94
N LYS A 53 12.95 6.73 4.78
CA LYS A 53 13.90 5.71 4.33
C LYS A 53 13.19 4.57 3.58
N ASP A 54 12.09 4.08 4.16
CA ASP A 54 11.36 2.95 3.60
C ASP A 54 10.76 3.32 2.25
N VAL A 55 10.32 4.56 2.13
CA VAL A 55 9.74 5.04 0.89
C VAL A 55 10.76 5.06 -0.23
N ASN A 56 11.97 5.55 0.08
CA ASN A 56 13.03 5.62 -0.92
C ASN A 56 13.52 4.24 -1.32
N ILE A 57 13.49 3.31 -0.38
CA ILE A 57 13.89 1.93 -0.65
C ILE A 57 12.79 1.20 -1.44
N GLY A 58 11.55 1.42 -1.02
CA GLY A 58 10.41 0.80 -1.68
C GLY A 58 10.28 1.21 -3.14
N GLU A 59 9.91 0.26 -3.97
CA GLU A 59 9.78 0.49 -5.40
C GLU A 59 8.42 1.08 -5.73
N VAL A 60 7.39 0.25 -5.62
CA VAL A 60 6.05 0.66 -5.98
C VAL A 60 5.25 1.06 -4.74
N VAL A 61 4.37 2.03 -4.92
CA VAL A 61 3.51 2.48 -3.84
C VAL A 61 2.07 2.09 -4.14
N ILE A 62 1.46 1.32 -3.27
CA ILE A 62 0.09 0.91 -3.47
C ILE A 62 -0.85 1.77 -2.63
N PHE A 63 -1.74 2.48 -3.29
CA PHE A 63 -2.71 3.30 -2.61
C PHE A 63 -4.08 2.65 -2.65
N ALA A 64 -4.48 2.08 -1.53
CA ALA A 64 -5.84 1.63 -1.35
C ALA A 64 -6.53 2.57 -0.38
N VAL A 65 -7.12 3.62 -0.92
CA VAL A 65 -7.56 4.72 -0.08
C VAL A 65 -8.97 5.18 -0.45
N ASP A 66 -9.74 5.50 0.57
CA ASP A 66 -11.06 6.08 0.43
C ASP A 66 -10.98 7.57 0.79
N THR A 67 -9.77 8.01 1.11
CA THR A 67 -9.51 9.39 1.46
C THR A 67 -8.06 9.73 1.13
N LYS A 68 -7.68 11.00 1.24
CA LYS A 68 -6.32 11.41 0.93
C LYS A 68 -5.36 10.97 2.03
N VAL A 69 -4.07 11.20 1.82
CA VAL A 69 -3.06 10.72 2.75
C VAL A 69 -2.06 11.82 3.11
N ARG A 70 -1.16 11.50 4.03
CA ARG A 70 -0.14 12.45 4.48
C ARG A 70 1.16 12.28 3.69
N ASN A 71 1.57 11.04 3.53
CA ASN A 71 2.89 10.71 2.99
C ASN A 71 2.98 10.88 1.49
N LYS A 72 1.85 11.19 0.86
CA LYS A 72 1.80 11.46 -0.59
C LYS A 72 2.92 12.39 -1.03
N GLU A 73 3.39 13.22 -0.08
CA GLU A 73 4.52 14.12 -0.30
C GLU A 73 5.67 13.41 -0.98
N ARG A 74 6.09 12.30 -0.39
CA ARG A 74 7.29 11.58 -0.83
C ARG A 74 6.98 10.56 -1.93
N PHE A 75 5.74 10.08 -1.98
CA PHE A 75 5.33 9.13 -3.01
C PHE A 75 5.14 9.84 -4.35
N ASP A 76 4.96 11.16 -4.28
CA ASP A 76 4.75 11.95 -5.49
C ASP A 76 6.01 11.96 -6.34
N GLY A 77 5.92 11.40 -7.53
CA GLY A 77 7.07 11.27 -8.40
C GLY A 77 7.53 9.84 -8.50
N LYS A 78 7.01 9.00 -7.62
CA LYS A 78 7.33 7.57 -7.64
C LYS A 78 6.24 6.80 -8.35
N VAL A 79 6.41 5.49 -8.45
CA VAL A 79 5.46 4.64 -9.14
C VAL A 79 4.41 4.13 -8.17
N VAL A 80 3.20 4.64 -8.29
CA VAL A 80 2.13 4.24 -7.38
C VAL A 80 0.94 3.66 -8.15
N LEU A 81 0.18 2.82 -7.48
CA LEU A 81 -1.07 2.29 -8.01
C LEU A 81 -2.22 2.76 -7.12
N GLU A 82 -3.18 3.47 -7.71
CA GLU A 82 -4.28 4.02 -6.94
C GLU A 82 -5.56 3.21 -7.19
N VAL A 83 -5.88 2.33 -6.25
CA VAL A 83 -7.07 1.51 -6.33
C VAL A 83 -7.95 1.69 -5.09
N PRO A 84 -9.21 1.26 -5.15
CA PRO A 84 -10.12 1.32 -4.01
C PRO A 84 -9.65 0.45 -2.85
N VAL A 85 -10.03 0.83 -1.64
CA VAL A 85 -9.60 0.10 -0.43
C VAL A 85 -10.12 -1.34 -0.42
N SER A 86 -11.20 -1.58 -1.15
CA SER A 86 -11.81 -2.90 -1.23
C SER A 86 -10.98 -3.85 -2.09
N ALA A 87 -10.11 -3.29 -2.94
CA ALA A 87 -9.34 -4.08 -3.90
C ALA A 87 -8.37 -5.05 -3.21
N PRO A 88 -7.44 -4.56 -2.36
CA PRO A 88 -6.41 -5.42 -1.74
C PRO A 88 -6.99 -6.45 -0.78
N ILE A 89 -8.22 -6.23 -0.35
CA ILE A 89 -8.90 -7.15 0.54
C ILE A 89 -9.17 -8.47 -0.19
N LYS A 90 -9.60 -8.37 -1.44
CA LYS A 90 -9.92 -9.53 -2.23
C LYS A 90 -8.75 -9.93 -3.13
N ASP A 91 -8.15 -8.94 -3.76
CA ASP A 91 -7.15 -9.18 -4.80
C ASP A 91 -5.76 -8.72 -4.37
N ALA A 92 -5.39 -9.00 -3.12
CA ALA A 92 -4.08 -8.58 -2.60
C ALA A 92 -2.92 -9.04 -3.50
N GLU A 93 -2.97 -10.28 -3.96
CA GLU A 93 -1.92 -10.79 -4.83
C GLU A 93 -1.98 -10.10 -6.20
N LYS A 94 -3.19 -9.74 -6.62
CA LYS A 94 -3.37 -9.09 -7.90
C LYS A 94 -2.89 -7.65 -7.84
N VAL A 95 -3.23 -6.98 -6.75
CA VAL A 95 -2.88 -5.58 -6.56
C VAL A 95 -1.36 -5.41 -6.51
N ILE A 96 -0.70 -6.38 -5.90
CA ILE A 96 0.74 -6.41 -5.84
C ILE A 96 1.33 -6.59 -7.24
N ASN A 97 0.85 -7.61 -7.96
CA ASN A 97 1.29 -7.85 -9.32
C ASN A 97 1.00 -6.65 -10.21
N ALA A 98 -0.17 -6.05 -10.02
CA ALA A 98 -0.60 -4.91 -10.81
C ALA A 98 0.35 -3.73 -10.61
N ALA A 99 0.82 -3.55 -9.38
CA ALA A 99 1.78 -2.50 -9.06
C ALA A 99 3.12 -2.81 -9.73
N LEU A 100 3.49 -4.09 -9.75
CA LEU A 100 4.73 -4.52 -10.38
C LEU A 100 4.66 -4.33 -11.88
N ALA A 101 3.48 -4.46 -12.45
CA ALA A 101 3.28 -4.25 -13.88
C ALA A 101 3.50 -2.79 -14.26
N LEU A 102 3.36 -1.90 -13.30
CA LEU A 102 3.58 -0.47 -13.53
C LEU A 102 5.05 -0.20 -13.77
N ILE A 103 5.92 -1.02 -13.17
CA ILE A 103 7.35 -0.95 -13.45
C ILE A 103 7.74 -2.06 -14.42
N ASP A 104 6.71 -2.75 -14.91
CA ASP A 104 6.87 -3.83 -15.90
C ASP A 104 7.76 -4.94 -15.35
N GLU A 105 7.56 -5.25 -14.07
CA GLU A 105 8.32 -6.28 -13.37
C GLU A 105 9.82 -5.98 -13.44
N LYS A 106 10.22 -4.87 -12.84
CA LYS A 106 11.61 -4.47 -12.83
C LYS A 106 12.23 -4.81 -11.48
N MET A 1 12.12 -12.48 -6.13
CA MET A 1 12.99 -11.79 -5.16
C MET A 1 12.16 -10.96 -4.20
N LYS A 2 12.77 -10.53 -3.10
CA LYS A 2 12.08 -9.70 -2.12
C LYS A 2 11.85 -8.31 -2.70
N ARG A 3 10.69 -8.12 -3.31
CA ARG A 3 10.37 -6.85 -3.91
C ARG A 3 10.03 -5.83 -2.85
N LYS A 4 10.37 -4.58 -3.10
CA LYS A 4 10.18 -3.53 -2.12
C LYS A 4 8.88 -2.81 -2.40
N ILE A 5 7.96 -2.84 -1.44
CA ILE A 5 6.65 -2.23 -1.63
C ILE A 5 6.25 -1.43 -0.38
N ILE A 6 5.69 -0.26 -0.60
CA ILE A 6 5.10 0.51 0.48
C ILE A 6 3.64 0.78 0.16
N ALA A 7 2.78 0.62 1.14
CA ALA A 7 1.36 0.76 0.93
C ALA A 7 0.73 1.57 2.06
N VAL A 8 -0.26 2.36 1.71
CA VAL A 8 -0.99 3.15 2.69
C VAL A 8 -2.47 2.81 2.63
N THR A 9 -3.06 2.57 3.78
CA THR A 9 -4.47 2.22 3.87
C THR A 9 -5.23 3.29 4.65
N ALA A 10 -6.31 3.79 4.08
CA ALA A 10 -7.05 4.87 4.71
C ALA A 10 -8.48 4.96 4.19
N CYS A 11 -9.41 4.36 4.92
CA CYS A 11 -10.81 4.39 4.53
C CYS A 11 -11.63 5.09 5.61
N ALA A 12 -12.44 6.06 5.19
CA ALA A 12 -13.27 6.80 6.13
C ALA A 12 -14.68 6.20 6.19
N THR A 13 -15.02 5.38 5.20
CA THR A 13 -16.31 4.73 5.15
C THR A 13 -16.43 3.69 6.26
N GLY A 14 -15.45 2.81 6.32
CA GLY A 14 -15.43 1.77 7.32
C GLY A 14 -14.03 1.44 7.77
N VAL A 15 -13.71 1.77 9.02
CA VAL A 15 -12.38 1.58 9.56
C VAL A 15 -11.98 0.10 9.57
N ALA A 16 -12.97 -0.78 9.68
CA ALA A 16 -12.71 -2.22 9.67
C ALA A 16 -12.06 -2.65 8.36
N HIS A 17 -12.45 -1.99 7.27
CA HIS A 17 -11.88 -2.28 5.96
C HIS A 17 -10.44 -1.79 5.89
N THR A 18 -10.16 -0.70 6.59
CA THR A 18 -8.83 -0.12 6.62
C THR A 18 -7.83 -1.09 7.27
N TYR A 19 -8.26 -1.72 8.38
CA TYR A 19 -7.42 -2.70 9.06
C TYR A 19 -7.18 -3.92 8.19
N MET A 20 -8.23 -4.36 7.49
CA MET A 20 -8.14 -5.58 6.70
C MET A 20 -7.35 -5.36 5.41
N ALA A 21 -7.50 -4.20 4.79
CA ALA A 21 -6.77 -3.88 3.58
C ALA A 21 -5.26 -3.92 3.85
N ALA A 22 -4.87 -3.43 5.01
CA ALA A 22 -3.47 -3.40 5.42
C ALA A 22 -2.92 -4.81 5.59
N GLN A 23 -3.68 -5.64 6.31
CA GLN A 23 -3.24 -7.00 6.61
C GLN A 23 -3.31 -7.89 5.38
N ALA A 24 -4.23 -7.59 4.47
CA ALA A 24 -4.39 -8.36 3.24
C ALA A 24 -3.26 -8.05 2.27
N LEU A 25 -2.90 -6.77 2.18
CA LEU A 25 -1.76 -6.37 1.36
C LEU A 25 -0.47 -6.98 1.90
N LYS A 26 -0.32 -6.97 3.22
CA LYS A 26 0.84 -7.58 3.87
C LYS A 26 0.82 -9.09 3.64
N LYS A 27 -0.38 -9.65 3.62
CA LYS A 27 -0.58 -11.06 3.28
C LYS A 27 0.00 -11.39 1.90
N GLY A 28 -0.45 -10.65 0.90
CA GLY A 28 -0.03 -10.91 -0.47
C GLY A 28 1.47 -10.71 -0.66
N ALA A 29 2.01 -9.68 -0.04
CA ALA A 29 3.42 -9.38 -0.16
C ALA A 29 4.27 -10.49 0.46
N LYS A 30 3.93 -10.90 1.67
CA LYS A 30 4.68 -11.94 2.35
C LYS A 30 4.47 -13.30 1.69
N LYS A 31 3.34 -13.47 1.02
CA LYS A 31 3.06 -14.66 0.24
C LYS A 31 4.11 -14.83 -0.85
N MET A 32 4.60 -13.71 -1.36
CA MET A 32 5.60 -13.71 -2.40
C MET A 32 6.99 -13.46 -1.81
N GLY A 33 7.04 -13.39 -0.48
CA GLY A 33 8.31 -13.19 0.21
C GLY A 33 8.86 -11.79 0.04
N ASN A 34 7.97 -10.83 -0.16
CA ASN A 34 8.36 -9.45 -0.41
C ASN A 34 8.53 -8.67 0.89
N LEU A 35 9.09 -7.48 0.77
CA LEU A 35 9.28 -6.59 1.91
C LEU A 35 8.35 -5.40 1.76
N ILE A 36 7.45 -5.23 2.72
CA ILE A 36 6.42 -4.22 2.58
C ILE A 36 6.22 -3.44 3.87
N LYS A 37 6.03 -2.14 3.74
CA LYS A 37 5.68 -1.29 4.87
C LYS A 37 4.30 -0.69 4.65
N VAL A 38 3.34 -1.15 5.43
CA VAL A 38 1.96 -0.72 5.27
C VAL A 38 1.60 0.31 6.32
N GLU A 39 1.24 1.49 5.86
CA GLU A 39 0.76 2.55 6.73
C GLU A 39 -0.77 2.53 6.79
N THR A 40 -1.31 3.01 7.89
CA THR A 40 -2.74 3.11 8.06
C THR A 40 -3.11 4.51 8.58
N GLN A 41 -4.09 5.13 7.94
CA GLN A 41 -4.52 6.47 8.34
C GLN A 41 -6.03 6.50 8.54
N GLY A 42 -6.46 7.06 9.66
CA GLY A 42 -7.87 7.15 9.95
C GLY A 42 -8.39 8.56 9.78
N ALA A 43 -8.45 9.01 8.52
CA ALA A 43 -9.04 10.31 8.15
C ALA A 43 -8.14 11.48 8.54
N THR A 44 -7.57 11.42 9.73
CA THR A 44 -6.66 12.45 10.19
C THR A 44 -5.61 11.87 11.14
N GLY A 45 -5.92 10.71 11.72
CA GLY A 45 -4.99 10.07 12.63
C GLY A 45 -4.16 9.03 11.91
N ILE A 46 -2.89 9.31 11.76
CA ILE A 46 -1.98 8.41 11.06
C ILE A 46 -1.34 7.43 12.04
N GLU A 47 -1.45 6.15 11.75
CA GLU A 47 -0.90 5.10 12.61
C GLU A 47 0.62 5.05 12.52
N ASN A 48 1.11 4.73 11.34
CA ASN A 48 2.54 4.51 11.16
C ASN A 48 3.27 5.82 10.84
N GLU A 49 2.78 6.53 9.82
CA GLU A 49 3.48 7.69 9.26
C GLU A 49 4.78 7.21 8.63
N LEU A 50 4.65 6.75 7.40
CA LEU A 50 5.73 6.11 6.67
C LEU A 50 6.87 7.08 6.41
N THR A 51 7.99 6.85 7.09
CA THR A 51 9.13 7.74 7.01
C THR A 51 9.77 7.70 5.63
N GLU A 52 10.60 8.68 5.32
CA GLU A 52 11.24 8.76 4.02
C GLU A 52 12.15 7.56 3.81
N LYS A 53 12.79 7.11 4.89
CA LYS A 53 13.69 5.96 4.82
C LYS A 53 12.92 4.70 4.44
N ASP A 54 11.74 4.51 5.02
CA ASP A 54 10.90 3.37 4.66
C ASP A 54 10.41 3.52 3.23
N VAL A 55 9.95 4.71 2.91
CA VAL A 55 9.45 5.04 1.59
C VAL A 55 10.50 4.79 0.51
N ASN A 56 11.72 5.25 0.75
CA ASN A 56 12.79 5.15 -0.25
C ASN A 56 13.28 3.72 -0.41
N ILE A 57 12.84 2.83 0.45
CA ILE A 57 13.12 1.41 0.28
C ILE A 57 12.14 0.82 -0.71
N GLY A 58 10.86 1.09 -0.49
CA GLY A 58 9.80 0.57 -1.36
C GLY A 58 9.87 1.14 -2.76
N GLU A 59 9.64 0.29 -3.74
CA GLU A 59 9.70 0.68 -5.13
C GLU A 59 8.33 1.16 -5.60
N VAL A 60 7.35 0.27 -5.58
CA VAL A 60 5.99 0.60 -5.96
C VAL A 60 5.15 0.95 -4.75
N VAL A 61 4.20 1.85 -4.94
CA VAL A 61 3.34 2.31 -3.87
C VAL A 61 1.90 1.92 -4.15
N ILE A 62 1.24 1.31 -3.17
CA ILE A 62 -0.14 0.92 -3.31
C ILE A 62 -1.01 1.68 -2.32
N PHE A 63 -2.01 2.38 -2.81
CA PHE A 63 -2.94 3.08 -1.95
C PHE A 63 -4.29 2.39 -1.92
N ALA A 64 -4.59 1.74 -0.81
CA ALA A 64 -5.93 1.26 -0.56
C ALA A 64 -6.64 2.28 0.29
N VAL A 65 -7.29 3.22 -0.35
CA VAL A 65 -7.79 4.40 0.35
C VAL A 65 -9.18 4.80 -0.11
N ASP A 66 -9.87 5.46 0.79
CA ASP A 66 -11.14 6.10 0.52
C ASP A 66 -10.95 7.61 0.65
N THR A 67 -9.99 7.98 1.47
CA THR A 67 -9.67 9.37 1.72
C THR A 67 -8.21 9.66 1.34
N LYS A 68 -7.80 10.93 1.42
CA LYS A 68 -6.45 11.31 1.02
C LYS A 68 -5.46 11.14 2.18
N VAL A 69 -4.17 11.22 1.88
CA VAL A 69 -3.13 11.06 2.89
C VAL A 69 -2.10 12.19 2.76
N ARG A 70 -1.23 12.31 3.76
CA ARG A 70 -0.19 13.34 3.74
C ARG A 70 1.10 12.82 3.12
N ASN A 71 1.51 11.63 3.56
CA ASN A 71 2.82 11.06 3.20
C ASN A 71 2.91 10.75 1.71
N LYS A 72 1.78 10.93 1.02
CA LYS A 72 1.70 10.82 -0.44
C LYS A 72 2.83 11.61 -1.12
N GLU A 73 3.31 12.66 -0.44
CA GLU A 73 4.43 13.49 -0.91
C GLU A 73 5.58 12.63 -1.41
N ARG A 74 5.99 11.71 -0.54
CA ARG A 74 7.15 10.85 -0.77
C ARG A 74 7.00 9.99 -2.02
N PHE A 75 5.78 9.59 -2.32
CA PHE A 75 5.54 8.61 -3.37
C PHE A 75 5.48 9.26 -4.74
N ASP A 76 5.44 10.60 -4.76
CA ASP A 76 5.36 11.34 -6.02
C ASP A 76 6.61 11.10 -6.86
N GLY A 77 7.73 10.85 -6.18
CA GLY A 77 8.98 10.60 -6.87
C GLY A 77 9.11 9.18 -7.39
N LYS A 78 8.17 8.32 -7.01
CA LYS A 78 8.21 6.92 -7.41
C LYS A 78 6.95 6.54 -8.19
N VAL A 79 6.59 5.27 -8.17
CA VAL A 79 5.47 4.77 -8.96
C VAL A 79 4.33 4.36 -8.04
N VAL A 80 3.15 4.89 -8.31
CA VAL A 80 2.01 4.67 -7.44
C VAL A 80 0.87 3.98 -8.20
N LEU A 81 0.24 3.02 -7.53
CA LEU A 81 -0.94 2.35 -8.06
C LEU A 81 -2.04 2.39 -7.01
N GLU A 82 -2.99 3.30 -7.18
CA GLU A 82 -4.08 3.49 -6.23
C GLU A 82 -5.28 2.64 -6.61
N VAL A 83 -5.95 2.09 -5.60
CA VAL A 83 -7.12 1.25 -5.80
C VAL A 83 -8.17 1.54 -4.74
N PRO A 84 -9.43 1.13 -4.98
CA PRO A 84 -10.48 1.18 -3.95
C PRO A 84 -10.08 0.33 -2.75
N VAL A 85 -10.50 0.74 -1.56
CA VAL A 85 -10.03 0.09 -0.34
C VAL A 85 -10.48 -1.38 -0.26
N SER A 86 -11.61 -1.70 -0.88
CA SER A 86 -12.13 -3.07 -0.87
C SER A 86 -11.34 -3.99 -1.81
N ALA A 87 -10.69 -3.40 -2.81
CA ALA A 87 -10.02 -4.17 -3.85
C ALA A 87 -8.89 -5.06 -3.31
N PRO A 88 -7.91 -4.51 -2.54
CA PRO A 88 -6.76 -5.29 -2.05
C PRO A 88 -7.15 -6.39 -1.08
N ILE A 89 -8.42 -6.42 -0.69
CA ILE A 89 -8.91 -7.45 0.20
C ILE A 89 -9.20 -8.73 -0.59
N LYS A 90 -9.81 -8.57 -1.75
CA LYS A 90 -10.18 -9.71 -2.59
C LYS A 90 -9.12 -9.99 -3.65
N ASP A 91 -8.37 -8.97 -4.01
CA ASP A 91 -7.50 -9.05 -5.18
C ASP A 91 -6.05 -8.72 -4.81
N ALA A 92 -5.68 -8.97 -3.57
CA ALA A 92 -4.38 -8.56 -3.03
C ALA A 92 -3.22 -9.03 -3.91
N GLU A 93 -3.18 -10.31 -4.19
CA GLU A 93 -2.10 -10.88 -4.99
C GLU A 93 -2.07 -10.30 -6.39
N LYS A 94 -3.26 -10.07 -6.96
CA LYS A 94 -3.36 -9.60 -8.33
C LYS A 94 -2.95 -8.13 -8.42
N VAL A 95 -3.35 -7.36 -7.42
CA VAL A 95 -2.98 -5.95 -7.33
C VAL A 95 -1.46 -5.80 -7.20
N ILE A 96 -0.85 -6.64 -6.39
CA ILE A 96 0.59 -6.61 -6.18
C ILE A 96 1.34 -6.95 -7.47
N ASN A 97 0.86 -7.98 -8.18
CA ASN A 97 1.47 -8.36 -9.46
C ASN A 97 1.23 -7.28 -10.51
N ALA A 98 0.11 -6.56 -10.37
CA ALA A 98 -0.20 -5.45 -11.26
C ALA A 98 0.74 -4.29 -11.01
N ALA A 99 0.98 -3.99 -9.73
CA ALA A 99 1.92 -2.94 -9.35
C ALA A 99 3.31 -3.24 -9.89
N LEU A 100 3.68 -4.52 -9.87
CA LEU A 100 4.97 -4.97 -10.40
C LEU A 100 5.09 -4.67 -11.89
N ALA A 101 3.96 -4.64 -12.58
CA ALA A 101 3.95 -4.39 -14.02
C ALA A 101 4.39 -2.96 -14.34
N LEU A 102 4.39 -2.11 -13.33
CA LEU A 102 4.81 -0.72 -13.52
C LEU A 102 6.33 -0.57 -13.44
N ILE A 103 6.99 -1.42 -12.67
CA ILE A 103 8.44 -1.35 -12.51
C ILE A 103 9.15 -2.48 -13.25
N ASP A 104 8.59 -3.66 -13.19
CA ASP A 104 9.14 -4.82 -13.89
C ASP A 104 8.67 -4.83 -15.34
N GLU A 105 7.46 -4.34 -15.53
CA GLU A 105 6.82 -4.28 -16.86
C GLU A 105 6.57 -5.68 -17.41
N LYS A 106 6.66 -6.67 -16.54
CA LYS A 106 6.48 -8.06 -16.93
C LYS A 106 5.15 -8.58 -16.40
N MET A 1 10.20 -12.07 -3.60
CA MET A 1 11.18 -11.23 -4.34
C MET A 1 12.03 -10.38 -3.39
N LYS A 2 11.53 -10.20 -2.16
CA LYS A 2 12.22 -9.41 -1.14
C LYS A 2 12.44 -7.97 -1.59
N ARG A 3 11.49 -7.46 -2.35
CA ARG A 3 11.54 -6.09 -2.82
C ARG A 3 10.74 -5.21 -1.87
N LYS A 4 11.19 -3.98 -1.67
CA LYS A 4 10.52 -3.07 -0.75
C LYS A 4 9.33 -2.41 -1.42
N ILE A 5 8.16 -2.57 -0.82
CA ILE A 5 6.94 -1.95 -1.32
C ILE A 5 6.34 -1.05 -0.24
N ILE A 6 5.98 0.17 -0.61
CA ILE A 6 5.28 1.04 0.31
C ILE A 6 3.81 1.14 -0.09
N ALA A 7 2.94 0.87 0.86
CA ALA A 7 1.52 0.87 0.59
C ALA A 7 0.76 1.59 1.70
N VAL A 8 -0.25 2.35 1.32
CA VAL A 8 -1.05 3.09 2.29
C VAL A 8 -2.52 2.74 2.16
N THR A 9 -3.11 2.30 3.26
CA THR A 9 -4.54 2.06 3.33
C THR A 9 -5.20 3.14 4.16
N ALA A 10 -6.01 3.97 3.53
CA ALA A 10 -6.58 5.13 4.20
C ALA A 10 -8.08 5.22 3.97
N CYS A 11 -8.85 4.72 4.91
CA CYS A 11 -10.29 4.75 4.81
C CYS A 11 -10.87 5.69 5.87
N ALA A 12 -11.76 6.58 5.45
CA ALA A 12 -12.34 7.55 6.36
C ALA A 12 -13.64 7.03 6.92
N THR A 13 -14.57 6.68 6.05
CA THR A 13 -15.83 6.12 6.46
C THR A 13 -15.80 4.60 6.32
N GLY A 14 -15.70 3.92 7.45
CA GLY A 14 -15.57 2.49 7.44
C GLY A 14 -14.22 2.05 7.98
N VAL A 15 -14.05 2.24 9.29
CA VAL A 15 -12.79 1.94 9.95
C VAL A 15 -12.41 0.46 9.89
N ALA A 16 -13.38 -0.39 9.60
CA ALA A 16 -13.10 -1.82 9.46
C ALA A 16 -12.34 -2.09 8.17
N HIS A 17 -12.65 -1.31 7.14
CA HIS A 17 -11.96 -1.44 5.86
C HIS A 17 -10.50 -1.05 6.01
N THR A 18 -10.25 -0.02 6.81
CA THR A 18 -8.91 0.51 7.03
C THR A 18 -7.96 -0.58 7.51
N TYR A 19 -8.37 -1.29 8.55
CA TYR A 19 -7.51 -2.29 9.16
C TYR A 19 -7.51 -3.60 8.39
N MET A 20 -8.64 -3.98 7.81
CA MET A 20 -8.72 -5.25 7.09
C MET A 20 -7.90 -5.21 5.82
N ALA A 21 -7.97 -4.11 5.09
CA ALA A 21 -7.24 -3.94 3.84
C ALA A 21 -5.74 -4.05 4.09
N ALA A 22 -5.27 -3.40 5.15
CA ALA A 22 -3.85 -3.41 5.49
C ALA A 22 -3.37 -4.83 5.81
N GLN A 23 -4.19 -5.57 6.55
CA GLN A 23 -3.83 -6.93 6.94
C GLN A 23 -3.77 -7.86 5.73
N ALA A 24 -4.81 -7.82 4.90
CA ALA A 24 -4.89 -8.70 3.73
C ALA A 24 -3.80 -8.36 2.72
N LEU A 25 -3.59 -7.06 2.51
CA LEU A 25 -2.55 -6.58 1.59
C LEU A 25 -1.16 -7.02 2.06
N LYS A 26 -0.90 -6.82 3.34
CA LYS A 26 0.40 -7.16 3.93
C LYS A 26 0.63 -8.66 3.87
N LYS A 27 -0.41 -9.43 4.15
CA LYS A 27 -0.33 -10.88 4.09
C LYS A 27 -0.12 -11.36 2.66
N GLY A 28 -0.77 -10.70 1.72
CA GLY A 28 -0.63 -11.06 0.32
C GLY A 28 0.77 -10.84 -0.20
N ALA A 29 1.39 -9.75 0.25
CA ALA A 29 2.75 -9.42 -0.17
C ALA A 29 3.75 -10.38 0.45
N LYS A 30 3.52 -10.74 1.70
CA LYS A 30 4.41 -11.65 2.40
C LYS A 30 4.30 -13.06 1.83
N LYS A 31 3.15 -13.36 1.24
CA LYS A 31 2.93 -14.64 0.59
C LYS A 31 3.92 -14.81 -0.56
N MET A 32 4.35 -13.71 -1.13
CA MET A 32 5.28 -13.73 -2.25
C MET A 32 6.70 -13.46 -1.78
N GLY A 33 6.89 -13.50 -0.46
CA GLY A 33 8.20 -13.27 0.12
C GLY A 33 8.73 -11.89 -0.17
N ASN A 34 7.96 -10.88 0.18
CA ASN A 34 8.36 -9.50 -0.06
C ASN A 34 8.37 -8.72 1.23
N LEU A 35 8.95 -7.53 1.18
CA LEU A 35 9.03 -6.68 2.35
C LEU A 35 8.19 -5.44 2.12
N ILE A 36 6.95 -5.49 2.59
CA ILE A 36 6.01 -4.41 2.37
C ILE A 36 5.81 -3.61 3.64
N LYS A 37 5.66 -2.31 3.47
CA LYS A 37 5.35 -1.41 4.58
C LYS A 37 3.99 -0.79 4.35
N VAL A 38 3.01 -1.26 5.09
CA VAL A 38 1.65 -0.78 4.95
C VAL A 38 1.34 0.28 5.98
N GLU A 39 0.98 1.46 5.50
CA GLU A 39 0.59 2.56 6.38
C GLU A 39 -0.92 2.58 6.50
N THR A 40 -1.42 2.74 7.71
CA THR A 40 -2.84 2.70 7.96
C THR A 40 -3.34 4.08 8.38
N GLN A 41 -3.81 4.86 7.43
CA GLN A 41 -4.26 6.22 7.72
C GLN A 41 -5.75 6.22 8.05
N GLY A 42 -6.05 6.40 9.33
CA GLY A 42 -7.42 6.49 9.77
C GLY A 42 -7.98 7.88 9.53
N ALA A 43 -8.16 8.21 8.25
CA ALA A 43 -8.70 9.49 7.81
C ALA A 43 -7.68 10.62 8.05
N THR A 44 -7.56 11.05 9.29
CA THR A 44 -6.61 12.11 9.63
C THR A 44 -5.41 11.52 10.37
N GLY A 45 -5.64 10.43 11.07
CA GLY A 45 -4.59 9.81 11.85
C GLY A 45 -3.78 8.84 11.02
N ILE A 46 -2.57 8.53 11.46
CA ILE A 46 -1.70 7.66 10.70
C ILE A 46 -1.11 6.56 11.57
N GLU A 47 -1.47 5.32 11.27
CA GLU A 47 -0.87 4.17 11.93
C GLU A 47 0.43 3.79 11.21
N ASN A 48 1.43 3.41 12.01
CA ASN A 48 2.73 2.93 11.49
C ASN A 48 3.58 4.09 11.00
N GLU A 49 3.09 4.79 9.99
CA GLU A 49 3.81 5.91 9.36
C GLU A 49 5.06 5.40 8.63
N LEU A 50 5.02 5.46 7.31
CA LEU A 50 6.10 4.95 6.48
C LEU A 50 7.39 5.74 6.69
N THR A 51 8.42 5.05 7.13
CA THR A 51 9.71 5.66 7.40
C THR A 51 10.40 6.09 6.12
N GLU A 52 11.19 7.16 6.19
CA GLU A 52 11.87 7.72 5.03
C GLU A 52 12.76 6.69 4.36
N LYS A 53 13.46 5.92 5.17
CA LYS A 53 14.36 4.88 4.66
C LYS A 53 13.58 3.88 3.83
N ASP A 54 12.40 3.51 4.31
CA ASP A 54 11.56 2.54 3.62
C ASP A 54 10.95 3.15 2.36
N VAL A 55 10.56 4.42 2.46
CA VAL A 55 9.97 5.12 1.33
C VAL A 55 10.93 5.21 0.14
N ASN A 56 12.18 5.56 0.43
CA ASN A 56 13.17 5.78 -0.62
C ASN A 56 13.66 4.47 -1.23
N ILE A 57 13.63 3.39 -0.44
CA ILE A 57 14.05 2.08 -0.94
C ILE A 57 12.86 1.35 -1.58
N GLY A 58 11.67 1.65 -1.10
CA GLY A 58 10.47 1.09 -1.70
C GLY A 58 10.33 1.43 -3.17
N GLU A 59 10.07 0.42 -3.98
CA GLU A 59 9.98 0.59 -5.42
C GLU A 59 8.61 1.10 -5.82
N VAL A 60 7.61 0.24 -5.72
CA VAL A 60 6.27 0.59 -6.14
C VAL A 60 5.44 1.07 -4.96
N VAL A 61 4.57 2.03 -5.22
CA VAL A 61 3.73 2.60 -4.19
C VAL A 61 2.29 2.19 -4.42
N ILE A 62 1.73 1.48 -3.45
CA ILE A 62 0.36 0.99 -3.56
C ILE A 62 -0.56 1.76 -2.62
N PHE A 63 -1.70 2.18 -3.12
CA PHE A 63 -2.68 2.86 -2.30
C PHE A 63 -4.02 2.14 -2.34
N ALA A 64 -4.60 1.98 -1.17
CA ALA A 64 -5.96 1.45 -1.04
C ALA A 64 -6.73 2.39 -0.13
N VAL A 65 -7.40 3.36 -0.71
CA VAL A 65 -7.92 4.47 0.07
C VAL A 65 -9.39 4.79 -0.22
N ASP A 66 -10.04 5.29 0.82
CA ASP A 66 -11.40 5.80 0.73
C ASP A 66 -11.37 7.32 0.79
N THR A 67 -10.36 7.84 1.50
CA THR A 67 -10.15 9.27 1.62
C THR A 67 -8.78 9.63 1.02
N LYS A 68 -8.34 10.87 1.20
CA LYS A 68 -7.04 11.28 0.67
C LYS A 68 -5.91 10.78 1.59
N VAL A 69 -4.69 10.86 1.11
CA VAL A 69 -3.55 10.36 1.87
C VAL A 69 -2.63 11.51 2.26
N ARG A 70 -2.12 11.46 3.48
CA ARG A 70 -1.24 12.52 3.98
C ARG A 70 0.19 12.31 3.49
N ASN A 71 0.76 11.16 3.78
CA ASN A 71 2.16 10.88 3.44
C ASN A 71 2.34 10.61 1.94
N LYS A 72 1.24 10.51 1.21
CA LYS A 72 1.27 10.27 -0.22
C LYS A 72 2.16 11.28 -0.95
N GLU A 73 2.29 12.46 -0.35
CA GLU A 73 3.09 13.55 -0.90
C GLU A 73 4.52 13.14 -1.27
N ARG A 74 5.13 12.24 -0.51
CA ARG A 74 6.52 11.88 -0.74
C ARG A 74 6.68 10.86 -1.87
N PHE A 75 5.58 10.33 -2.38
CA PHE A 75 5.63 9.41 -3.50
C PHE A 75 5.33 10.12 -4.81
N ASP A 76 5.53 11.44 -4.80
CA ASP A 76 5.21 12.29 -5.95
C ASP A 76 5.93 11.86 -7.23
N GLY A 77 7.19 11.50 -7.11
CA GLY A 77 7.96 11.11 -8.28
C GLY A 77 8.16 9.61 -8.35
N LYS A 78 7.37 8.89 -7.56
CA LYS A 78 7.48 7.45 -7.47
C LYS A 78 6.31 6.79 -8.18
N VAL A 79 6.45 5.51 -8.50
CA VAL A 79 5.43 4.81 -9.26
C VAL A 79 4.21 4.50 -8.38
N VAL A 80 3.08 5.09 -8.75
CA VAL A 80 1.88 5.02 -7.93
C VAL A 80 0.81 4.12 -8.54
N LEU A 81 0.42 3.10 -7.78
CA LEU A 81 -0.69 2.24 -8.16
C LEU A 81 -1.76 2.34 -7.09
N GLU A 82 -2.88 2.97 -7.43
CA GLU A 82 -3.92 3.24 -6.46
C GLU A 82 -5.20 2.47 -6.81
N VAL A 83 -5.76 1.82 -5.80
CA VAL A 83 -7.01 1.08 -5.95
C VAL A 83 -7.94 1.37 -4.77
N PRO A 84 -9.22 0.99 -4.85
CA PRO A 84 -10.16 1.11 -3.73
C PRO A 84 -9.71 0.29 -2.52
N VAL A 85 -10.11 0.72 -1.34
CA VAL A 85 -9.66 0.09 -0.10
C VAL A 85 -10.18 -1.34 0.03
N SER A 86 -11.29 -1.62 -0.64
CA SER A 86 -11.88 -2.95 -0.63
C SER A 86 -11.12 -3.94 -1.51
N ALA A 87 -10.37 -3.42 -2.48
CA ALA A 87 -9.72 -4.25 -3.50
C ALA A 87 -8.63 -5.19 -2.93
N PRO A 88 -7.65 -4.68 -2.16
CA PRO A 88 -6.52 -5.49 -1.70
C PRO A 88 -6.90 -6.55 -0.67
N ILE A 89 -8.16 -6.56 -0.26
CA ILE A 89 -8.64 -7.58 0.65
C ILE A 89 -8.75 -8.92 -0.08
N LYS A 90 -9.31 -8.88 -1.28
CA LYS A 90 -9.43 -10.06 -2.11
C LYS A 90 -8.29 -10.14 -3.12
N ASP A 91 -8.07 -9.04 -3.83
CA ASP A 91 -7.14 -9.02 -4.96
C ASP A 91 -5.75 -8.53 -4.55
N ALA A 92 -5.33 -8.90 -3.35
CA ALA A 92 -4.03 -8.48 -2.82
C ALA A 92 -2.91 -8.82 -3.81
N GLU A 93 -2.89 -10.07 -4.28
CA GLU A 93 -1.86 -10.53 -5.21
C GLU A 93 -1.95 -9.78 -6.53
N LYS A 94 -3.18 -9.48 -6.94
CA LYS A 94 -3.41 -8.78 -8.21
C LYS A 94 -2.85 -7.37 -8.13
N VAL A 95 -3.13 -6.70 -7.03
CA VAL A 95 -2.66 -5.34 -6.81
C VAL A 95 -1.14 -5.27 -6.81
N ILE A 96 -0.52 -6.22 -6.11
CA ILE A 96 0.94 -6.29 -6.04
C ILE A 96 1.54 -6.58 -7.41
N ASN A 97 1.01 -7.61 -8.08
CA ASN A 97 1.49 -7.98 -9.41
C ASN A 97 1.31 -6.85 -10.39
N ALA A 98 0.17 -6.16 -10.32
CA ALA A 98 -0.11 -5.04 -11.20
C ALA A 98 0.92 -3.93 -11.03
N ALA A 99 1.32 -3.69 -9.79
CA ALA A 99 2.32 -2.66 -9.49
C ALA A 99 3.65 -2.99 -10.16
N LEU A 100 4.12 -4.23 -9.99
CA LEU A 100 5.36 -4.68 -10.61
C LEU A 100 5.20 -4.75 -12.13
N ALA A 101 3.99 -5.03 -12.58
CA ALA A 101 3.70 -5.13 -14.00
C ALA A 101 3.83 -3.77 -14.69
N LEU A 102 3.81 -2.71 -13.91
CA LEU A 102 3.92 -1.36 -14.45
C LEU A 102 5.37 -1.00 -14.76
N ILE A 103 6.31 -1.73 -14.16
CA ILE A 103 7.72 -1.44 -14.34
C ILE A 103 8.47 -2.60 -15.00
N ASP A 104 8.15 -3.82 -14.60
CA ASP A 104 8.87 -4.99 -15.10
C ASP A 104 7.93 -5.95 -15.83
N GLU A 105 6.64 -5.84 -15.53
CA GLU A 105 5.62 -6.74 -16.08
C GLU A 105 5.79 -8.16 -15.56
N LYS A 106 5.19 -8.44 -14.43
CA LYS A 106 5.13 -9.79 -13.92
C LYS A 106 3.68 -10.24 -13.81
N MET A 1 13.16 -13.33 -4.39
CA MET A 1 12.94 -11.95 -4.88
C MET A 1 13.03 -10.97 -3.71
N LYS A 2 12.02 -11.00 -2.84
CA LYS A 2 11.88 -10.07 -1.73
C LYS A 2 11.98 -8.63 -2.20
N ARG A 3 10.90 -8.13 -2.78
CA ARG A 3 10.85 -6.77 -3.29
C ARG A 3 10.43 -5.82 -2.18
N LYS A 4 10.55 -4.52 -2.43
CA LYS A 4 10.19 -3.52 -1.43
C LYS A 4 8.97 -2.77 -1.89
N ILE A 5 7.94 -2.72 -1.04
CA ILE A 5 6.70 -2.04 -1.40
C ILE A 5 6.16 -1.20 -0.24
N ILE A 6 5.81 0.04 -0.52
CA ILE A 6 5.13 0.86 0.46
C ILE A 6 3.69 1.08 0.00
N ALA A 7 2.74 0.85 0.89
CA ALA A 7 1.34 0.92 0.53
C ALA A 7 0.52 1.52 1.66
N VAL A 8 -0.25 2.55 1.33
CA VAL A 8 -1.12 3.18 2.31
C VAL A 8 -2.53 2.60 2.19
N THR A 9 -2.99 1.98 3.26
CA THR A 9 -4.34 1.42 3.30
C THR A 9 -5.15 2.12 4.39
N ALA A 10 -6.18 2.86 3.97
CA ALA A 10 -6.98 3.63 4.91
C ALA A 10 -8.33 3.97 4.32
N CYS A 11 -9.28 4.31 5.17
CA CYS A 11 -10.60 4.70 4.73
C CYS A 11 -11.29 5.53 5.80
N ALA A 12 -12.03 6.54 5.37
CA ALA A 12 -12.75 7.40 6.28
C ALA A 12 -14.14 6.85 6.53
N THR A 13 -14.69 6.22 5.51
CA THR A 13 -15.97 5.54 5.63
C THR A 13 -15.78 4.03 5.52
N GLY A 14 -16.42 3.29 6.42
CA GLY A 14 -16.24 1.86 6.47
C GLY A 14 -14.87 1.49 7.00
N VAL A 15 -14.59 1.94 8.22
CA VAL A 15 -13.26 1.90 8.81
C VAL A 15 -12.69 0.47 8.94
N ALA A 16 -13.55 -0.53 8.85
CA ALA A 16 -13.10 -1.93 8.87
C ALA A 16 -12.15 -2.21 7.72
N HIS A 17 -12.29 -1.45 6.64
CA HIS A 17 -11.46 -1.62 5.47
C HIS A 17 -10.00 -1.30 5.78
N THR A 18 -9.78 -0.30 6.62
CA THR A 18 -8.42 0.13 6.96
C THR A 18 -7.61 -1.02 7.56
N TYR A 19 -8.26 -1.84 8.35
CA TYR A 19 -7.56 -2.90 9.07
C TYR A 19 -7.54 -4.19 8.26
N MET A 20 -8.68 -4.52 7.66
CA MET A 20 -8.79 -5.75 6.88
C MET A 20 -7.89 -5.71 5.64
N ALA A 21 -7.85 -4.56 4.97
CA ALA A 21 -7.05 -4.42 3.75
C ALA A 21 -5.57 -4.60 4.04
N ALA A 22 -5.08 -3.93 5.08
CA ALA A 22 -3.67 -3.98 5.44
C ALA A 22 -3.23 -5.41 5.76
N GLN A 23 -4.08 -6.14 6.49
CA GLN A 23 -3.75 -7.50 6.90
C GLN A 23 -3.81 -8.46 5.70
N ALA A 24 -4.82 -8.30 4.86
CA ALA A 24 -4.97 -9.15 3.69
C ALA A 24 -3.87 -8.86 2.68
N LEU A 25 -3.54 -7.59 2.55
CA LEU A 25 -2.44 -7.16 1.69
C LEU A 25 -1.12 -7.71 2.24
N LYS A 26 -1.00 -7.67 3.56
CA LYS A 26 0.16 -8.23 4.26
C LYS A 26 0.29 -9.72 3.94
N LYS A 27 -0.85 -10.41 3.97
CA LYS A 27 -0.92 -11.83 3.68
C LYS A 27 -0.41 -12.12 2.27
N GLY A 28 -0.90 -11.33 1.30
CA GLY A 28 -0.46 -11.49 -0.07
C GLY A 28 1.02 -11.22 -0.23
N ALA A 29 1.49 -10.16 0.41
CA ALA A 29 2.91 -9.81 0.38
C ALA A 29 3.75 -10.89 1.02
N LYS A 30 3.24 -11.48 2.10
CA LYS A 30 3.91 -12.57 2.79
C LYS A 30 3.98 -13.80 1.88
N LYS A 31 2.90 -14.03 1.14
CA LYS A 31 2.82 -15.17 0.23
C LYS A 31 3.84 -15.04 -0.89
N MET A 32 3.85 -13.88 -1.54
CA MET A 32 4.75 -13.61 -2.65
C MET A 32 6.19 -13.50 -2.15
N GLY A 33 6.34 -13.14 -0.88
CA GLY A 33 7.65 -13.09 -0.27
C GLY A 33 8.36 -11.79 -0.55
N ASN A 34 7.78 -10.69 -0.08
CA ASN A 34 8.41 -9.38 -0.22
C ASN A 34 8.32 -8.59 1.08
N LEU A 35 8.91 -7.41 1.08
CA LEU A 35 8.91 -6.55 2.25
C LEU A 35 7.97 -5.38 2.01
N ILE A 36 6.86 -5.36 2.73
CA ILE A 36 5.86 -4.35 2.51
C ILE A 36 5.69 -3.46 3.74
N LYS A 37 5.50 -2.18 3.48
CA LYS A 37 5.24 -1.20 4.52
C LYS A 37 3.85 -0.63 4.33
N VAL A 38 2.91 -1.11 5.13
CA VAL A 38 1.53 -0.65 5.03
C VAL A 38 1.27 0.49 6.01
N GLU A 39 0.74 1.58 5.49
CA GLU A 39 0.44 2.75 6.31
C GLU A 39 -1.02 2.71 6.74
N THR A 40 -1.30 3.22 7.93
CA THR A 40 -2.63 3.15 8.50
C THR A 40 -3.10 4.53 8.93
N GLN A 41 -4.20 4.98 8.35
CA GLN A 41 -4.80 6.26 8.71
C GLN A 41 -6.25 6.03 9.11
N GLY A 42 -6.69 6.69 10.18
CA GLY A 42 -8.06 6.57 10.61
C GLY A 42 -8.96 7.54 9.87
N ALA A 43 -8.67 8.83 10.02
CA ALA A 43 -9.42 9.87 9.34
C ALA A 43 -8.49 10.99 8.91
N THR A 44 -7.54 11.32 9.78
CA THR A 44 -6.52 12.31 9.45
C THR A 44 -5.20 11.98 10.14
N GLY A 45 -5.29 11.15 11.19
CA GLY A 45 -4.11 10.75 11.91
C GLY A 45 -3.51 9.47 11.37
N ILE A 46 -2.21 9.50 11.11
CA ILE A 46 -1.51 8.35 10.59
C ILE A 46 -0.78 7.63 11.71
N GLU A 47 -1.00 6.33 11.81
CA GLU A 47 -0.41 5.55 12.89
C GLU A 47 0.92 4.93 12.42
N ASN A 48 0.87 4.20 11.32
CA ASN A 48 2.07 3.58 10.78
C ASN A 48 2.65 4.48 9.70
N GLU A 49 3.27 5.55 10.14
CA GLU A 49 3.82 6.57 9.23
C GLU A 49 4.96 6.01 8.39
N LEU A 50 4.85 6.12 7.08
CA LEU A 50 5.94 5.74 6.19
C LEU A 50 6.96 6.86 6.11
N THR A 51 8.14 6.61 6.65
CA THR A 51 9.17 7.64 6.76
C THR A 51 10.08 7.64 5.54
N GLU A 52 10.97 8.63 5.48
CA GLU A 52 11.91 8.80 4.36
C GLU A 52 12.62 7.48 4.04
N LYS A 53 13.10 6.82 5.09
CA LYS A 53 13.81 5.56 4.96
C LYS A 53 12.96 4.51 4.24
N ASP A 54 11.73 4.34 4.71
CA ASP A 54 10.84 3.32 4.15
C ASP A 54 10.52 3.63 2.70
N VAL A 55 10.23 4.89 2.45
CA VAL A 55 9.79 5.36 1.15
C VAL A 55 10.86 5.13 0.07
N ASN A 56 12.11 5.40 0.41
CA ASN A 56 13.19 5.30 -0.56
C ASN A 56 13.61 3.86 -0.79
N ILE A 57 13.30 2.99 0.15
CA ILE A 57 13.58 1.58 -0.01
C ILE A 57 12.52 0.92 -0.88
N GLY A 58 11.26 1.28 -0.63
CA GLY A 58 10.16 0.74 -1.40
C GLY A 58 10.22 1.11 -2.88
N GLU A 59 9.96 0.13 -3.73
CA GLU A 59 9.99 0.33 -5.17
C GLU A 59 8.71 1.03 -5.62
N VAL A 60 7.58 0.35 -5.44
CA VAL A 60 6.29 0.85 -5.87
C VAL A 60 5.46 1.29 -4.68
N VAL A 61 4.58 2.25 -4.92
CA VAL A 61 3.70 2.76 -3.88
C VAL A 61 2.25 2.44 -4.22
N ILE A 62 1.62 1.60 -3.43
CA ILE A 62 0.24 1.25 -3.67
C ILE A 62 -0.67 2.04 -2.74
N PHE A 63 -1.71 2.64 -3.29
CA PHE A 63 -2.66 3.39 -2.50
C PHE A 63 -4.02 2.73 -2.52
N ALA A 64 -4.44 2.20 -1.41
CA ALA A 64 -5.79 1.69 -1.25
C ALA A 64 -6.48 2.48 -0.17
N VAL A 65 -7.14 3.56 -0.56
CA VAL A 65 -7.64 4.51 0.40
C VAL A 65 -9.00 5.08 0.01
N ASP A 66 -9.84 5.24 1.02
CA ASP A 66 -11.11 5.96 0.87
C ASP A 66 -10.92 7.39 1.35
N THR A 67 -9.88 7.59 2.14
CA THR A 67 -9.52 8.90 2.64
C THR A 67 -8.20 9.34 2.01
N LYS A 68 -7.96 10.65 1.93
CA LYS A 68 -6.76 11.15 1.28
C LYS A 68 -5.56 11.02 2.20
N VAL A 69 -4.37 11.07 1.62
CA VAL A 69 -3.15 10.93 2.38
C VAL A 69 -2.29 12.18 2.25
N ARG A 70 -1.47 12.44 3.26
CA ARG A 70 -0.51 13.54 3.19
C ARG A 70 0.81 13.05 2.62
N ASN A 71 1.25 11.89 3.09
CA ASN A 71 2.60 11.37 2.80
C ASN A 71 2.85 11.17 1.31
N LYS A 72 1.80 11.31 0.51
CA LYS A 72 1.91 11.26 -0.95
C LYS A 72 3.01 12.22 -1.44
N GLU A 73 3.31 13.24 -0.63
CA GLU A 73 4.38 14.21 -0.90
C GLU A 73 5.63 13.50 -1.44
N ARG A 74 6.02 12.42 -0.77
CA ARG A 74 7.27 11.74 -1.07
C ARG A 74 7.08 10.69 -2.17
N PHE A 75 5.86 10.17 -2.29
CA PHE A 75 5.56 9.19 -3.32
C PHE A 75 5.21 9.87 -4.65
N ASP A 76 5.03 11.19 -4.60
CA ASP A 76 4.63 11.97 -5.76
C ASP A 76 5.63 11.85 -6.90
N GLY A 77 6.88 11.60 -6.55
CA GLY A 77 7.91 11.42 -7.56
C GLY A 77 8.33 9.98 -7.70
N LYS A 78 7.45 9.07 -7.29
CA LYS A 78 7.73 7.64 -7.34
C LYS A 78 6.66 6.94 -8.16
N VAL A 79 6.80 5.63 -8.32
CA VAL A 79 5.85 4.85 -9.10
C VAL A 79 4.74 4.34 -8.19
N VAL A 80 3.53 4.86 -8.38
CA VAL A 80 2.41 4.49 -7.53
C VAL A 80 1.31 3.80 -8.33
N LEU A 81 0.44 3.11 -7.61
CA LEU A 81 -0.72 2.47 -8.21
C LEU A 81 -1.89 2.56 -7.22
N GLU A 82 -2.93 3.29 -7.61
CA GLU A 82 -4.06 3.52 -6.73
C GLU A 82 -5.19 2.54 -7.02
N VAL A 83 -5.74 1.98 -5.96
CA VAL A 83 -6.87 1.05 -6.05
C VAL A 83 -7.86 1.31 -4.92
N PRO A 84 -9.09 0.80 -5.03
CA PRO A 84 -10.08 0.86 -3.96
C PRO A 84 -9.57 0.12 -2.71
N VAL A 85 -9.93 0.62 -1.54
CA VAL A 85 -9.45 0.04 -0.29
C VAL A 85 -9.95 -1.41 -0.10
N SER A 86 -11.08 -1.73 -0.72
CA SER A 86 -11.64 -3.07 -0.66
C SER A 86 -10.87 -4.06 -1.53
N ALA A 87 -10.12 -3.54 -2.50
CA ALA A 87 -9.43 -4.38 -3.48
C ALA A 87 -8.38 -5.31 -2.85
N PRO A 88 -7.42 -4.77 -2.05
CA PRO A 88 -6.36 -5.59 -1.44
C PRO A 88 -6.89 -6.57 -0.40
N ILE A 89 -8.17 -6.47 -0.09
CA ILE A 89 -8.80 -7.39 0.84
C ILE A 89 -8.97 -8.76 0.19
N LYS A 90 -9.53 -8.76 -1.01
CA LYS A 90 -9.79 -10.01 -1.73
C LYS A 90 -8.67 -10.33 -2.71
N ASP A 91 -8.18 -9.31 -3.40
CA ASP A 91 -7.34 -9.51 -4.57
C ASP A 91 -5.99 -8.80 -4.41
N ALA A 92 -5.45 -8.89 -3.20
CA ALA A 92 -4.19 -8.24 -2.86
C ALA A 92 -3.06 -8.62 -3.82
N GLU A 93 -3.00 -9.89 -4.18
CA GLU A 93 -1.92 -10.41 -4.99
C GLU A 93 -1.89 -9.78 -6.37
N LYS A 94 -3.06 -9.61 -6.98
CA LYS A 94 -3.13 -9.03 -8.31
C LYS A 94 -2.74 -7.56 -8.27
N VAL A 95 -3.13 -6.89 -7.19
CA VAL A 95 -2.78 -5.49 -6.98
C VAL A 95 -1.26 -5.33 -6.91
N ILE A 96 -0.61 -6.24 -6.18
CA ILE A 96 0.84 -6.23 -6.06
C ILE A 96 1.50 -6.45 -7.42
N ASN A 97 1.02 -7.46 -8.15
CA ASN A 97 1.55 -7.77 -9.49
C ASN A 97 1.34 -6.59 -10.44
N ALA A 98 0.19 -5.93 -10.33
CA ALA A 98 -0.12 -4.78 -11.17
C ALA A 98 0.93 -3.68 -10.99
N ALA A 99 1.36 -3.48 -9.75
CA ALA A 99 2.37 -2.46 -9.44
C ALA A 99 3.73 -2.87 -10.01
N LEU A 100 4.04 -4.16 -9.91
CA LEU A 100 5.30 -4.67 -10.43
C LEU A 100 5.36 -4.58 -11.95
N ALA A 101 4.20 -4.69 -12.57
CA ALA A 101 4.09 -4.59 -14.03
C ALA A 101 4.37 -3.17 -14.51
N LEU A 102 4.29 -2.21 -13.61
CA LEU A 102 4.54 -0.81 -13.96
C LEU A 102 6.03 -0.50 -13.97
N ILE A 103 6.79 -1.25 -13.19
CA ILE A 103 8.23 -1.00 -13.08
C ILE A 103 9.06 -1.97 -13.91
N ASP A 104 8.75 -3.25 -13.82
CA ASP A 104 9.55 -4.27 -14.48
C ASP A 104 8.73 -5.02 -15.53
N GLU A 105 7.42 -4.88 -15.44
CA GLU A 105 6.49 -5.62 -16.28
C GLU A 105 6.57 -7.12 -15.99
N LYS A 106 6.41 -7.47 -14.72
CA LYS A 106 6.30 -8.87 -14.34
C LYS A 106 4.83 -9.25 -14.22
N MET A 1 13.88 -11.20 -4.97
CA MET A 1 12.49 -11.69 -4.84
C MET A 1 11.66 -10.72 -4.02
N LYS A 2 12.18 -10.34 -2.86
CA LYS A 2 11.48 -9.43 -1.98
C LYS A 2 11.45 -8.03 -2.56
N ARG A 3 10.35 -7.68 -3.19
CA ARG A 3 10.18 -6.34 -3.72
C ARG A 3 9.87 -5.39 -2.57
N LYS A 4 10.30 -4.16 -2.69
CA LYS A 4 10.06 -3.16 -1.67
C LYS A 4 8.78 -2.41 -1.99
N ILE A 5 7.81 -2.50 -1.09
CA ILE A 5 6.51 -1.89 -1.34
C ILE A 5 6.11 -0.98 -0.18
N ILE A 6 5.77 0.26 -0.49
CA ILE A 6 5.19 1.15 0.50
C ILE A 6 3.69 1.32 0.22
N ALA A 7 2.89 1.00 1.21
CA ALA A 7 1.45 1.00 1.02
C ALA A 7 0.75 1.77 2.13
N VAL A 8 -0.24 2.55 1.76
CA VAL A 8 -1.02 3.28 2.73
C VAL A 8 -2.49 2.88 2.64
N THR A 9 -3.01 2.36 3.72
CA THR A 9 -4.42 1.99 3.78
C THR A 9 -5.20 3.04 4.57
N ALA A 10 -6.18 3.65 3.92
CA ALA A 10 -6.93 4.73 4.54
C ALA A 10 -8.42 4.58 4.25
N CYS A 11 -9.24 5.25 5.05
CA CYS A 11 -10.69 5.18 4.87
C CYS A 11 -11.34 6.43 5.44
N ALA A 12 -12.49 6.80 4.89
CA ALA A 12 -13.23 7.96 5.39
C ALA A 12 -14.53 7.53 6.06
N THR A 13 -14.95 6.30 5.78
CA THR A 13 -16.19 5.79 6.30
C THR A 13 -15.97 4.88 7.51
N GLY A 14 -15.73 3.61 7.26
CA GLY A 14 -15.45 2.68 8.34
C GLY A 14 -13.96 2.51 8.55
N VAL A 15 -13.47 2.97 9.69
CA VAL A 15 -12.04 2.95 9.98
C VAL A 15 -11.46 1.54 9.91
N ALA A 16 -12.27 0.56 10.31
CA ALA A 16 -11.85 -0.84 10.36
C ALA A 16 -11.39 -1.37 9.01
N HIS A 17 -11.83 -0.72 7.93
CA HIS A 17 -11.46 -1.16 6.58
C HIS A 17 -9.96 -1.05 6.35
N THR A 18 -9.33 -0.10 7.03
CA THR A 18 -7.89 0.12 6.89
C THR A 18 -7.10 -1.11 7.34
N TYR A 19 -7.39 -1.56 8.55
CA TYR A 19 -6.73 -2.73 9.12
C TYR A 19 -6.97 -3.96 8.26
N MET A 20 -8.22 -4.15 7.84
CA MET A 20 -8.56 -5.31 7.01
C MET A 20 -7.78 -5.29 5.70
N ALA A 21 -7.73 -4.14 5.06
CA ALA A 21 -7.01 -3.98 3.81
C ALA A 21 -5.52 -4.25 4.03
N ALA A 22 -4.97 -3.67 5.08
CA ALA A 22 -3.56 -3.85 5.42
C ALA A 22 -3.23 -5.31 5.66
N GLN A 23 -4.07 -5.98 6.44
CA GLN A 23 -3.85 -7.38 6.78
C GLN A 23 -3.90 -8.27 5.55
N ALA A 24 -4.93 -8.09 4.73
CA ALA A 24 -5.10 -8.92 3.54
C ALA A 24 -4.04 -8.63 2.50
N LEU A 25 -3.67 -7.36 2.38
CA LEU A 25 -2.62 -6.94 1.48
C LEU A 25 -1.27 -7.51 1.92
N LYS A 26 -0.97 -7.39 3.21
CA LYS A 26 0.28 -7.90 3.77
C LYS A 26 0.32 -9.43 3.70
N LYS A 27 -0.86 -10.03 3.73
CA LYS A 27 -1.00 -11.47 3.56
C LYS A 27 -0.39 -11.92 2.23
N GLY A 28 -0.80 -11.25 1.16
CA GLY A 28 -0.32 -11.59 -0.16
C GLY A 28 1.16 -11.36 -0.32
N ALA A 29 1.65 -10.29 0.30
CA ALA A 29 3.07 -9.96 0.25
C ALA A 29 3.90 -11.05 0.90
N LYS A 30 3.46 -11.52 2.05
CA LYS A 30 4.15 -12.61 2.75
C LYS A 30 4.01 -13.92 1.99
N LYS A 31 2.84 -14.10 1.37
CA LYS A 31 2.54 -15.29 0.59
C LYS A 31 3.52 -15.46 -0.56
N MET A 32 3.90 -14.35 -1.17
CA MET A 32 4.81 -14.38 -2.30
C MET A 32 6.25 -14.10 -1.87
N GLY A 33 6.43 -13.60 -0.66
CA GLY A 33 7.76 -13.38 -0.13
C GLY A 33 8.33 -12.02 -0.47
N ASN A 34 7.58 -10.98 -0.18
CA ASN A 34 8.01 -9.61 -0.45
C ASN A 34 8.08 -8.80 0.83
N LEU A 35 8.61 -7.58 0.73
CA LEU A 35 8.73 -6.69 1.88
C LEU A 35 7.82 -5.49 1.70
N ILE A 36 6.82 -5.38 2.55
CA ILE A 36 5.83 -4.32 2.40
C ILE A 36 5.69 -3.52 3.69
N LYS A 37 5.56 -2.22 3.54
CA LYS A 37 5.31 -1.34 4.67
C LYS A 37 3.95 -0.69 4.52
N VAL A 38 2.98 -1.20 5.27
CA VAL A 38 1.63 -0.69 5.19
C VAL A 38 1.36 0.26 6.35
N GLU A 39 0.94 1.46 6.02
CA GLU A 39 0.55 2.43 7.03
C GLU A 39 -0.95 2.40 7.25
N THR A 40 -1.36 2.54 8.48
CA THR A 40 -2.77 2.59 8.81
C THR A 40 -3.22 4.04 8.91
N GLN A 41 -3.81 4.56 7.85
CA GLN A 41 -4.31 5.91 7.88
C GLN A 41 -5.79 5.87 8.24
N GLY A 42 -6.04 5.95 9.55
CA GLY A 42 -7.36 5.66 10.09
C GLY A 42 -8.44 6.54 9.51
N ALA A 43 -8.41 7.81 9.87
CA ALA A 43 -9.37 8.77 9.36
C ALA A 43 -8.65 9.98 8.81
N THR A 44 -7.95 9.78 7.70
CA THR A 44 -7.09 10.81 7.11
C THR A 44 -5.97 11.17 8.09
N GLY A 45 -5.75 10.27 9.05
CA GLY A 45 -4.74 10.48 10.07
C GLY A 45 -3.78 9.31 10.14
N ILE A 46 -2.58 9.57 10.60
CA ILE A 46 -1.51 8.59 10.53
C ILE A 46 -1.43 7.72 11.78
N GLU A 47 -1.17 6.43 11.59
CA GLU A 47 -0.90 5.54 12.72
C GLU A 47 0.52 4.98 12.63
N ASN A 48 0.78 4.23 11.57
CA ASN A 48 2.07 3.55 11.40
C ASN A 48 3.18 4.52 11.01
N GLU A 49 2.89 5.34 10.00
CA GLU A 49 3.84 6.33 9.46
C GLU A 49 4.97 5.66 8.68
N LEU A 50 5.10 6.05 7.43
CA LEU A 50 6.20 5.60 6.60
C LEU A 50 7.33 6.63 6.63
N THR A 51 8.47 6.24 7.16
CA THR A 51 9.58 7.17 7.34
C THR A 51 10.30 7.43 6.01
N GLU A 52 11.22 8.38 6.02
CA GLU A 52 11.96 8.75 4.82
C GLU A 52 12.69 7.54 4.24
N LYS A 53 13.33 6.78 5.12
CA LYS A 53 13.99 5.54 4.73
C LYS A 53 13.00 4.62 3.99
N ASP A 54 11.85 4.37 4.61
CA ASP A 54 10.83 3.49 4.05
C ASP A 54 10.47 3.93 2.64
N VAL A 55 10.22 5.21 2.50
CA VAL A 55 9.80 5.78 1.22
C VAL A 55 10.85 5.55 0.12
N ASN A 56 12.11 5.78 0.45
CA ASN A 56 13.17 5.70 -0.55
C ASN A 56 13.64 4.25 -0.75
N ILE A 57 13.27 3.37 0.16
CA ILE A 57 13.54 1.95 0.00
C ILE A 57 12.45 1.30 -0.86
N GLY A 58 11.20 1.60 -0.53
CA GLY A 58 10.07 1.07 -1.27
C GLY A 58 10.09 1.50 -2.73
N GLU A 59 9.89 0.54 -3.60
CA GLU A 59 9.96 0.76 -5.03
C GLU A 59 8.59 1.15 -5.57
N VAL A 60 7.61 0.29 -5.33
CA VAL A 60 6.25 0.53 -5.79
C VAL A 60 5.37 1.04 -4.65
N VAL A 61 4.45 1.94 -4.98
CA VAL A 61 3.54 2.51 -4.00
C VAL A 61 2.13 1.98 -4.23
N ILE A 62 1.53 1.41 -3.21
CA ILE A 62 0.17 0.90 -3.31
C ILE A 62 -0.74 1.65 -2.37
N PHE A 63 -1.75 2.30 -2.92
CA PHE A 63 -2.72 3.01 -2.12
C PHE A 63 -4.05 2.27 -2.08
N ALA A 64 -4.37 1.71 -0.92
CA ALA A 64 -5.66 1.12 -0.69
C ALA A 64 -6.47 2.03 0.22
N VAL A 65 -7.22 2.94 -0.37
CA VAL A 65 -7.82 4.01 0.40
C VAL A 65 -9.28 4.25 0.04
N ASP A 66 -9.98 4.82 1.02
CA ASP A 66 -11.37 5.23 0.87
C ASP A 66 -11.44 6.77 0.92
N THR A 67 -10.28 7.38 0.78
CA THR A 67 -10.15 8.83 0.83
C THR A 67 -8.73 9.24 0.45
N LYS A 68 -8.36 10.48 0.73
CA LYS A 68 -7.03 11.01 0.39
C LYS A 68 -5.96 10.44 1.32
N VAL A 69 -4.71 10.82 1.07
CA VAL A 69 -3.58 10.34 1.88
C VAL A 69 -2.63 11.49 2.22
N ARG A 70 -1.92 11.33 3.33
CA ARG A 70 -0.92 12.30 3.76
C ARG A 70 0.45 11.96 3.18
N ASN A 71 0.64 10.71 2.79
CA ASN A 71 1.94 10.22 2.33
C ASN A 71 2.20 10.54 0.87
N LYS A 72 1.20 11.04 0.17
CA LYS A 72 1.33 11.33 -1.26
C LYS A 72 2.44 12.36 -1.49
N GLU A 73 2.70 13.15 -0.46
CA GLU A 73 3.75 14.17 -0.50
C GLU A 73 5.11 13.57 -0.88
N ARG A 74 5.42 12.40 -0.31
CA ARG A 74 6.77 11.85 -0.41
C ARG A 74 6.94 10.90 -1.60
N PHE A 75 5.84 10.43 -2.17
CA PHE A 75 5.90 9.55 -3.33
C PHE A 75 5.81 10.36 -4.62
N ASP A 76 6.59 11.44 -4.70
CA ASP A 76 6.56 12.34 -5.85
C ASP A 76 6.98 11.62 -7.14
N GLY A 77 8.28 11.46 -7.35
CA GLY A 77 8.76 10.77 -8.55
C GLY A 77 8.82 9.28 -8.35
N LYS A 78 7.74 8.71 -7.82
CA LYS A 78 7.66 7.30 -7.55
C LYS A 78 6.42 6.70 -8.22
N VAL A 79 6.42 5.40 -8.41
CA VAL A 79 5.32 4.73 -9.09
C VAL A 79 4.17 4.46 -8.13
N VAL A 80 3.04 5.06 -8.40
CA VAL A 80 1.89 4.95 -7.52
C VAL A 80 0.77 4.15 -8.17
N LEU A 81 0.42 3.04 -7.53
CA LEU A 81 -0.72 2.23 -7.96
C LEU A 81 -1.84 2.38 -6.93
N GLU A 82 -2.88 3.09 -7.31
CA GLU A 82 -3.98 3.35 -6.40
C GLU A 82 -5.18 2.46 -6.70
N VAL A 83 -5.77 1.91 -5.65
CA VAL A 83 -6.95 1.07 -5.75
C VAL A 83 -7.91 1.39 -4.62
N PRO A 84 -9.20 1.06 -4.77
CA PRO A 84 -10.15 1.16 -3.67
C PRO A 84 -9.73 0.27 -2.51
N VAL A 85 -10.08 0.68 -1.29
CA VAL A 85 -9.62 -0.01 -0.08
C VAL A 85 -10.02 -1.50 -0.08
N SER A 86 -11.15 -1.82 -0.71
CA SER A 86 -11.64 -3.19 -0.76
C SER A 86 -10.85 -4.07 -1.75
N ALA A 87 -10.14 -3.44 -2.69
CA ALA A 87 -9.50 -4.17 -3.78
C ALA A 87 -8.39 -5.12 -3.30
N PRO A 88 -7.38 -4.63 -2.55
CA PRO A 88 -6.23 -5.46 -2.14
C PRO A 88 -6.62 -6.52 -1.10
N ILE A 89 -7.86 -6.48 -0.67
CA ILE A 89 -8.37 -7.46 0.27
C ILE A 89 -8.71 -8.74 -0.49
N LYS A 90 -9.26 -8.57 -1.68
CA LYS A 90 -9.68 -9.68 -2.50
C LYS A 90 -8.58 -10.04 -3.51
N ASP A 91 -8.08 -9.01 -4.19
CA ASP A 91 -7.12 -9.20 -5.28
C ASP A 91 -5.71 -8.82 -4.85
N ALA A 92 -5.31 -9.18 -3.64
CA ALA A 92 -4.02 -8.80 -3.08
C ALA A 92 -2.88 -9.15 -4.04
N GLU A 93 -2.88 -10.38 -4.52
CA GLU A 93 -1.86 -10.85 -5.45
C GLU A 93 -1.87 -9.99 -6.71
N LYS A 94 -3.07 -9.71 -7.20
CA LYS A 94 -3.25 -9.02 -8.48
C LYS A 94 -2.83 -7.57 -8.37
N VAL A 95 -3.14 -6.95 -7.24
CA VAL A 95 -2.75 -5.56 -6.97
C VAL A 95 -1.23 -5.44 -6.91
N ILE A 96 -0.60 -6.38 -6.22
CA ILE A 96 0.85 -6.41 -6.10
C ILE A 96 1.50 -6.63 -7.46
N ASN A 97 0.96 -7.58 -8.23
CA ASN A 97 1.46 -7.87 -9.56
C ASN A 97 1.30 -6.67 -10.49
N ALA A 98 0.16 -6.00 -10.39
CA ALA A 98 -0.13 -4.83 -11.22
C ALA A 98 0.91 -3.74 -11.00
N ALA A 99 1.26 -3.51 -9.74
CA ALA A 99 2.26 -2.51 -9.39
C ALA A 99 3.60 -2.83 -10.05
N LEU A 100 3.97 -4.10 -10.04
CA LEU A 100 5.22 -4.54 -10.64
C LEU A 100 5.17 -4.42 -12.15
N ALA A 101 4.00 -4.67 -12.71
CA ALA A 101 3.80 -4.62 -14.15
C ALA A 101 3.91 -3.20 -14.68
N LEU A 102 3.78 -2.21 -13.80
CA LEU A 102 3.87 -0.82 -14.20
C LEU A 102 5.33 -0.40 -14.44
N ILE A 103 6.24 -0.99 -13.68
CA ILE A 103 7.65 -0.60 -13.77
C ILE A 103 8.49 -1.65 -14.50
N ASP A 104 8.23 -2.92 -14.21
CA ASP A 104 9.04 -3.99 -14.77
C ASP A 104 8.28 -4.69 -15.88
N GLU A 105 6.96 -4.58 -15.83
CA GLU A 105 6.08 -5.14 -16.85
C GLU A 105 6.19 -6.67 -16.91
N LYS A 106 5.44 -7.33 -16.05
CA LYS A 106 5.40 -8.79 -16.03
C LYS A 106 3.97 -9.28 -15.96
N MET A 1 12.13 -11.37 -6.02
CA MET A 1 12.48 -11.80 -4.65
C MET A 1 12.67 -10.61 -3.73
N LYS A 2 12.08 -10.67 -2.54
CA LYS A 2 12.29 -9.65 -1.51
C LYS A 2 11.93 -8.26 -2.03
N ARG A 3 10.88 -8.19 -2.84
CA ARG A 3 10.51 -6.95 -3.49
C ARG A 3 10.12 -5.90 -2.46
N LYS A 4 10.71 -4.73 -2.56
CA LYS A 4 10.47 -3.64 -1.62
C LYS A 4 9.20 -2.89 -2.00
N ILE A 5 8.23 -2.87 -1.11
CA ILE A 5 6.95 -2.25 -1.40
C ILE A 5 6.43 -1.45 -0.22
N ILE A 6 5.94 -0.25 -0.49
CA ILE A 6 5.22 0.53 0.51
C ILE A 6 3.77 0.71 0.04
N ALA A 7 2.83 0.53 0.94
CA ALA A 7 1.43 0.61 0.59
C ALA A 7 0.66 1.42 1.62
N VAL A 8 -0.12 2.38 1.17
CA VAL A 8 -0.91 3.20 2.05
C VAL A 8 -2.39 2.85 1.97
N THR A 9 -2.91 2.32 3.06
CA THR A 9 -4.32 2.01 3.17
C THR A 9 -5.01 3.07 4.02
N ALA A 10 -5.95 3.78 3.42
CA ALA A 10 -6.61 4.88 4.11
C ALA A 10 -8.09 4.89 3.82
N CYS A 11 -8.89 4.92 4.88
CA CYS A 11 -10.32 4.97 4.74
C CYS A 11 -10.92 5.52 6.02
N ALA A 12 -11.81 6.50 5.88
CA ALA A 12 -12.43 7.13 7.04
C ALA A 12 -13.56 6.27 7.56
N THR A 13 -14.29 5.65 6.64
CA THR A 13 -15.44 4.84 6.99
C THR A 13 -15.06 3.36 7.08
N GLY A 14 -15.35 2.75 8.22
CA GLY A 14 -15.03 1.35 8.41
C GLY A 14 -13.56 1.13 8.65
N VAL A 15 -13.10 1.48 9.84
CA VAL A 15 -11.70 1.33 10.22
C VAL A 15 -11.22 -0.12 10.06
N ALA A 16 -12.13 -1.06 10.33
CA ALA A 16 -11.80 -2.48 10.21
C ALA A 16 -11.55 -2.84 8.75
N HIS A 17 -12.18 -2.12 7.83
CA HIS A 17 -11.97 -2.33 6.41
C HIS A 17 -10.61 -1.79 6.01
N THR A 18 -10.27 -0.64 6.55
CA THR A 18 -8.97 -0.02 6.33
C THR A 18 -7.85 -0.96 6.76
N TYR A 19 -7.97 -1.48 7.98
CA TYR A 19 -6.97 -2.38 8.52
C TYR A 19 -6.97 -3.72 7.79
N MET A 20 -8.15 -4.14 7.31
CA MET A 20 -8.26 -5.40 6.59
C MET A 20 -7.44 -5.35 5.31
N ALA A 21 -7.57 -4.26 4.57
CA ALA A 21 -6.79 -4.07 3.35
C ALA A 21 -5.30 -4.07 3.69
N ALA A 22 -4.97 -3.47 4.82
CA ALA A 22 -3.59 -3.38 5.27
C ALA A 22 -3.01 -4.75 5.57
N GLN A 23 -3.74 -5.55 6.35
CA GLN A 23 -3.26 -6.87 6.73
C GLN A 23 -3.33 -7.85 5.56
N ALA A 24 -4.28 -7.63 4.66
CA ALA A 24 -4.39 -8.46 3.46
C ALA A 24 -3.20 -8.23 2.55
N LEU A 25 -2.87 -6.96 2.34
CA LEU A 25 -1.68 -6.61 1.57
C LEU A 25 -0.41 -7.14 2.22
N LYS A 26 -0.33 -6.97 3.54
CA LYS A 26 0.80 -7.49 4.32
C LYS A 26 0.90 -9.01 4.14
N LYS A 27 -0.25 -9.66 4.09
CA LYS A 27 -0.36 -11.09 3.88
C LYS A 27 0.12 -11.47 2.47
N GLY A 28 -0.44 -10.82 1.47
CA GLY A 28 -0.14 -11.14 0.08
C GLY A 28 1.35 -10.99 -0.25
N ALA A 29 1.94 -9.87 0.14
CA ALA A 29 3.35 -9.63 -0.12
C ALA A 29 4.22 -10.63 0.62
N LYS A 30 3.77 -11.05 1.80
CA LYS A 30 4.49 -12.04 2.58
C LYS A 30 4.44 -13.41 1.88
N LYS A 31 3.29 -13.71 1.29
CA LYS A 31 3.11 -14.94 0.55
C LYS A 31 4.09 -15.02 -0.62
N MET A 32 4.28 -13.89 -1.28
CA MET A 32 5.19 -13.82 -2.43
C MET A 32 6.65 -13.82 -1.98
N GLY A 33 6.89 -13.39 -0.74
CA GLY A 33 8.24 -13.34 -0.21
C GLY A 33 8.88 -11.99 -0.44
N ASN A 34 8.24 -10.95 0.05
CA ASN A 34 8.67 -9.58 -0.21
C ASN A 34 8.80 -8.79 1.08
N LEU A 35 9.24 -7.55 0.95
CA LEU A 35 9.35 -6.63 2.08
C LEU A 35 8.37 -5.49 1.90
N ILE A 36 7.31 -5.50 2.70
CA ILE A 36 6.23 -4.54 2.51
C ILE A 36 5.96 -3.77 3.80
N LYS A 37 5.82 -2.47 3.65
CA LYS A 37 5.42 -1.62 4.76
C LYS A 37 4.08 -0.96 4.47
N VAL A 38 3.04 -1.47 5.09
CA VAL A 38 1.71 -0.95 4.88
C VAL A 38 1.34 0.10 5.92
N GLU A 39 0.95 1.26 5.45
CA GLU A 39 0.53 2.35 6.31
C GLU A 39 -0.99 2.35 6.43
N THR A 40 -1.49 2.46 7.65
CA THR A 40 -2.92 2.52 7.88
C THR A 40 -3.31 3.93 8.29
N GLN A 41 -3.86 4.68 7.36
CA GLN A 41 -4.26 6.05 7.64
C GLN A 41 -5.77 6.12 7.80
N GLY A 42 -6.22 6.37 9.02
CA GLY A 42 -7.63 6.34 9.31
C GLY A 42 -8.24 7.72 9.41
N ALA A 43 -8.65 8.09 10.61
CA ALA A 43 -9.34 9.35 10.82
C ALA A 43 -8.35 10.45 11.15
N THR A 44 -7.72 11.00 10.10
CA THR A 44 -6.69 12.04 10.22
C THR A 44 -5.57 11.63 11.18
N GLY A 45 -5.44 10.32 11.37
CA GLY A 45 -4.41 9.77 12.23
C GLY A 45 -3.81 8.55 11.60
N ILE A 46 -2.55 8.28 11.89
CA ILE A 46 -1.86 7.19 11.23
C ILE A 46 -1.58 6.06 12.21
N GLU A 47 -1.93 4.84 11.80
CA GLU A 47 -1.67 3.66 12.61
C GLU A 47 -0.22 3.24 12.43
N ASN A 48 0.21 3.16 11.18
CA ASN A 48 1.58 2.77 10.85
C ASN A 48 2.17 3.77 9.86
N GLU A 49 2.60 4.91 10.36
CA GLU A 49 3.13 5.95 9.49
C GLU A 49 4.51 5.59 8.98
N LEU A 50 4.65 5.61 7.66
CA LEU A 50 5.92 5.27 7.02
C LEU A 50 6.90 6.42 7.15
N THR A 51 8.18 6.09 7.21
CA THR A 51 9.21 7.10 7.30
C THR A 51 9.95 7.22 5.98
N GLU A 52 10.82 8.21 5.87
CA GLU A 52 11.49 8.53 4.61
C GLU A 52 12.30 7.31 4.12
N LYS A 53 13.00 6.66 5.03
CA LYS A 53 13.82 5.52 4.70
C LYS A 53 13.00 4.40 4.05
N ASP A 54 11.79 4.18 4.55
CA ASP A 54 10.93 3.11 4.04
C ASP A 54 10.49 3.43 2.63
N VAL A 55 10.14 4.68 2.44
CA VAL A 55 9.64 5.17 1.18
C VAL A 55 10.68 5.04 0.07
N ASN A 56 11.91 5.41 0.38
CA ASN A 56 12.99 5.42 -0.60
C ASN A 56 13.53 4.02 -0.86
N ILE A 57 13.14 3.07 -0.01
CA ILE A 57 13.49 1.67 -0.23
C ILE A 57 12.42 1.00 -1.09
N GLY A 58 11.15 1.30 -0.80
CA GLY A 58 10.05 0.74 -1.55
C GLY A 58 10.11 1.07 -3.03
N GLU A 59 9.96 0.05 -3.86
CA GLU A 59 9.99 0.19 -5.31
C GLU A 59 8.69 0.81 -5.81
N VAL A 60 7.58 0.16 -5.46
CA VAL A 60 6.26 0.62 -5.88
C VAL A 60 5.41 0.99 -4.68
N VAL A 61 4.49 1.91 -4.89
CA VAL A 61 3.59 2.35 -3.83
C VAL A 61 2.15 2.03 -4.17
N ILE A 62 1.50 1.26 -3.32
CA ILE A 62 0.11 0.93 -3.55
C ILE A 62 -0.79 1.79 -2.67
N PHE A 63 -1.82 2.37 -3.26
CA PHE A 63 -2.76 3.18 -2.53
C PHE A 63 -4.14 2.56 -2.53
N ALA A 64 -4.60 2.23 -1.35
CA ALA A 64 -5.97 1.81 -1.16
C ALA A 64 -6.65 2.84 -0.29
N VAL A 65 -7.23 3.86 -0.91
CA VAL A 65 -7.66 5.03 -0.16
C VAL A 65 -9.08 5.48 -0.50
N ASP A 66 -9.81 5.78 0.56
CA ASP A 66 -11.15 6.38 0.47
C ASP A 66 -11.04 7.87 0.75
N THR A 67 -9.99 8.24 1.46
CA THR A 67 -9.76 9.62 1.86
C THR A 67 -8.39 10.10 1.39
N LYS A 68 -7.98 11.26 1.86
CA LYS A 68 -6.70 11.86 1.48
C LYS A 68 -5.58 11.34 2.39
N VAL A 69 -4.37 11.24 1.86
CA VAL A 69 -3.22 10.84 2.64
C VAL A 69 -2.16 11.93 2.62
N ARG A 70 -1.49 12.13 3.75
CA ARG A 70 -0.47 13.17 3.86
C ARG A 70 0.83 12.74 3.17
N ASN A 71 1.11 11.44 3.21
CA ASN A 71 2.42 10.92 2.80
C ASN A 71 2.56 10.75 1.29
N LYS A 72 1.46 10.93 0.55
CA LYS A 72 1.50 10.84 -0.90
C LYS A 72 2.47 11.87 -1.46
N GLU A 73 2.68 12.91 -0.66
CA GLU A 73 3.64 13.97 -0.96
C GLU A 73 4.94 13.41 -1.55
N ARG A 74 5.54 12.44 -0.87
CA ARG A 74 6.80 11.88 -1.33
C ARG A 74 6.58 10.79 -2.39
N PHE A 75 5.48 10.05 -2.29
CA PHE A 75 5.14 9.03 -3.28
C PHE A 75 4.78 9.67 -4.63
N ASP A 76 4.68 11.00 -4.63
CA ASP A 76 4.38 11.75 -5.85
C ASP A 76 5.44 11.49 -6.92
N GLY A 77 6.69 11.47 -6.50
CA GLY A 77 7.78 11.20 -7.42
C GLY A 77 8.19 9.75 -7.42
N LYS A 78 7.21 8.87 -7.37
CA LYS A 78 7.46 7.44 -7.33
C LYS A 78 6.45 6.70 -8.21
N VAL A 79 6.61 5.40 -8.32
CA VAL A 79 5.68 4.57 -9.09
C VAL A 79 4.60 4.04 -8.17
N VAL A 80 3.35 4.39 -8.45
CA VAL A 80 2.27 4.01 -7.56
C VAL A 80 1.15 3.30 -8.30
N LEU A 81 0.33 2.58 -7.54
CA LEU A 81 -0.86 1.92 -8.05
C LEU A 81 -2.00 2.23 -7.09
N GLU A 82 -2.94 3.07 -7.52
CA GLU A 82 -4.00 3.55 -6.64
C GLU A 82 -5.33 2.91 -7.01
N VAL A 83 -5.97 2.29 -6.02
CA VAL A 83 -7.23 1.60 -6.20
C VAL A 83 -8.16 1.86 -5.01
N PRO A 84 -9.45 1.48 -5.11
CA PRO A 84 -10.39 1.54 -3.98
C PRO A 84 -9.92 0.67 -2.83
N VAL A 85 -10.24 1.08 -1.60
CA VAL A 85 -9.77 0.38 -0.41
C VAL A 85 -10.28 -1.07 -0.35
N SER A 86 -11.43 -1.32 -0.97
CA SER A 86 -12.03 -2.65 -0.95
C SER A 86 -11.27 -3.61 -1.89
N ALA A 87 -10.59 -3.06 -2.89
CA ALA A 87 -9.95 -3.87 -3.92
C ALA A 87 -8.84 -4.78 -3.37
N PRO A 88 -7.83 -4.24 -2.64
CA PRO A 88 -6.71 -5.04 -2.13
C PRO A 88 -7.12 -5.99 -1.02
N ILE A 89 -8.39 -5.96 -0.63
CA ILE A 89 -8.88 -6.86 0.38
C ILE A 89 -9.07 -8.26 -0.19
N LYS A 90 -9.66 -8.33 -1.38
CA LYS A 90 -9.94 -9.62 -2.01
C LYS A 90 -8.84 -9.99 -3.01
N ASP A 91 -8.18 -8.98 -3.57
CA ASP A 91 -7.19 -9.21 -4.62
C ASP A 91 -5.83 -8.66 -4.22
N ALA A 92 -5.45 -8.85 -2.96
CA ALA A 92 -4.20 -8.30 -2.44
C ALA A 92 -3.00 -8.68 -3.32
N GLU A 93 -2.88 -9.96 -3.64
CA GLU A 93 -1.77 -10.45 -4.43
C GLU A 93 -1.80 -9.84 -5.83
N LYS A 94 -3.00 -9.68 -6.38
CA LYS A 94 -3.14 -9.19 -7.75
C LYS A 94 -2.81 -7.71 -7.83
N VAL A 95 -3.16 -6.98 -6.77
CA VAL A 95 -2.85 -5.56 -6.68
C VAL A 95 -1.33 -5.37 -6.64
N ILE A 96 -0.66 -6.21 -5.86
CA ILE A 96 0.79 -6.18 -5.75
C ILE A 96 1.44 -6.54 -7.09
N ASN A 97 0.96 -7.62 -7.70
CA ASN A 97 1.48 -8.05 -9.01
C ASN A 97 1.25 -6.98 -10.07
N ALA A 98 0.11 -6.31 -10.02
CA ALA A 98 -0.22 -5.26 -10.97
C ALA A 98 0.77 -4.10 -10.85
N ALA A 99 1.04 -3.69 -9.61
CA ALA A 99 1.97 -2.60 -9.34
C ALA A 99 3.38 -2.93 -9.83
N LEU A 100 3.78 -4.18 -9.61
CA LEU A 100 5.10 -4.63 -10.01
C LEU A 100 5.23 -4.66 -11.53
N ALA A 101 4.15 -5.00 -12.21
CA ALA A 101 4.15 -5.10 -13.67
C ALA A 101 4.30 -3.73 -14.31
N LEU A 102 3.97 -2.67 -13.57
CA LEU A 102 4.04 -1.32 -14.08
C LEU A 102 5.48 -0.91 -14.37
N ILE A 103 6.42 -1.54 -13.68
CA ILE A 103 7.84 -1.26 -13.88
C ILE A 103 8.58 -2.47 -14.44
N ASP A 104 8.15 -3.67 -14.06
CA ASP A 104 8.82 -4.89 -14.49
C ASP A 104 7.82 -6.02 -14.68
N GLU A 105 7.41 -6.63 -13.58
CA GLU A 105 6.50 -7.77 -13.58
C GLU A 105 6.41 -8.31 -12.16
N LYS A 106 7.55 -8.44 -11.53
CA LYS A 106 7.65 -8.96 -10.18
C LYS A 106 8.85 -8.34 -9.49
N MET A 1 9.81 -13.65 -4.12
CA MET A 1 10.76 -12.65 -4.66
C MET A 1 10.83 -11.45 -3.73
N LYS A 2 12.05 -11.00 -3.41
CA LYS A 2 12.22 -9.82 -2.58
C LYS A 2 11.80 -8.57 -3.33
N ARG A 3 10.78 -7.90 -2.83
CA ARG A 3 10.40 -6.61 -3.35
C ARG A 3 9.99 -5.71 -2.20
N LYS A 4 10.52 -4.49 -2.19
CA LYS A 4 10.09 -3.50 -1.23
C LYS A 4 8.82 -2.83 -1.74
N ILE A 5 7.75 -2.88 -0.96
CA ILE A 5 6.49 -2.29 -1.37
C ILE A 5 5.94 -1.39 -0.28
N ILE A 6 5.87 -0.10 -0.56
CA ILE A 6 5.26 0.83 0.39
C ILE A 6 3.80 1.06 0.00
N ALA A 7 2.91 0.71 0.90
CA ALA A 7 1.48 0.78 0.62
C ALA A 7 0.76 1.57 1.69
N VAL A 8 -0.04 2.52 1.26
CA VAL A 8 -0.80 3.34 2.18
C VAL A 8 -2.29 3.00 2.11
N THR A 9 -2.85 2.69 3.26
CA THR A 9 -4.27 2.40 3.38
C THR A 9 -4.95 3.46 4.24
N ALA A 10 -5.96 4.13 3.69
CA ALA A 10 -6.66 5.17 4.43
C ALA A 10 -8.13 5.20 4.06
N CYS A 11 -8.95 4.57 4.88
CA CYS A 11 -10.40 4.59 4.68
C CYS A 11 -11.06 5.44 5.76
N ALA A 12 -11.85 6.42 5.33
CA ALA A 12 -12.55 7.28 6.27
C ALA A 12 -13.91 6.68 6.62
N THR A 13 -14.48 5.96 5.65
CA THR A 13 -15.77 5.31 5.85
C THR A 13 -15.70 4.27 6.96
N GLY A 14 -14.83 3.28 6.79
CA GLY A 14 -14.74 2.23 7.77
C GLY A 14 -13.31 1.86 8.08
N VAL A 15 -12.91 2.06 9.32
CA VAL A 15 -11.56 1.74 9.77
C VAL A 15 -11.30 0.25 9.69
N ALA A 16 -12.36 -0.53 9.63
CA ALA A 16 -12.26 -1.98 9.44
C ALA A 16 -11.70 -2.30 8.06
N HIS A 17 -12.00 -1.44 7.09
CA HIS A 17 -11.49 -1.63 5.74
C HIS A 17 -10.00 -1.33 5.69
N THR A 18 -9.61 -0.25 6.37
CA THR A 18 -8.22 0.13 6.44
C THR A 18 -7.37 -0.99 7.04
N TYR A 19 -7.85 -1.53 8.15
CA TYR A 19 -7.11 -2.55 8.88
C TYR A 19 -7.13 -3.88 8.13
N MET A 20 -8.28 -4.23 7.58
CA MET A 20 -8.43 -5.48 6.83
C MET A 20 -7.55 -5.47 5.58
N ALA A 21 -7.53 -4.36 4.87
CA ALA A 21 -6.73 -4.22 3.67
C ALA A 21 -5.26 -4.39 3.99
N ALA A 22 -4.79 -3.68 5.02
CA ALA A 22 -3.38 -3.68 5.40
C ALA A 22 -2.91 -5.08 5.81
N GLN A 23 -3.78 -5.85 6.45
CA GLN A 23 -3.41 -7.19 6.88
C GLN A 23 -3.50 -8.18 5.72
N ALA A 24 -4.55 -8.07 4.91
CA ALA A 24 -4.73 -8.97 3.77
C ALA A 24 -3.64 -8.72 2.74
N LEU A 25 -3.33 -7.45 2.53
CA LEU A 25 -2.27 -7.04 1.61
C LEU A 25 -0.92 -7.50 2.14
N LYS A 26 -0.74 -7.44 3.45
CA LYS A 26 0.49 -7.89 4.09
C LYS A 26 0.67 -9.39 3.88
N LYS A 27 -0.41 -10.14 4.08
CA LYS A 27 -0.40 -11.58 3.83
C LYS A 27 -0.17 -11.88 2.37
N GLY A 28 -0.75 -11.07 1.50
CA GLY A 28 -0.52 -11.18 0.08
C GLY A 28 0.95 -10.98 -0.27
N ALA A 29 1.57 -9.98 0.35
CA ALA A 29 2.99 -9.73 0.16
C ALA A 29 3.81 -10.91 0.68
N LYS A 30 3.40 -11.45 1.83
CA LYS A 30 4.04 -12.63 2.40
C LYS A 30 3.95 -13.82 1.44
N LYS A 31 2.82 -13.93 0.75
CA LYS A 31 2.57 -15.01 -0.19
C LYS A 31 3.64 -15.03 -1.28
N MET A 32 3.98 -13.85 -1.77
CA MET A 32 4.93 -13.72 -2.87
C MET A 32 6.34 -13.45 -2.33
N GLY A 33 6.47 -13.45 -1.01
CA GLY A 33 7.77 -13.32 -0.37
C GLY A 33 8.35 -11.92 -0.44
N ASN A 34 7.49 -10.93 -0.38
CA ASN A 34 7.94 -9.54 -0.48
C ASN A 34 8.09 -8.93 0.90
N LEU A 35 8.67 -7.73 0.93
CA LEU A 35 8.81 -6.99 2.16
C LEU A 35 8.01 -5.70 2.05
N ILE A 36 6.89 -5.65 2.73
CA ILE A 36 5.95 -4.57 2.57
C ILE A 36 6.02 -3.59 3.73
N LYS A 37 5.92 -2.32 3.39
CA LYS A 37 5.88 -1.26 4.36
C LYS A 37 4.52 -0.57 4.25
N VAL A 38 3.61 -0.94 5.13
CA VAL A 38 2.24 -0.46 5.03
C VAL A 38 1.97 0.68 6.02
N GLU A 39 1.30 1.71 5.53
CA GLU A 39 0.89 2.84 6.35
C GLU A 39 -0.62 2.81 6.54
N THR A 40 -1.06 2.83 7.78
CA THR A 40 -2.48 2.78 8.09
C THR A 40 -2.98 4.14 8.59
N GLN A 41 -3.71 4.85 7.74
CA GLN A 41 -4.32 6.11 8.14
C GLN A 41 -5.81 5.90 8.34
N GLY A 42 -6.56 6.97 8.22
CA GLY A 42 -8.00 6.86 8.27
C GLY A 42 -8.66 8.11 8.81
N ALA A 43 -8.82 8.17 10.12
CA ALA A 43 -9.47 9.30 10.76
C ALA A 43 -8.45 10.24 11.37
N THR A 44 -7.90 11.12 10.53
CA THR A 44 -6.95 12.15 10.97
C THR A 44 -5.55 11.58 11.29
N GLY A 45 -5.50 10.42 11.93
CA GLY A 45 -4.26 9.91 12.43
C GLY A 45 -3.70 8.77 11.61
N ILE A 46 -2.41 8.56 11.72
CA ILE A 46 -1.74 7.49 11.02
C ILE A 46 -1.10 6.54 12.04
N GLU A 47 -1.34 5.25 11.88
CA GLU A 47 -0.85 4.26 12.83
C GLU A 47 0.63 3.92 12.56
N ASN A 48 0.98 3.81 11.29
CA ASN A 48 2.34 3.45 10.91
C ASN A 48 2.89 4.44 9.89
N GLU A 49 3.41 5.55 10.38
CA GLU A 49 3.90 6.62 9.52
C GLU A 49 5.16 6.18 8.79
N LEU A 50 5.10 6.18 7.46
CA LEU A 50 6.25 5.81 6.64
C LEU A 50 7.17 7.02 6.49
N THR A 51 8.39 6.90 6.98
CA THR A 51 9.35 7.99 6.87
C THR A 51 9.81 8.12 5.43
N GLU A 52 10.49 9.22 5.12
CA GLU A 52 11.03 9.43 3.79
C GLU A 52 12.03 8.32 3.47
N LYS A 53 12.63 7.76 4.52
CA LYS A 53 13.55 6.65 4.40
C LYS A 53 12.80 5.40 3.92
N ASP A 54 11.77 5.02 4.67
CA ASP A 54 10.98 3.81 4.36
C ASP A 54 10.45 3.87 2.94
N VAL A 55 9.99 5.04 2.56
CA VAL A 55 9.40 5.25 1.24
C VAL A 55 10.45 5.13 0.15
N ASN A 56 11.67 5.57 0.43
CA ASN A 56 12.76 5.45 -0.53
C ASN A 56 13.24 4.00 -0.62
N ILE A 57 13.05 3.25 0.46
CA ILE A 57 13.39 1.84 0.47
C ILE A 57 12.43 1.06 -0.44
N GLY A 58 11.15 1.33 -0.29
CA GLY A 58 10.14 0.67 -1.11
C GLY A 58 10.27 0.99 -2.58
N GLU A 59 10.10 -0.03 -3.41
CA GLU A 59 10.18 0.11 -4.85
C GLU A 59 8.87 0.66 -5.40
N VAL A 60 7.82 -0.15 -5.35
CA VAL A 60 6.52 0.24 -5.86
C VAL A 60 5.61 0.72 -4.73
N VAL A 61 4.74 1.64 -5.07
CA VAL A 61 3.81 2.20 -4.11
C VAL A 61 2.39 1.75 -4.43
N ILE A 62 1.63 1.37 -3.41
CA ILE A 62 0.25 0.99 -3.60
C ILE A 62 -0.64 1.83 -2.69
N PHE A 63 -1.65 2.45 -3.27
CA PHE A 63 -2.57 3.27 -2.51
C PHE A 63 -3.95 2.63 -2.48
N ALA A 64 -4.31 2.09 -1.33
CA ALA A 64 -5.67 1.61 -1.13
C ALA A 64 -6.38 2.57 -0.19
N VAL A 65 -7.03 3.57 -0.75
CA VAL A 65 -7.56 4.66 0.05
C VAL A 65 -9.01 4.99 -0.29
N ASP A 66 -9.73 5.38 0.74
CA ASP A 66 -11.11 5.82 0.63
C ASP A 66 -11.18 7.33 0.85
N THR A 67 -10.07 7.88 1.31
CA THR A 67 -9.94 9.30 1.55
C THR A 67 -8.56 9.76 1.10
N LYS A 68 -8.20 11.01 1.41
CA LYS A 68 -6.93 11.58 0.98
C LYS A 68 -5.77 11.01 1.78
N VAL A 69 -4.62 10.88 1.13
CA VAL A 69 -3.40 10.47 1.79
C VAL A 69 -2.42 11.64 1.88
N ARG A 70 -2.08 12.02 3.10
CA ARG A 70 -1.26 13.19 3.36
C ARG A 70 0.21 12.90 3.02
N ASN A 71 0.67 11.73 3.46
CA ASN A 71 2.07 11.32 3.28
C ASN A 71 2.43 11.10 1.82
N LYS A 72 1.43 11.16 0.94
CA LYS A 72 1.65 11.02 -0.51
C LYS A 72 2.78 11.93 -1.00
N GLU A 73 3.04 12.99 -0.23
CA GLU A 73 4.15 13.91 -0.51
C GLU A 73 5.41 13.18 -0.96
N ARG A 74 5.76 12.12 -0.22
CA ARG A 74 6.99 11.39 -0.47
C ARG A 74 6.80 10.32 -1.54
N PHE A 75 5.54 9.90 -1.74
CA PHE A 75 5.21 8.94 -2.76
C PHE A 75 4.91 9.66 -4.08
N ASP A 76 5.34 10.90 -4.17
CA ASP A 76 5.01 11.75 -5.31
C ASP A 76 5.94 11.46 -6.48
N GLY A 77 7.25 11.45 -6.19
CA GLY A 77 8.21 11.06 -7.18
C GLY A 77 8.46 9.56 -7.14
N LYS A 78 7.37 8.81 -7.08
CA LYS A 78 7.41 7.37 -6.92
C LYS A 78 6.48 6.72 -7.93
N VAL A 79 6.61 5.42 -8.10
CA VAL A 79 5.72 4.68 -8.98
C VAL A 79 4.59 4.05 -8.16
N VAL A 80 3.39 4.59 -8.31
CA VAL A 80 2.28 4.18 -7.45
C VAL A 80 1.15 3.52 -8.26
N LEU A 81 0.42 2.66 -7.59
CA LEU A 81 -0.78 2.05 -8.15
C LEU A 81 -1.92 2.22 -7.15
N GLU A 82 -2.93 2.97 -7.53
CA GLU A 82 -4.00 3.32 -6.61
C GLU A 82 -5.27 2.51 -6.89
N VAL A 83 -5.86 2.00 -5.81
CA VAL A 83 -7.09 1.23 -5.87
C VAL A 83 -7.96 1.56 -4.67
N PRO A 84 -9.25 1.20 -4.69
CA PRO A 84 -10.12 1.32 -3.52
C PRO A 84 -9.60 0.45 -2.37
N VAL A 85 -9.87 0.88 -1.14
CA VAL A 85 -9.33 0.20 0.04
C VAL A 85 -9.91 -1.21 0.15
N SER A 86 -11.11 -1.39 -0.38
CA SER A 86 -11.81 -2.67 -0.33
C SER A 86 -11.21 -3.70 -1.30
N ALA A 87 -10.46 -3.22 -2.30
CA ALA A 87 -9.95 -4.09 -3.36
C ALA A 87 -8.90 -5.09 -2.86
N PRO A 88 -7.77 -4.63 -2.26
CA PRO A 88 -6.67 -5.52 -1.87
C PRO A 88 -7.04 -6.47 -0.73
N ILE A 89 -8.27 -6.38 -0.26
CA ILE A 89 -8.78 -7.31 0.72
C ILE A 89 -9.03 -8.66 0.04
N LYS A 90 -9.50 -8.60 -1.20
CA LYS A 90 -9.80 -9.80 -1.96
C LYS A 90 -8.64 -10.19 -2.90
N ASP A 91 -8.38 -9.34 -3.89
CA ASP A 91 -7.48 -9.69 -4.98
C ASP A 91 -6.12 -8.99 -4.85
N ALA A 92 -5.61 -8.96 -3.62
CA ALA A 92 -4.32 -8.34 -3.32
C ALA A 92 -3.21 -8.88 -4.22
N GLU A 93 -3.29 -10.17 -4.55
CA GLU A 93 -2.30 -10.82 -5.39
C GLU A 93 -2.23 -10.12 -6.76
N LYS A 94 -3.40 -9.79 -7.29
CA LYS A 94 -3.48 -9.08 -8.57
C LYS A 94 -2.88 -7.69 -8.44
N VAL A 95 -3.27 -6.99 -7.37
CA VAL A 95 -2.79 -5.64 -7.11
C VAL A 95 -1.27 -5.60 -7.00
N ILE A 96 -0.71 -6.62 -6.35
CA ILE A 96 0.75 -6.72 -6.20
C ILE A 96 1.42 -6.89 -7.55
N ASN A 97 0.93 -7.85 -8.33
CA ASN A 97 1.47 -8.10 -9.66
C ASN A 97 1.28 -6.89 -10.57
N ALA A 98 0.14 -6.23 -10.43
CA ALA A 98 -0.16 -5.05 -11.22
C ALA A 98 0.84 -3.93 -10.94
N ALA A 99 1.25 -3.81 -9.68
CA ALA A 99 2.24 -2.82 -9.28
C ALA A 99 3.63 -3.21 -9.79
N LEU A 100 3.95 -4.50 -9.68
CA LEU A 100 5.24 -5.01 -10.13
C LEU A 100 5.40 -4.84 -11.64
N ALA A 101 4.29 -5.05 -12.35
CA ALA A 101 4.29 -4.98 -13.82
C ALA A 101 4.64 -3.59 -14.31
N LEU A 102 4.56 -2.59 -13.44
CA LEU A 102 4.84 -1.22 -13.83
C LEU A 102 6.34 -0.99 -14.02
N ILE A 103 7.14 -1.56 -13.12
CA ILE A 103 8.58 -1.37 -13.19
C ILE A 103 9.26 -2.55 -13.86
N ASP A 104 8.57 -3.68 -13.91
CA ASP A 104 9.11 -4.89 -14.50
C ASP A 104 8.64 -5.05 -15.94
N GLU A 105 7.38 -4.70 -16.20
CA GLU A 105 6.76 -4.94 -17.51
C GLU A 105 6.92 -6.40 -17.93
N LYS A 106 6.70 -7.30 -16.97
CA LYS A 106 6.84 -8.73 -17.22
C LYS A 106 5.51 -9.43 -16.98
N MET A 1 15.05 -11.81 -4.86
CA MET A 1 14.08 -10.73 -5.14
C MET A 1 13.10 -10.56 -3.99
N LYS A 2 13.40 -9.63 -3.10
CA LYS A 2 12.46 -9.21 -2.08
C LYS A 2 12.03 -7.78 -2.38
N ARG A 3 10.95 -7.65 -3.14
CA ARG A 3 10.48 -6.35 -3.57
C ARG A 3 10.03 -5.52 -2.39
N LYS A 4 10.68 -4.39 -2.19
CA LYS A 4 10.32 -3.47 -1.13
C LYS A 4 9.11 -2.65 -1.55
N ILE A 5 7.99 -2.93 -0.92
CA ILE A 5 6.75 -2.27 -1.27
C ILE A 5 6.24 -1.43 -0.12
N ILE A 6 5.95 -0.17 -0.40
CA ILE A 6 5.36 0.71 0.58
C ILE A 6 3.88 0.90 0.25
N ALA A 7 3.03 0.70 1.24
CA ALA A 7 1.59 0.75 1.02
C ALA A 7 0.91 1.57 2.10
N VAL A 8 -0.08 2.35 1.72
CA VAL A 8 -0.84 3.13 2.66
C VAL A 8 -2.32 2.88 2.45
N THR A 9 -3.01 2.62 3.54
CA THR A 9 -4.45 2.41 3.49
C THR A 9 -5.14 3.38 4.43
N ALA A 10 -6.23 3.99 3.96
CA ALA A 10 -6.90 5.02 4.70
C ALA A 10 -8.30 5.29 4.14
N CYS A 11 -9.30 4.73 4.79
CA CYS A 11 -10.68 5.00 4.42
C CYS A 11 -11.24 6.13 5.28
N ALA A 12 -10.56 6.37 6.42
CA ALA A 12 -10.95 7.40 7.38
C ALA A 12 -12.31 7.10 8.03
N THR A 13 -13.37 7.35 7.27
CA THR A 13 -14.72 7.12 7.76
C THR A 13 -14.92 5.64 8.06
N GLY A 14 -14.63 4.80 7.09
CA GLY A 14 -14.71 3.37 7.29
C GLY A 14 -13.37 2.81 7.73
N VAL A 15 -12.95 3.16 8.94
CA VAL A 15 -11.65 2.76 9.46
C VAL A 15 -11.48 1.24 9.49
N ALA A 16 -12.59 0.52 9.63
CA ALA A 16 -12.55 -0.94 9.63
C ALA A 16 -12.09 -1.49 8.28
N HIS A 17 -12.38 -0.74 7.22
CA HIS A 17 -11.96 -1.14 5.87
C HIS A 17 -10.46 -0.98 5.72
N THR A 18 -9.92 0.02 6.42
CA THR A 18 -8.50 0.29 6.43
C THR A 18 -7.73 -0.93 6.95
N TYR A 19 -8.23 -1.53 8.03
CA TYR A 19 -7.57 -2.67 8.65
C TYR A 19 -7.68 -3.92 7.78
N MET A 20 -8.86 -4.13 7.20
CA MET A 20 -9.09 -5.30 6.35
C MET A 20 -8.16 -5.29 5.14
N ALA A 21 -8.04 -4.13 4.51
CA ALA A 21 -7.17 -3.98 3.36
C ALA A 21 -5.72 -4.24 3.74
N ALA A 22 -5.30 -3.63 4.84
CA ALA A 22 -3.93 -3.76 5.32
C ALA A 22 -3.54 -5.21 5.57
N GLN A 23 -4.38 -5.93 6.32
CA GLN A 23 -4.05 -7.30 6.71
C GLN A 23 -4.04 -8.24 5.50
N ALA A 24 -5.01 -8.09 4.60
CA ALA A 24 -5.09 -8.95 3.43
C ALA A 24 -3.96 -8.65 2.46
N LEU A 25 -3.73 -7.37 2.21
CA LEU A 25 -2.65 -6.92 1.34
C LEU A 25 -1.30 -7.41 1.85
N LYS A 26 -1.07 -7.23 3.16
CA LYS A 26 0.19 -7.59 3.79
C LYS A 26 0.38 -9.10 3.80
N LYS A 27 -0.73 -9.83 3.87
CA LYS A 27 -0.71 -11.28 3.88
C LYS A 27 -0.15 -11.83 2.56
N GLY A 28 -0.67 -11.31 1.45
CA GLY A 28 -0.24 -11.76 0.14
C GLY A 28 1.19 -11.34 -0.17
N ALA A 29 1.61 -10.21 0.39
CA ALA A 29 2.96 -9.71 0.17
C ALA A 29 4.00 -10.66 0.75
N LYS A 30 3.76 -11.15 1.95
CA LYS A 30 4.69 -12.08 2.59
C LYS A 30 4.68 -13.42 1.87
N LYS A 31 3.51 -13.77 1.31
CA LYS A 31 3.35 -15.02 0.57
C LYS A 31 4.33 -15.07 -0.61
N MET A 32 4.43 -13.96 -1.32
CA MET A 32 5.29 -13.87 -2.50
C MET A 32 6.74 -13.70 -2.10
N GLY A 33 6.99 -13.56 -0.80
CA GLY A 33 8.35 -13.45 -0.30
C GLY A 33 8.95 -12.07 -0.47
N ASN A 34 8.20 -11.05 -0.11
CA ASN A 34 8.67 -9.67 -0.23
C ASN A 34 8.53 -8.93 1.09
N LEU A 35 9.05 -7.71 1.13
CA LEU A 35 8.94 -6.87 2.32
C LEU A 35 8.02 -5.71 2.05
N ILE A 36 7.00 -5.57 2.87
CA ILE A 36 6.01 -4.52 2.67
C ILE A 36 5.84 -3.69 3.94
N LYS A 37 5.70 -2.39 3.75
CA LYS A 37 5.44 -1.47 4.85
C LYS A 37 4.08 -0.82 4.67
N VAL A 38 3.10 -1.29 5.43
CA VAL A 38 1.74 -0.80 5.27
C VAL A 38 1.40 0.21 6.37
N GLU A 39 1.03 1.41 5.96
CA GLU A 39 0.62 2.46 6.88
C GLU A 39 -0.89 2.46 7.04
N THR A 40 -1.35 2.35 8.28
CA THR A 40 -2.77 2.41 8.56
C THR A 40 -3.16 3.79 9.06
N GLN A 41 -3.84 4.54 8.22
CA GLN A 41 -4.28 5.88 8.59
C GLN A 41 -5.80 5.88 8.74
N GLY A 42 -6.25 5.94 9.98
CA GLY A 42 -7.67 5.88 10.25
C GLY A 42 -8.31 7.25 10.20
N ALA A 43 -8.63 7.78 11.36
CA ALA A 43 -9.28 9.09 11.44
C ALA A 43 -8.39 10.05 12.21
N THR A 44 -7.51 10.73 11.49
CA THR A 44 -6.53 11.64 12.09
C THR A 44 -5.44 10.85 12.83
N GLY A 45 -5.67 9.56 13.01
CA GLY A 45 -4.74 8.73 13.74
C GLY A 45 -3.98 7.79 12.83
N ILE A 46 -2.69 8.06 12.67
CA ILE A 46 -1.83 7.22 11.86
C ILE A 46 -1.04 6.29 12.76
N GLU A 47 -1.03 5.00 12.45
CA GLU A 47 -0.43 4.01 13.33
C GLU A 47 0.93 3.55 12.82
N ASN A 48 1.55 4.35 11.98
CA ASN A 48 2.86 3.99 11.42
C ASN A 48 3.56 5.22 10.86
N GLU A 49 3.01 5.77 9.79
CA GLU A 49 3.61 6.87 9.04
C GLU A 49 4.97 6.45 8.48
N LEU A 50 4.97 6.06 7.22
CA LEU A 50 6.18 5.60 6.55
C LEU A 50 7.24 6.69 6.52
N THR A 51 8.45 6.34 6.93
CA THR A 51 9.54 7.30 6.98
C THR A 51 10.05 7.59 5.58
N GLU A 52 10.74 8.72 5.42
CA GLU A 52 11.33 9.07 4.14
C GLU A 52 12.33 7.99 3.71
N LYS A 53 12.98 7.38 4.69
CA LYS A 53 13.93 6.31 4.43
C LYS A 53 13.20 5.10 3.85
N ASP A 54 12.16 4.65 4.55
CA ASP A 54 11.36 3.51 4.09
C ASP A 54 10.78 3.77 2.71
N VAL A 55 10.35 4.99 2.50
CA VAL A 55 9.75 5.42 1.25
C VAL A 55 10.73 5.28 0.08
N ASN A 56 12.01 5.54 0.34
CA ASN A 56 13.03 5.43 -0.70
C ASN A 56 13.48 3.99 -0.87
N ILE A 57 13.44 3.21 0.22
CA ILE A 57 13.77 1.80 0.16
C ILE A 57 12.74 1.05 -0.68
N GLY A 58 11.46 1.32 -0.40
CA GLY A 58 10.40 0.76 -1.21
C GLY A 58 10.41 1.35 -2.62
N GLU A 59 10.09 0.52 -3.60
CA GLU A 59 10.12 0.95 -5.00
C GLU A 59 8.73 1.34 -5.47
N VAL A 60 7.84 0.36 -5.56
CA VAL A 60 6.50 0.60 -6.02
C VAL A 60 5.57 0.81 -4.84
N VAL A 61 4.60 1.71 -5.00
CA VAL A 61 3.71 2.06 -3.92
C VAL A 61 2.30 1.53 -4.18
N ILE A 62 1.64 1.09 -3.13
CA ILE A 62 0.28 0.61 -3.22
C ILE A 62 -0.65 1.46 -2.35
N PHE A 63 -1.60 2.12 -2.98
CA PHE A 63 -2.58 2.92 -2.27
C PHE A 63 -3.92 2.23 -2.26
N ALA A 64 -4.39 1.93 -1.06
CA ALA A 64 -5.74 1.44 -0.89
C ALA A 64 -6.47 2.36 0.07
N VAL A 65 -7.08 3.40 -0.48
CA VAL A 65 -7.61 4.48 0.34
C VAL A 65 -8.94 4.99 -0.19
N ASP A 66 -9.52 5.90 0.57
CA ASP A 66 -10.74 6.59 0.17
C ASP A 66 -10.61 8.08 0.46
N THR A 67 -9.66 8.42 1.32
CA THR A 67 -9.48 9.79 1.77
C THR A 67 -8.08 10.30 1.43
N LYS A 68 -7.72 11.43 2.03
CA LYS A 68 -6.42 12.06 1.83
C LYS A 68 -5.32 11.25 2.48
N VAL A 69 -4.11 11.35 1.93
CA VAL A 69 -2.96 10.64 2.47
C VAL A 69 -1.80 11.61 2.68
N ARG A 70 -1.14 11.50 3.83
CA ARG A 70 -0.06 12.41 4.19
C ARG A 70 1.28 11.89 3.69
N ASN A 71 1.30 10.63 3.29
CA ASN A 71 2.49 10.06 2.67
C ASN A 71 2.51 10.33 1.16
N LYS A 72 1.41 10.87 0.63
CA LYS A 72 1.25 11.04 -0.82
C LYS A 72 2.39 11.85 -1.42
N GLU A 73 2.81 12.91 -0.74
CA GLU A 73 3.88 13.76 -1.23
C GLU A 73 5.17 12.96 -1.43
N ARG A 74 5.38 11.97 -0.58
CA ARG A 74 6.55 11.11 -0.65
C ARG A 74 6.51 10.21 -1.89
N PHE A 75 5.33 9.76 -2.26
CA PHE A 75 5.18 8.89 -3.41
C PHE A 75 4.72 9.67 -4.63
N ASP A 76 4.77 10.98 -4.53
CA ASP A 76 4.17 11.85 -5.55
C ASP A 76 4.97 11.81 -6.85
N GLY A 77 6.29 11.78 -6.73
CA GLY A 77 7.13 11.69 -7.89
C GLY A 77 7.63 10.29 -8.12
N LYS A 78 6.86 9.31 -7.65
CA LYS A 78 7.27 7.92 -7.73
C LYS A 78 6.15 7.09 -8.36
N VAL A 79 6.35 5.79 -8.45
CA VAL A 79 5.37 4.90 -9.08
C VAL A 79 4.45 4.30 -8.03
N VAL A 80 3.15 4.54 -8.18
CA VAL A 80 2.18 4.06 -7.21
C VAL A 80 0.88 3.64 -7.90
N LEU A 81 0.32 2.53 -7.44
CA LEU A 81 -0.98 2.08 -7.89
C LEU A 81 -2.04 2.47 -6.87
N GLU A 82 -3.04 3.21 -7.31
CA GLU A 82 -4.12 3.62 -6.43
C GLU A 82 -5.38 2.82 -6.74
N VAL A 83 -5.75 1.94 -5.84
CA VAL A 83 -6.96 1.16 -5.97
C VAL A 83 -7.90 1.42 -4.80
N PRO A 84 -9.19 1.10 -4.96
CA PRO A 84 -10.16 1.19 -3.87
C PRO A 84 -9.73 0.33 -2.68
N VAL A 85 -10.08 0.76 -1.48
CA VAL A 85 -9.63 0.08 -0.26
C VAL A 85 -10.19 -1.36 -0.20
N SER A 86 -11.31 -1.57 -0.87
CA SER A 86 -11.93 -2.90 -0.95
C SER A 86 -11.17 -3.85 -1.88
N ALA A 87 -10.37 -3.29 -2.77
CA ALA A 87 -9.72 -4.07 -3.84
C ALA A 87 -8.68 -5.08 -3.33
N PRO A 88 -7.70 -4.66 -2.49
CA PRO A 88 -6.60 -5.55 -2.06
C PRO A 88 -7.04 -6.61 -1.05
N ILE A 89 -8.34 -6.79 -0.88
CA ILE A 89 -8.85 -7.76 0.07
C ILE A 89 -8.88 -9.16 -0.54
N LYS A 90 -9.61 -9.32 -1.65
CA LYS A 90 -9.70 -10.62 -2.31
C LYS A 90 -8.69 -10.73 -3.45
N ASP A 91 -8.11 -9.61 -3.85
CA ASP A 91 -7.20 -9.58 -4.98
C ASP A 91 -5.86 -8.97 -4.60
N ALA A 92 -5.42 -9.26 -3.38
CA ALA A 92 -4.14 -8.75 -2.87
C ALA A 92 -2.99 -9.08 -3.81
N GLU A 93 -2.93 -10.35 -4.24
CA GLU A 93 -1.87 -10.81 -5.13
C GLU A 93 -1.95 -10.11 -6.48
N LYS A 94 -3.18 -9.79 -6.90
CA LYS A 94 -3.41 -9.14 -8.18
C LYS A 94 -2.83 -7.73 -8.14
N VAL A 95 -3.08 -7.05 -7.02
CA VAL A 95 -2.61 -5.70 -6.81
C VAL A 95 -1.08 -5.65 -6.85
N ILE A 96 -0.45 -6.62 -6.20
CA ILE A 96 1.00 -6.70 -6.15
C ILE A 96 1.58 -6.89 -7.56
N ASN A 97 0.99 -7.83 -8.30
CA ASN A 97 1.44 -8.12 -9.65
C ASN A 97 1.21 -6.94 -10.58
N ALA A 98 0.09 -6.26 -10.40
CA ALA A 98 -0.25 -5.12 -11.24
C ALA A 98 0.67 -3.94 -10.95
N ALA A 99 1.04 -3.78 -9.69
CA ALA A 99 1.96 -2.74 -9.28
C ALA A 99 3.32 -2.95 -9.94
N LEU A 100 3.72 -4.21 -10.07
CA LEU A 100 4.99 -4.54 -10.73
C LEU A 100 4.89 -4.30 -12.23
N ALA A 101 3.70 -4.47 -12.79
CA ALA A 101 3.50 -4.23 -14.22
C ALA A 101 3.64 -2.75 -14.54
N LEU A 102 3.29 -1.90 -13.58
CA LEU A 102 3.42 -0.45 -13.75
C LEU A 102 4.88 -0.06 -13.90
N ILE A 103 5.76 -0.74 -13.17
CA ILE A 103 7.18 -0.48 -13.25
C ILE A 103 7.83 -1.41 -14.26
N ASP A 104 6.99 -2.27 -14.84
CA ASP A 104 7.44 -3.37 -15.70
C ASP A 104 8.33 -4.32 -14.91
N GLU A 105 7.72 -5.37 -14.38
CA GLU A 105 8.38 -6.32 -13.49
C GLU A 105 9.75 -6.73 -14.00
N LYS A 106 10.75 -6.52 -13.14
CA LYS A 106 12.13 -6.82 -13.46
C LYS A 106 12.93 -6.99 -12.17
N MET A 1 9.70 -12.78 -6.43
CA MET A 1 9.70 -12.95 -4.97
C MET A 1 9.98 -11.64 -4.24
N LYS A 2 11.26 -11.37 -4.01
CA LYS A 2 11.66 -10.28 -3.12
C LYS A 2 11.72 -8.93 -3.83
N ARG A 3 10.89 -8.02 -3.35
CA ARG A 3 10.91 -6.63 -3.78
C ARG A 3 10.42 -5.75 -2.63
N LYS A 4 10.94 -4.53 -2.55
CA LYS A 4 10.51 -3.60 -1.53
C LYS A 4 9.24 -2.86 -1.98
N ILE A 5 8.19 -2.92 -1.18
CA ILE A 5 6.94 -2.27 -1.53
C ILE A 5 6.40 -1.47 -0.35
N ILE A 6 6.01 -0.24 -0.61
CA ILE A 6 5.36 0.57 0.42
C ILE A 6 3.91 0.82 0.01
N ALA A 7 3.01 0.69 0.96
CA ALA A 7 1.60 0.81 0.65
C ALA A 7 0.86 1.59 1.72
N VAL A 8 -0.03 2.47 1.31
CA VAL A 8 -0.84 3.22 2.24
C VAL A 8 -2.28 2.79 2.14
N THR A 9 -2.78 2.20 3.21
CA THR A 9 -4.16 1.78 3.29
C THR A 9 -4.96 2.77 4.13
N ALA A 10 -5.87 3.48 3.48
CA ALA A 10 -6.61 4.53 4.15
C ALA A 10 -8.11 4.38 3.94
N CYS A 11 -8.87 4.74 4.97
CA CYS A 11 -10.32 4.76 4.87
C CYS A 11 -10.89 5.61 6.00
N ALA A 12 -11.80 6.51 5.66
CA ALA A 12 -12.39 7.41 6.64
C ALA A 12 -13.86 7.10 6.86
N THR A 13 -14.44 6.35 5.92
CA THR A 13 -15.85 5.98 6.02
C THR A 13 -16.02 4.71 6.84
N GLY A 14 -15.27 3.67 6.46
CA GLY A 14 -15.31 2.42 7.18
C GLY A 14 -14.00 2.14 7.87
N VAL A 15 -13.92 2.50 9.15
CA VAL A 15 -12.69 2.39 9.92
C VAL A 15 -12.12 0.97 9.91
N ALA A 16 -13.01 -0.02 10.04
CA ALA A 16 -12.61 -1.42 10.02
C ALA A 16 -11.95 -1.81 8.70
N HIS A 17 -12.31 -1.10 7.63
CA HIS A 17 -11.76 -1.39 6.31
C HIS A 17 -10.28 -1.05 6.26
N THR A 18 -9.90 0.01 6.96
CA THR A 18 -8.52 0.46 7.00
C THR A 18 -7.61 -0.61 7.58
N TYR A 19 -8.02 -1.20 8.69
CA TYR A 19 -7.23 -2.24 9.34
C TYR A 19 -7.26 -3.52 8.51
N MET A 20 -8.41 -3.80 7.92
CA MET A 20 -8.61 -5.02 7.15
C MET A 20 -7.76 -5.04 5.89
N ALA A 21 -7.75 -3.92 5.17
CA ALA A 21 -7.02 -3.81 3.92
C ALA A 21 -5.53 -4.07 4.12
N ALA A 22 -4.98 -3.50 5.18
CA ALA A 22 -3.55 -3.64 5.46
C ALA A 22 -3.17 -5.08 5.79
N GLN A 23 -3.90 -5.69 6.72
CA GLN A 23 -3.59 -7.05 7.17
C GLN A 23 -3.79 -8.07 6.05
N ALA A 24 -4.81 -7.84 5.22
CA ALA A 24 -5.09 -8.72 4.10
C ALA A 24 -4.01 -8.57 3.03
N LEU A 25 -3.62 -7.34 2.79
CA LEU A 25 -2.55 -7.02 1.85
C LEU A 25 -1.23 -7.65 2.31
N LYS A 26 -0.99 -7.62 3.62
CA LYS A 26 0.20 -8.23 4.21
C LYS A 26 0.31 -9.71 3.83
N LYS A 27 -0.81 -10.42 3.88
CA LYS A 27 -0.84 -11.84 3.55
C LYS A 27 -0.41 -12.08 2.11
N GLY A 28 -1.00 -11.31 1.19
CA GLY A 28 -0.69 -11.46 -0.21
C GLY A 28 0.76 -11.14 -0.52
N ALA A 29 1.27 -10.09 0.11
CA ALA A 29 2.64 -9.66 -0.11
C ALA A 29 3.64 -10.69 0.40
N LYS A 30 3.46 -11.12 1.64
CA LYS A 30 4.39 -12.06 2.25
C LYS A 30 4.30 -13.42 1.57
N LYS A 31 3.15 -13.72 0.98
CA LYS A 31 2.96 -14.96 0.23
C LYS A 31 3.81 -14.94 -1.04
N MET A 32 3.92 -13.77 -1.64
CA MET A 32 4.67 -13.61 -2.89
C MET A 32 6.16 -13.43 -2.61
N GLY A 33 6.51 -13.33 -1.33
CA GLY A 33 7.90 -13.32 -0.94
C GLY A 33 8.53 -11.94 -0.97
N ASN A 34 7.72 -10.90 -0.95
CA ASN A 34 8.24 -9.55 -0.96
C ASN A 34 8.07 -8.88 0.39
N LEU A 35 8.69 -7.71 0.55
CA LEU A 35 8.66 -7.00 1.81
C LEU A 35 7.86 -5.72 1.66
N ILE A 36 6.76 -5.65 2.41
CA ILE A 36 5.84 -4.54 2.29
C ILE A 36 5.70 -3.78 3.61
N LYS A 37 5.60 -2.46 3.51
CA LYS A 37 5.41 -1.61 4.68
C LYS A 37 4.12 -0.81 4.49
N VAL A 38 3.09 -1.17 5.26
CA VAL A 38 1.77 -0.56 5.08
C VAL A 38 1.48 0.53 6.12
N GLU A 39 0.98 1.65 5.64
CA GLU A 39 0.54 2.75 6.49
C GLU A 39 -0.96 2.65 6.74
N THR A 40 -1.36 2.80 7.99
CA THR A 40 -2.77 2.79 8.34
C THR A 40 -3.24 4.24 8.46
N GLN A 41 -3.85 4.73 7.40
CA GLN A 41 -4.22 6.14 7.32
C GLN A 41 -5.72 6.32 7.51
N GLY A 42 -6.10 7.18 8.44
CA GLY A 42 -7.51 7.44 8.67
C GLY A 42 -7.84 8.90 8.50
N ALA A 43 -6.91 9.64 7.90
CA ALA A 43 -7.03 11.09 7.67
C ALA A 43 -6.93 11.87 8.98
N THR A 44 -7.73 11.47 9.96
CA THR A 44 -7.70 12.07 11.28
C THR A 44 -6.42 11.71 12.02
N GLY A 45 -5.81 10.59 11.62
CA GLY A 45 -4.60 10.16 12.28
C GLY A 45 -3.88 9.08 11.49
N ILE A 46 -2.56 9.02 11.67
CA ILE A 46 -1.75 8.01 11.03
C ILE A 46 -1.36 6.95 12.06
N GLU A 47 -1.70 5.70 11.80
CA GLU A 47 -1.41 4.63 12.74
C GLU A 47 0.00 4.12 12.55
N ASN A 48 0.44 4.06 11.30
CA ASN A 48 1.78 3.61 10.98
C ASN A 48 2.39 4.53 9.94
N GLU A 49 3.01 5.60 10.41
CA GLU A 49 3.57 6.61 9.52
C GLU A 49 4.75 6.06 8.71
N LEU A 50 4.63 6.12 7.40
CA LEU A 50 5.74 5.74 6.53
C LEU A 50 6.69 6.91 6.38
N THR A 51 7.85 6.80 7.02
CA THR A 51 8.83 7.88 7.01
C THR A 51 9.57 7.92 5.69
N GLU A 52 10.34 8.99 5.47
CA GLU A 52 11.16 9.13 4.26
C GLU A 52 12.02 7.89 4.09
N LYS A 53 12.58 7.44 5.21
CA LYS A 53 13.39 6.23 5.25
C LYS A 53 12.65 5.04 4.64
N ASP A 54 11.41 4.82 5.07
CA ASP A 54 10.60 3.71 4.57
C ASP A 54 10.35 3.86 3.08
N VAL A 55 10.00 5.07 2.68
CA VAL A 55 9.60 5.35 1.31
C VAL A 55 10.77 5.20 0.34
N ASN A 56 11.96 5.56 0.80
CA ASN A 56 13.14 5.48 -0.06
C ASN A 56 13.52 4.04 -0.34
N ILE A 57 13.13 3.14 0.56
CA ILE A 57 13.48 1.73 0.43
C ILE A 57 12.55 1.04 -0.58
N GLY A 58 11.25 1.25 -0.42
CA GLY A 58 10.27 0.63 -1.29
C GLY A 58 10.34 1.13 -2.73
N GLU A 59 10.12 0.22 -3.67
CA GLU A 59 10.13 0.53 -5.08
C GLU A 59 8.80 1.16 -5.50
N VAL A 60 7.76 0.34 -5.51
CA VAL A 60 6.44 0.78 -5.95
C VAL A 60 5.56 1.13 -4.76
N VAL A 61 4.66 2.08 -4.99
CA VAL A 61 3.74 2.53 -3.96
C VAL A 61 2.33 2.08 -4.28
N ILE A 62 1.75 1.28 -3.40
CA ILE A 62 0.39 0.83 -3.56
C ILE A 62 -0.55 1.71 -2.73
N PHE A 63 -1.47 2.38 -3.39
CA PHE A 63 -2.45 3.21 -2.69
C PHE A 63 -3.82 2.58 -2.71
N ALA A 64 -4.27 2.13 -1.55
CA ALA A 64 -5.63 1.69 -1.38
C ALA A 64 -6.30 2.60 -0.37
N VAL A 65 -6.91 3.66 -0.86
CA VAL A 65 -7.39 4.71 0.01
C VAL A 65 -8.84 5.09 -0.27
N ASP A 66 -9.58 5.26 0.81
CA ASP A 66 -10.92 5.81 0.77
C ASP A 66 -10.86 7.29 1.09
N THR A 67 -9.79 7.68 1.78
CA THR A 67 -9.60 9.06 2.18
C THR A 67 -8.24 9.56 1.70
N LYS A 68 -7.84 10.74 2.17
CA LYS A 68 -6.60 11.37 1.74
C LYS A 68 -5.40 10.80 2.49
N VAL A 69 -4.21 11.17 2.05
CA VAL A 69 -2.97 10.76 2.69
C VAL A 69 -1.91 11.85 2.56
N ARG A 70 -1.44 12.35 3.69
CA ARG A 70 -0.51 13.46 3.71
C ARG A 70 0.86 13.04 3.18
N ASN A 71 1.28 11.84 3.55
CA ASN A 71 2.60 11.34 3.18
C ASN A 71 2.71 11.09 1.68
N LYS A 72 1.59 11.20 0.96
CA LYS A 72 1.56 10.97 -0.49
C LYS A 72 2.57 11.84 -1.22
N GLU A 73 2.95 12.96 -0.58
CA GLU A 73 3.94 13.90 -1.12
C GLU A 73 5.11 13.16 -1.77
N ARG A 74 5.70 12.26 -1.00
CA ARG A 74 6.92 11.56 -1.37
C ARG A 74 6.65 10.39 -2.31
N PHE A 75 5.53 9.72 -2.11
CA PHE A 75 5.17 8.55 -2.90
C PHE A 75 4.81 8.96 -4.32
N ASP A 76 4.25 10.14 -4.45
CA ASP A 76 3.69 10.62 -5.71
C ASP A 76 4.79 10.82 -6.75
N GLY A 77 6.01 11.07 -6.29
CA GLY A 77 7.12 11.24 -7.19
C GLY A 77 7.83 9.93 -7.47
N LYS A 78 7.19 8.83 -7.10
CA LYS A 78 7.73 7.49 -7.30
C LYS A 78 6.80 6.69 -8.19
N VAL A 79 6.98 5.37 -8.21
CA VAL A 79 6.12 4.50 -9.01
C VAL A 79 4.85 4.21 -8.23
N VAL A 80 3.72 4.66 -8.76
CA VAL A 80 2.47 4.59 -8.03
C VAL A 80 1.46 3.65 -8.70
N LEU A 81 0.80 2.84 -7.88
CA LEU A 81 -0.30 2.00 -8.33
C LEU A 81 -1.48 2.18 -7.37
N GLU A 82 -2.56 2.75 -7.87
CA GLU A 82 -3.71 3.07 -7.04
C GLU A 82 -4.86 2.10 -7.28
N VAL A 83 -5.46 1.65 -6.19
CA VAL A 83 -6.63 0.77 -6.24
C VAL A 83 -7.61 1.16 -5.15
N PRO A 84 -8.87 0.69 -5.23
CA PRO A 84 -9.85 0.88 -4.17
C PRO A 84 -9.42 0.15 -2.89
N VAL A 85 -9.89 0.61 -1.75
CA VAL A 85 -9.50 0.03 -0.47
C VAL A 85 -9.98 -1.42 -0.34
N SER A 86 -11.05 -1.74 -1.06
CA SER A 86 -11.60 -3.09 -1.06
C SER A 86 -10.72 -4.06 -1.85
N ALA A 87 -9.92 -3.53 -2.75
CA ALA A 87 -9.13 -4.34 -3.68
C ALA A 87 -8.10 -5.24 -2.98
N PRO A 88 -7.18 -4.67 -2.16
CA PRO A 88 -6.11 -5.46 -1.53
C PRO A 88 -6.61 -6.37 -0.42
N ILE A 89 -7.92 -6.46 -0.26
CA ILE A 89 -8.49 -7.37 0.71
C ILE A 89 -8.70 -8.74 0.07
N LYS A 90 -9.36 -8.75 -1.08
CA LYS A 90 -9.61 -9.98 -1.81
C LYS A 90 -8.59 -10.21 -2.91
N ASP A 91 -8.08 -9.14 -3.48
CA ASP A 91 -7.24 -9.22 -4.66
C ASP A 91 -5.87 -8.61 -4.40
N ALA A 92 -5.38 -8.77 -3.18
CA ALA A 92 -4.10 -8.20 -2.76
C ALA A 92 -2.97 -8.60 -3.71
N GLU A 93 -2.92 -9.87 -4.04
CA GLU A 93 -1.86 -10.41 -4.88
C GLU A 93 -1.95 -9.86 -6.30
N LYS A 94 -3.16 -9.59 -6.76
CA LYS A 94 -3.36 -9.02 -8.09
C LYS A 94 -2.89 -7.58 -8.13
N VAL A 95 -3.15 -6.86 -7.03
CA VAL A 95 -2.71 -5.48 -6.88
C VAL A 95 -1.18 -5.41 -6.95
N ILE A 96 -0.54 -6.37 -6.29
CA ILE A 96 0.92 -6.46 -6.31
C ILE A 96 1.42 -6.68 -7.74
N ASN A 97 0.78 -7.61 -8.45
CA ASN A 97 1.15 -7.91 -9.83
C ASN A 97 0.93 -6.71 -10.73
N ALA A 98 -0.09 -5.91 -10.43
CA ALA A 98 -0.37 -4.70 -11.20
C ALA A 98 0.80 -3.73 -11.06
N ALA A 99 1.31 -3.59 -9.84
CA ALA A 99 2.46 -2.73 -9.58
C ALA A 99 3.72 -3.30 -10.22
N LEU A 100 3.86 -4.62 -10.16
CA LEU A 100 4.98 -5.31 -10.78
C LEU A 100 4.96 -5.14 -12.29
N ALA A 101 3.77 -5.10 -12.86
CA ALA A 101 3.62 -4.97 -14.31
C ALA A 101 4.13 -3.62 -14.80
N LEU A 102 4.17 -2.64 -13.91
CA LEU A 102 4.62 -1.31 -14.26
C LEU A 102 6.14 -1.25 -14.35
N ILE A 103 6.81 -1.83 -13.37
CA ILE A 103 8.27 -1.75 -13.29
C ILE A 103 8.96 -2.94 -13.96
N ASP A 104 8.39 -4.13 -13.79
CA ASP A 104 9.05 -5.34 -14.24
C ASP A 104 8.24 -6.03 -15.35
N GLU A 105 6.97 -5.67 -15.45
CA GLU A 105 6.07 -6.20 -16.49
C GLU A 105 5.83 -7.70 -16.22
N LYS A 106 6.02 -8.09 -14.98
CA LYS A 106 5.87 -9.48 -14.56
C LYS A 106 4.42 -9.77 -14.19
N MET A 1 9.73 -13.39 -3.97
CA MET A 1 10.65 -12.27 -4.29
C MET A 1 10.70 -11.29 -3.14
N LYS A 2 11.89 -10.97 -2.66
CA LYS A 2 12.07 -10.04 -1.55
C LYS A 2 12.02 -8.60 -2.05
N ARG A 3 10.91 -8.23 -2.66
CA ARG A 3 10.78 -6.90 -3.24
C ARG A 3 10.27 -5.92 -2.20
N LYS A 4 10.86 -4.73 -2.19
CA LYS A 4 10.48 -3.68 -1.24
C LYS A 4 9.27 -2.92 -1.75
N ILE A 5 8.25 -2.79 -0.93
CA ILE A 5 7.03 -2.10 -1.35
C ILE A 5 6.50 -1.23 -0.21
N ILE A 6 6.06 -0.02 -0.54
CA ILE A 6 5.36 0.82 0.42
C ILE A 6 3.92 1.00 -0.03
N ALA A 7 2.99 0.81 0.89
CA ALA A 7 1.58 0.87 0.55
C ALA A 7 0.81 1.57 1.65
N VAL A 8 -0.05 2.50 1.27
CA VAL A 8 -0.84 3.23 2.23
C VAL A 8 -2.31 2.83 2.14
N THR A 9 -2.80 2.22 3.20
CA THR A 9 -4.21 1.90 3.31
C THR A 9 -4.91 2.98 4.12
N ALA A 10 -5.72 3.78 3.45
CA ALA A 10 -6.34 4.93 4.09
C ALA A 10 -7.84 4.95 3.92
N CYS A 11 -8.55 4.56 4.95
CA CYS A 11 -10.01 4.60 4.92
C CYS A 11 -10.52 5.42 6.09
N ALA A 12 -11.42 6.33 5.81
CA ALA A 12 -11.99 7.19 6.86
C ALA A 12 -13.43 6.82 7.12
N THR A 13 -14.12 6.35 6.09
CA THR A 13 -15.52 5.98 6.20
C THR A 13 -15.68 4.70 7.01
N GLY A 14 -15.00 3.64 6.59
CA GLY A 14 -15.08 2.38 7.29
C GLY A 14 -13.76 1.99 7.91
N VAL A 15 -13.59 2.34 9.18
CA VAL A 15 -12.34 2.10 9.89
C VAL A 15 -12.02 0.62 9.98
N ALA A 16 -13.03 -0.24 9.84
CA ALA A 16 -12.82 -1.68 9.83
C ALA A 16 -12.10 -2.10 8.55
N HIS A 17 -12.28 -1.33 7.49
CA HIS A 17 -11.67 -1.63 6.19
C HIS A 17 -10.18 -1.27 6.22
N THR A 18 -9.84 -0.21 6.94
CA THR A 18 -8.46 0.25 7.05
C THR A 18 -7.54 -0.87 7.54
N TYR A 19 -7.90 -1.46 8.67
CA TYR A 19 -7.05 -2.46 9.31
C TYR A 19 -7.14 -3.80 8.58
N MET A 20 -8.31 -4.10 8.02
CA MET A 20 -8.47 -5.35 7.30
C MET A 20 -7.70 -5.34 5.99
N ALA A 21 -7.76 -4.21 5.28
CA ALA A 21 -7.06 -4.08 4.01
C ALA A 21 -5.56 -4.21 4.21
N ALA A 22 -5.04 -3.54 5.23
CA ALA A 22 -3.62 -3.58 5.54
C ALA A 22 -3.15 -5.01 5.77
N GLN A 23 -3.86 -5.75 6.61
CA GLN A 23 -3.48 -7.11 6.95
C GLN A 23 -3.66 -8.05 5.77
N ALA A 24 -4.74 -7.86 5.00
CA ALA A 24 -4.98 -8.67 3.82
C ALA A 24 -3.92 -8.41 2.76
N LEU A 25 -3.56 -7.14 2.62
CA LEU A 25 -2.50 -6.73 1.71
C LEU A 25 -1.17 -7.33 2.14
N LYS A 26 -0.88 -7.27 3.44
CA LYS A 26 0.31 -7.90 4.00
C LYS A 26 0.32 -9.39 3.72
N LYS A 27 -0.84 -10.01 3.88
CA LYS A 27 -0.99 -11.45 3.68
C LYS A 27 -0.65 -11.84 2.24
N GLY A 28 -1.11 -11.04 1.30
CA GLY A 28 -0.82 -11.30 -0.10
C GLY A 28 0.62 -10.98 -0.45
N ALA A 29 1.14 -9.89 0.11
CA ALA A 29 2.51 -9.48 -0.14
C ALA A 29 3.49 -10.50 0.45
N LYS A 30 3.19 -10.96 1.64
CA LYS A 30 4.04 -11.94 2.32
C LYS A 30 3.97 -13.28 1.60
N LYS A 31 2.83 -13.55 0.97
CA LYS A 31 2.65 -14.75 0.16
C LYS A 31 3.64 -14.75 -1.00
N MET A 32 3.93 -13.56 -1.50
CA MET A 32 4.88 -13.39 -2.60
C MET A 32 6.31 -13.29 -2.06
N GLY A 33 6.42 -13.25 -0.73
CA GLY A 33 7.72 -13.15 -0.09
C GLY A 33 8.26 -11.73 -0.08
N ASN A 34 7.39 -10.77 -0.32
CA ASN A 34 7.79 -9.37 -0.43
C ASN A 34 8.10 -8.78 0.93
N LEU A 35 8.72 -7.61 0.90
CA LEU A 35 8.97 -6.83 2.10
C LEU A 35 8.22 -5.52 1.99
N ILE A 36 7.01 -5.50 2.51
CA ILE A 36 6.12 -4.37 2.32
C ILE A 36 5.90 -3.62 3.64
N LYS A 37 5.79 -2.31 3.54
CA LYS A 37 5.45 -1.48 4.69
C LYS A 37 4.11 -0.81 4.45
N VAL A 38 3.07 -1.33 5.10
CA VAL A 38 1.72 -0.84 4.90
C VAL A 38 1.37 0.22 5.94
N GLU A 39 1.11 1.43 5.46
CA GLU A 39 0.80 2.56 6.33
C GLU A 39 -0.71 2.71 6.48
N THR A 40 -1.15 3.20 7.63
CA THR A 40 -2.56 3.34 7.90
C THR A 40 -2.95 4.80 8.18
N GLN A 41 -3.68 5.39 7.25
CA GLN A 41 -4.19 6.74 7.41
C GLN A 41 -5.71 6.70 7.44
N GLY A 42 -6.31 7.61 8.18
CA GLY A 42 -7.76 7.65 8.26
C GLY A 42 -8.28 9.05 8.47
N ALA A 43 -8.13 9.55 9.67
CA ALA A 43 -8.60 10.89 10.00
C ALA A 43 -7.43 11.85 10.14
N THR A 44 -6.92 12.31 8.99
CA THR A 44 -5.83 13.28 8.94
C THR A 44 -4.48 12.69 9.38
N GLY A 45 -4.50 11.82 10.37
CA GLY A 45 -3.27 11.35 10.98
C GLY A 45 -2.81 10.03 10.42
N ILE A 46 -1.62 9.62 10.82
CA ILE A 46 -1.04 8.38 10.36
C ILE A 46 -0.77 7.45 11.55
N GLU A 47 -1.27 6.23 11.48
CA GLU A 47 -1.05 5.28 12.56
C GLU A 47 0.28 4.57 12.36
N ASN A 48 0.34 3.69 11.38
CA ASN A 48 1.59 2.98 11.08
C ASN A 48 2.48 3.88 10.23
N GLU A 49 2.99 4.90 10.88
CA GLU A 49 3.80 5.94 10.26
C GLU A 49 5.03 5.36 9.55
N LEU A 50 5.12 5.59 8.25
CA LEU A 50 6.31 5.23 7.49
C LEU A 50 7.34 6.34 7.59
N THR A 51 8.61 6.00 7.49
CA THR A 51 9.66 6.99 7.52
C THR A 51 10.31 7.11 6.14
N GLU A 52 11.14 8.13 5.96
CA GLU A 52 11.78 8.39 4.68
C GLU A 52 12.63 7.21 4.22
N LYS A 53 13.19 6.47 5.18
CA LYS A 53 13.94 5.27 4.84
C LYS A 53 13.05 4.30 4.09
N ASP A 54 11.87 4.01 4.65
CA ASP A 54 10.93 3.07 4.03
C ASP A 54 10.55 3.53 2.65
N VAL A 55 10.23 4.81 2.54
CA VAL A 55 9.80 5.41 1.29
C VAL A 55 10.88 5.28 0.21
N ASN A 56 12.14 5.43 0.60
CA ASN A 56 13.24 5.40 -0.35
C ASN A 56 13.74 3.97 -0.58
N ILE A 57 13.29 3.04 0.25
CA ILE A 57 13.63 1.64 0.05
C ILE A 57 12.58 0.96 -0.82
N GLY A 58 11.31 1.19 -0.51
CA GLY A 58 10.22 0.60 -1.26
C GLY A 58 10.21 1.01 -2.72
N GLU A 59 10.03 0.03 -3.59
CA GLU A 59 10.04 0.25 -5.03
C GLU A 59 8.76 0.95 -5.48
N VAL A 60 7.66 0.21 -5.43
CA VAL A 60 6.38 0.69 -5.92
C VAL A 60 5.51 1.19 -4.78
N VAL A 61 4.63 2.13 -5.08
CA VAL A 61 3.74 2.69 -4.09
C VAL A 61 2.30 2.27 -4.36
N ILE A 62 1.73 1.52 -3.43
CA ILE A 62 0.37 1.06 -3.56
C ILE A 62 -0.56 1.87 -2.66
N PHE A 63 -1.61 2.43 -3.24
CA PHE A 63 -2.59 3.17 -2.46
C PHE A 63 -3.93 2.44 -2.46
N ALA A 64 -4.22 1.77 -1.36
CA ALA A 64 -5.52 1.18 -1.16
C ALA A 64 -6.33 2.09 -0.25
N VAL A 65 -7.06 3.00 -0.84
CA VAL A 65 -7.66 4.07 -0.07
C VAL A 65 -9.16 4.22 -0.30
N ASP A 66 -9.81 4.78 0.71
CA ASP A 66 -11.22 5.14 0.67
C ASP A 66 -11.34 6.66 0.70
N THR A 67 -10.31 7.30 1.24
CA THR A 67 -10.22 8.75 1.27
C THR A 67 -8.87 9.17 0.70
N LYS A 68 -8.50 10.43 0.85
CA LYS A 68 -7.23 10.92 0.32
C LYS A 68 -6.11 10.66 1.32
N VAL A 69 -4.87 10.80 0.86
CA VAL A 69 -3.72 10.61 1.73
C VAL A 69 -2.85 11.86 1.73
N ARG A 70 -2.06 12.02 2.78
CA ARG A 70 -1.17 13.16 2.89
C ARG A 70 0.24 12.81 2.39
N ASN A 71 0.65 11.58 2.64
CA ASN A 71 2.03 11.16 2.38
C ASN A 71 2.32 10.92 0.90
N LYS A 72 1.29 11.01 0.05
CA LYS A 72 1.47 10.84 -1.39
C LYS A 72 2.49 11.86 -1.91
N GLU A 73 2.60 12.95 -1.17
CA GLU A 73 3.58 13.99 -1.39
C GLU A 73 4.98 13.42 -1.74
N ARG A 74 5.47 12.51 -0.91
CA ARG A 74 6.80 11.95 -1.11
C ARG A 74 6.79 10.81 -2.12
N PHE A 75 5.66 10.12 -2.25
CA PHE A 75 5.51 9.05 -3.22
C PHE A 75 5.32 9.61 -4.64
N ASP A 76 5.13 10.92 -4.73
CA ASP A 76 4.86 11.57 -6.01
C ASP A 76 6.00 11.39 -7.00
N GLY A 77 7.23 11.49 -6.51
CA GLY A 77 8.39 11.30 -7.37
C GLY A 77 8.72 9.84 -7.57
N LYS A 78 7.77 8.98 -7.25
CA LYS A 78 7.96 7.54 -7.34
C LYS A 78 6.85 6.93 -8.21
N VAL A 79 6.79 5.61 -8.29
CA VAL A 79 5.78 4.93 -9.08
C VAL A 79 4.55 4.63 -8.23
N VAL A 80 3.39 5.06 -8.71
CA VAL A 80 2.17 5.00 -7.93
C VAL A 80 1.10 4.12 -8.59
N LEU A 81 0.45 3.28 -7.79
CA LEU A 81 -0.68 2.48 -8.24
C LEU A 81 -1.80 2.59 -7.20
N GLU A 82 -2.93 3.14 -7.59
CA GLU A 82 -4.04 3.35 -6.67
C GLU A 82 -5.18 2.38 -6.93
N VAL A 83 -5.76 1.88 -5.84
CA VAL A 83 -6.92 1.01 -5.88
C VAL A 83 -7.85 1.34 -4.71
N PRO A 84 -9.10 0.87 -4.74
CA PRO A 84 -10.00 1.01 -3.59
C PRO A 84 -9.48 0.22 -2.39
N VAL A 85 -9.75 0.70 -1.19
CA VAL A 85 -9.23 0.09 0.04
C VAL A 85 -9.72 -1.36 0.19
N SER A 86 -10.93 -1.62 -0.29
CA SER A 86 -11.54 -2.95 -0.17
C SER A 86 -10.91 -3.95 -1.16
N ALA A 87 -10.24 -3.44 -2.19
CA ALA A 87 -9.72 -4.28 -3.27
C ALA A 87 -8.66 -5.29 -2.80
N PRO A 88 -7.56 -4.85 -2.14
CA PRO A 88 -6.45 -5.74 -1.75
C PRO A 88 -6.85 -6.83 -0.77
N ILE A 89 -8.06 -6.74 -0.24
CA ILE A 89 -8.57 -7.77 0.66
C ILE A 89 -8.73 -9.08 -0.11
N LYS A 90 -9.23 -9.00 -1.33
CA LYS A 90 -9.35 -10.16 -2.19
C LYS A 90 -8.20 -10.23 -3.20
N ASP A 91 -7.96 -9.14 -3.91
CA ASP A 91 -6.99 -9.10 -5.00
C ASP A 91 -5.59 -8.76 -4.49
N ALA A 92 -5.23 -9.29 -3.32
CA ALA A 92 -4.00 -8.90 -2.65
C ALA A 92 -2.76 -9.03 -3.54
N GLU A 93 -2.58 -10.20 -4.15
CA GLU A 93 -1.40 -10.43 -5.00
C GLU A 93 -1.59 -9.76 -6.35
N LYS A 94 -2.83 -9.53 -6.72
CA LYS A 94 -3.15 -8.90 -7.99
C LYS A 94 -2.81 -7.42 -7.93
N VAL A 95 -3.10 -6.82 -6.78
CA VAL A 95 -2.74 -5.43 -6.52
C VAL A 95 -1.23 -5.24 -6.61
N ILE A 96 -0.49 -6.22 -6.11
CA ILE A 96 0.96 -6.23 -6.21
C ILE A 96 1.39 -6.24 -7.68
N ASN A 97 0.80 -7.15 -8.44
CA ASN A 97 1.11 -7.27 -9.87
C ASN A 97 0.77 -5.99 -10.61
N ALA A 98 -0.32 -5.35 -10.19
CA ALA A 98 -0.75 -4.10 -10.79
C ALA A 98 0.31 -3.01 -10.63
N ALA A 99 0.92 -2.97 -9.45
CA ALA A 99 1.99 -2.01 -9.17
C ALA A 99 3.20 -2.26 -10.06
N LEU A 100 3.62 -3.52 -10.13
CA LEU A 100 4.73 -3.92 -11.00
C LEU A 100 4.40 -3.66 -12.47
N ALA A 101 3.11 -3.70 -12.79
CA ALA A 101 2.64 -3.47 -14.15
C ALA A 101 2.87 -2.02 -14.59
N LEU A 102 3.11 -1.14 -13.63
CA LEU A 102 3.34 0.27 -13.91
C LEU A 102 4.80 0.54 -14.28
N ILE A 103 5.65 -0.47 -14.11
CA ILE A 103 7.06 -0.32 -14.46
C ILE A 103 7.50 -1.37 -15.47
N ASP A 104 6.93 -2.57 -15.39
CA ASP A 104 7.30 -3.66 -16.28
C ASP A 104 6.07 -4.46 -16.71
N GLU A 105 5.27 -4.85 -15.71
CA GLU A 105 4.12 -5.76 -15.87
C GLU A 105 4.61 -7.20 -16.00
N LYS A 106 5.92 -7.37 -15.96
CA LYS A 106 6.54 -8.68 -15.96
C LYS A 106 7.85 -8.61 -15.16
N MET A 1 10.93 -12.67 -6.36
CA MET A 1 11.82 -12.61 -5.17
C MET A 1 11.48 -11.39 -4.33
N LYS A 2 12.17 -11.24 -3.20
CA LYS A 2 11.84 -10.19 -2.23
C LYS A 2 12.04 -8.80 -2.82
N ARG A 3 10.95 -8.11 -3.09
CA ARG A 3 11.03 -6.74 -3.55
C ARG A 3 10.67 -5.78 -2.42
N LYS A 4 10.95 -4.50 -2.63
CA LYS A 4 10.64 -3.48 -1.62
C LYS A 4 9.34 -2.78 -2.00
N ILE A 5 8.28 -3.00 -1.23
CA ILE A 5 6.99 -2.39 -1.52
C ILE A 5 6.51 -1.52 -0.36
N ILE A 6 6.14 -0.28 -0.67
CA ILE A 6 5.50 0.58 0.32
C ILE A 6 4.06 0.83 -0.11
N ALA A 7 3.14 0.68 0.83
CA ALA A 7 1.72 0.78 0.52
C ALA A 7 0.98 1.57 1.57
N VAL A 8 -0.06 2.29 1.15
CA VAL A 8 -0.87 3.05 2.07
C VAL A 8 -2.33 2.61 1.97
N THR A 9 -2.89 2.23 3.10
CA THR A 9 -4.28 1.85 3.18
C THR A 9 -5.07 2.91 3.95
N ALA A 10 -6.16 3.38 3.35
CA ALA A 10 -6.96 4.43 3.95
C ALA A 10 -8.41 4.33 3.53
N CYS A 11 -9.31 4.76 4.42
CA CYS A 11 -10.73 4.78 4.10
C CYS A 11 -11.44 5.77 5.02
N ALA A 12 -12.45 6.45 4.47
CA ALA A 12 -13.18 7.46 5.23
C ALA A 12 -14.51 6.92 5.72
N THR A 13 -15.23 6.24 4.85
CA THR A 13 -16.54 5.72 5.21
C THR A 13 -16.43 4.30 5.77
N GLY A 14 -15.95 3.37 4.95
CA GLY A 14 -15.77 1.99 5.40
C GLY A 14 -14.48 1.82 6.18
N VAL A 15 -14.44 2.43 7.36
CA VAL A 15 -13.22 2.47 8.19
C VAL A 15 -12.59 1.09 8.38
N ALA A 16 -13.43 0.06 8.51
CA ALA A 16 -12.95 -1.31 8.75
C ALA A 16 -12.08 -1.81 7.60
N HIS A 17 -12.27 -1.25 6.41
CA HIS A 17 -11.54 -1.67 5.23
C HIS A 17 -10.07 -1.32 5.35
N THR A 18 -9.80 -0.19 6.01
CA THR A 18 -8.45 0.30 6.22
C THR A 18 -7.59 -0.73 6.95
N TYR A 19 -8.14 -1.27 8.03
CA TYR A 19 -7.39 -2.14 8.92
C TYR A 19 -7.33 -3.56 8.35
N MET A 20 -8.27 -3.88 7.48
CA MET A 20 -8.28 -5.19 6.84
C MET A 20 -7.29 -5.24 5.68
N ALA A 21 -7.35 -4.23 4.82
CA ALA A 21 -6.52 -4.19 3.62
C ALA A 21 -5.05 -4.18 3.96
N ALA A 22 -4.70 -3.49 5.04
CA ALA A 22 -3.30 -3.39 5.48
C ALA A 22 -2.70 -4.78 5.71
N GLN A 23 -3.44 -5.64 6.41
CA GLN A 23 -2.97 -6.97 6.73
C GLN A 23 -3.13 -7.93 5.55
N ALA A 24 -4.17 -7.71 4.76
CA ALA A 24 -4.41 -8.52 3.57
C ALA A 24 -3.26 -8.34 2.58
N LEU A 25 -2.85 -7.09 2.40
CA LEU A 25 -1.70 -6.78 1.56
C LEU A 25 -0.44 -7.46 2.08
N LYS A 26 -0.29 -7.49 3.40
CA LYS A 26 0.85 -8.15 4.02
C LYS A 26 0.86 -9.64 3.69
N LYS A 27 -0.29 -10.29 3.89
CA LYS A 27 -0.42 -11.71 3.66
C LYS A 27 -0.09 -12.05 2.20
N GLY A 28 -0.61 -11.23 1.29
CA GLY A 28 -0.33 -11.42 -0.13
C GLY A 28 1.13 -11.20 -0.46
N ALA A 29 1.72 -10.16 0.13
CA ALA A 29 3.11 -9.84 -0.10
C ALA A 29 4.02 -10.96 0.40
N LYS A 30 3.72 -11.47 1.58
CA LYS A 30 4.48 -12.57 2.16
C LYS A 30 4.26 -13.86 1.39
N LYS A 31 3.08 -14.01 0.81
CA LYS A 31 2.77 -15.17 -0.03
C LYS A 31 3.67 -15.19 -1.26
N MET A 32 3.83 -14.01 -1.87
CA MET A 32 4.71 -13.87 -3.02
C MET A 32 6.17 -13.94 -2.58
N GLY A 33 6.43 -13.41 -1.38
CA GLY A 33 7.78 -13.43 -0.83
C GLY A 33 8.44 -12.08 -0.93
N ASN A 34 7.79 -11.05 -0.38
CA ASN A 34 8.30 -9.69 -0.49
C ASN A 34 8.27 -8.98 0.86
N LEU A 35 8.89 -7.80 0.91
CA LEU A 35 8.86 -6.95 2.09
C LEU A 35 7.94 -5.77 1.83
N ILE A 36 6.96 -5.57 2.68
CA ILE A 36 5.98 -4.54 2.46
C ILE A 36 5.81 -3.65 3.69
N LYS A 37 5.74 -2.36 3.44
CA LYS A 37 5.50 -1.37 4.49
C LYS A 37 4.18 -0.67 4.24
N VAL A 38 3.18 -1.01 5.04
CA VAL A 38 1.88 -0.40 4.90
C VAL A 38 1.64 0.66 5.96
N GLU A 39 0.96 1.71 5.55
CA GLU A 39 0.55 2.77 6.46
C GLU A 39 -0.97 2.74 6.61
N THR A 40 -1.45 2.79 7.85
CA THR A 40 -2.88 2.82 8.08
C THR A 40 -3.34 4.25 8.33
N GLN A 41 -3.98 4.83 7.32
CA GLN A 41 -4.53 6.15 7.44
C GLN A 41 -5.97 6.03 7.93
N GLY A 42 -6.11 5.96 9.24
CA GLY A 42 -7.41 5.74 9.85
C GLY A 42 -8.21 7.03 9.93
N ALA A 43 -8.44 7.63 8.77
CA ALA A 43 -9.21 8.86 8.66
C ALA A 43 -8.53 10.00 9.41
N THR A 44 -7.59 10.65 8.74
CA THR A 44 -6.82 11.77 9.31
C THR A 44 -5.74 11.29 10.29
N GLY A 45 -6.05 10.23 11.05
CA GLY A 45 -5.13 9.73 12.05
C GLY A 45 -4.21 8.67 11.51
N ILE A 46 -2.92 8.99 11.44
CA ILE A 46 -1.93 8.08 10.90
C ILE A 46 -1.36 7.22 12.02
N GLU A 47 -1.31 5.91 11.82
CA GLU A 47 -0.81 5.02 12.86
C GLU A 47 0.61 4.57 12.56
N ASN A 48 0.86 4.13 11.33
CA ASN A 48 2.17 3.66 10.94
C ASN A 48 3.09 4.82 10.61
N GLU A 49 2.71 5.60 9.60
CA GLU A 49 3.51 6.73 9.12
C GLU A 49 4.80 6.23 8.49
N LEU A 50 4.81 6.17 7.18
CA LEU A 50 6.00 5.75 6.44
C LEU A 50 6.93 6.95 6.27
N THR A 51 8.19 6.76 6.57
CA THR A 51 9.15 7.84 6.58
C THR A 51 9.82 8.00 5.21
N GLU A 52 10.35 9.19 4.95
CA GLU A 52 11.08 9.46 3.70
C GLU A 52 12.13 8.38 3.47
N LYS A 53 12.86 8.04 4.53
CA LYS A 53 13.92 7.05 4.44
C LYS A 53 13.36 5.67 4.10
N ASP A 54 12.27 5.30 4.77
CA ASP A 54 11.66 3.99 4.59
C ASP A 54 11.02 3.87 3.21
N VAL A 55 10.39 4.97 2.78
CA VAL A 55 9.76 5.03 1.47
C VAL A 55 10.80 4.92 0.36
N ASN A 56 11.97 5.52 0.57
CA ASN A 56 13.03 5.48 -0.43
C ASN A 56 13.61 4.09 -0.58
N ILE A 57 13.43 3.26 0.44
CA ILE A 57 13.84 1.87 0.37
C ILE A 57 12.93 1.10 -0.58
N GLY A 58 11.63 1.33 -0.44
CA GLY A 58 10.65 0.71 -1.32
C GLY A 58 10.77 1.21 -2.75
N GLU A 59 10.34 0.39 -3.69
CA GLU A 59 10.45 0.71 -5.10
C GLU A 59 9.09 1.03 -5.70
N VAL A 60 8.14 0.12 -5.53
CA VAL A 60 6.78 0.33 -6.03
C VAL A 60 5.85 0.73 -4.91
N VAL A 61 4.94 1.65 -5.19
CA VAL A 61 4.02 2.16 -4.20
C VAL A 61 2.60 1.70 -4.50
N ILE A 62 1.95 1.13 -3.50
CA ILE A 62 0.57 0.70 -3.63
C ILE A 62 -0.34 1.58 -2.78
N PHE A 63 -1.38 2.12 -3.40
CA PHE A 63 -2.32 2.96 -2.69
C PHE A 63 -3.72 2.37 -2.73
N ALA A 64 -4.20 1.93 -1.58
CA ALA A 64 -5.58 1.51 -1.45
C ALA A 64 -6.29 2.48 -0.53
N VAL A 65 -6.86 3.52 -1.11
CA VAL A 65 -7.35 4.63 -0.31
C VAL A 65 -8.77 5.04 -0.69
N ASP A 66 -9.55 5.32 0.34
CA ASP A 66 -10.89 5.84 0.19
C ASP A 66 -10.93 7.26 0.76
N THR A 67 -9.80 7.71 1.28
CA THR A 67 -9.70 9.03 1.88
C THR A 67 -8.32 9.64 1.59
N LYS A 68 -8.16 10.89 1.99
CA LYS A 68 -6.95 11.65 1.76
C LYS A 68 -5.80 11.14 2.62
N VAL A 69 -4.60 11.10 2.05
CA VAL A 69 -3.42 10.65 2.77
C VAL A 69 -2.44 11.80 2.93
N ARG A 70 -2.02 12.05 4.16
CA ARG A 70 -1.17 13.19 4.46
C ARG A 70 0.30 12.88 4.17
N ASN A 71 0.72 11.64 4.43
CA ASN A 71 2.11 11.24 4.19
C ASN A 71 2.34 10.90 2.72
N LYS A 72 1.26 10.87 1.96
CA LYS A 72 1.29 10.52 0.54
C LYS A 72 2.35 11.32 -0.22
N GLU A 73 2.64 12.52 0.27
CA GLU A 73 3.56 13.44 -0.39
C GLU A 73 4.91 12.78 -0.73
N ARG A 74 5.37 11.87 0.13
CA ARG A 74 6.68 11.28 -0.04
C ARG A 74 6.69 10.11 -1.02
N PHE A 75 5.52 9.68 -1.48
CA PHE A 75 5.44 8.65 -2.51
C PHE A 75 5.28 9.30 -3.87
N ASP A 76 5.21 10.62 -3.87
CA ASP A 76 5.07 11.38 -5.10
C ASP A 76 6.42 11.52 -5.78
N GLY A 77 6.42 11.41 -7.10
CA GLY A 77 7.66 11.35 -7.83
C GLY A 77 8.16 9.92 -7.88
N LYS A 78 7.21 9.00 -7.73
CA LYS A 78 7.50 7.57 -7.74
C LYS A 78 6.41 6.84 -8.52
N VAL A 79 6.25 5.55 -8.27
CA VAL A 79 5.28 4.76 -9.01
C VAL A 79 4.11 4.35 -8.11
N VAL A 80 2.97 4.98 -8.33
CA VAL A 80 1.81 4.77 -7.49
C VAL A 80 0.74 3.95 -8.20
N LEU A 81 0.49 2.75 -7.68
CA LEU A 81 -0.60 1.93 -8.15
C LEU A 81 -1.78 2.12 -7.20
N GLU A 82 -2.75 2.92 -7.63
CA GLU A 82 -3.84 3.32 -6.76
C GLU A 82 -5.13 2.58 -7.10
N VAL A 83 -5.68 1.91 -6.11
CA VAL A 83 -6.93 1.18 -6.26
C VAL A 83 -7.85 1.46 -5.07
N PRO A 84 -9.16 1.15 -5.20
CA PRO A 84 -10.10 1.26 -4.08
C PRO A 84 -9.67 0.39 -2.90
N VAL A 85 -9.89 0.86 -1.69
CA VAL A 85 -9.45 0.17 -0.49
C VAL A 85 -10.15 -1.19 -0.32
N SER A 86 -11.33 -1.31 -0.92
CA SER A 86 -12.10 -2.55 -0.84
C SER A 86 -11.49 -3.65 -1.71
N ALA A 87 -10.67 -3.26 -2.68
CA ALA A 87 -10.10 -4.20 -3.64
C ALA A 87 -9.06 -5.15 -3.01
N PRO A 88 -8.01 -4.61 -2.35
CA PRO A 88 -6.91 -5.44 -1.80
C PRO A 88 -7.33 -6.33 -0.64
N ILE A 89 -8.61 -6.31 -0.29
CA ILE A 89 -9.12 -7.20 0.73
C ILE A 89 -9.39 -8.58 0.11
N LYS A 90 -9.89 -8.56 -1.12
CA LYS A 90 -10.12 -9.78 -1.88
C LYS A 90 -8.96 -10.03 -2.83
N ASP A 91 -8.63 -9.01 -3.62
CA ASP A 91 -7.64 -9.12 -4.68
C ASP A 91 -6.26 -8.71 -4.19
N ALA A 92 -5.93 -9.03 -2.94
CA ALA A 92 -4.69 -8.56 -2.31
C ALA A 92 -3.44 -8.87 -3.13
N GLU A 93 -3.27 -10.13 -3.49
CA GLU A 93 -2.10 -10.55 -4.25
C GLU A 93 -2.15 -9.97 -5.67
N LYS A 94 -3.36 -9.77 -6.14
CA LYS A 94 -3.60 -9.27 -7.49
C LYS A 94 -3.24 -7.79 -7.58
N VAL A 95 -3.50 -7.07 -6.51
CA VAL A 95 -3.12 -5.67 -6.41
C VAL A 95 -1.61 -5.51 -6.39
N ILE A 96 -0.94 -6.39 -5.67
CA ILE A 96 0.51 -6.41 -5.61
C ILE A 96 1.09 -6.70 -6.99
N ASN A 97 0.58 -7.74 -7.64
CA ASN A 97 1.04 -8.10 -8.97
C ASN A 97 0.76 -6.99 -9.98
N ALA A 98 -0.27 -6.18 -9.70
CA ALA A 98 -0.62 -5.06 -10.57
C ALA A 98 0.50 -4.02 -10.59
N ALA A 99 1.12 -3.81 -9.43
CA ALA A 99 2.25 -2.90 -9.32
C ALA A 99 3.45 -3.46 -10.08
N LEU A 100 3.63 -4.78 -9.96
CA LEU A 100 4.70 -5.48 -10.67
C LEU A 100 4.46 -5.46 -12.17
N ALA A 101 3.19 -5.44 -12.56
CA ALA A 101 2.80 -5.40 -13.97
C ALA A 101 3.19 -4.08 -14.61
N LEU A 102 3.44 -3.06 -13.79
CA LEU A 102 3.84 -1.76 -14.30
C LEU A 102 5.31 -1.74 -14.68
N ILE A 103 6.13 -2.44 -13.91
CA ILE A 103 7.57 -2.42 -14.13
C ILE A 103 8.04 -3.62 -14.96
N ASP A 104 7.59 -4.81 -14.61
CA ASP A 104 8.02 -6.03 -15.30
C ASP A 104 6.90 -6.61 -16.14
N GLU A 105 5.68 -6.49 -15.61
CA GLU A 105 4.50 -7.15 -16.17
C GLU A 105 4.68 -8.67 -16.07
N LYS A 106 4.58 -9.17 -14.85
CA LYS A 106 4.77 -10.58 -14.56
C LYS A 106 3.72 -11.05 -13.56
N MET A 1 14.69 -10.72 -5.95
CA MET A 1 14.91 -11.42 -4.66
C MET A 1 13.79 -11.09 -3.68
N LYS A 2 13.76 -9.83 -3.25
CA LYS A 2 12.72 -9.35 -2.36
C LYS A 2 12.23 -8.00 -2.84
N ARG A 3 11.09 -7.98 -3.51
CA ARG A 3 10.53 -6.74 -4.02
C ARG A 3 10.12 -5.84 -2.87
N LYS A 4 10.63 -4.62 -2.87
CA LYS A 4 10.34 -3.67 -1.81
C LYS A 4 9.09 -2.87 -2.15
N ILE A 5 8.07 -3.00 -1.33
CA ILE A 5 6.81 -2.30 -1.58
C ILE A 5 6.36 -1.55 -0.35
N ILE A 6 5.92 -0.31 -0.54
CA ILE A 6 5.29 0.45 0.52
C ILE A 6 3.84 0.70 0.17
N ALA A 7 2.95 0.56 1.13
CA ALA A 7 1.53 0.67 0.87
C ALA A 7 0.85 1.57 1.88
N VAL A 8 0.03 2.47 1.40
CA VAL A 8 -0.73 3.35 2.27
C VAL A 8 -2.20 2.97 2.21
N THR A 9 -2.81 2.81 3.38
CA THR A 9 -4.22 2.44 3.45
C THR A 9 -5.05 3.55 4.06
N ALA A 10 -6.14 3.91 3.38
CA ALA A 10 -7.02 4.97 3.83
C ALA A 10 -8.46 4.67 3.45
N CYS A 11 -9.39 5.30 4.16
CA CYS A 11 -10.81 5.11 3.91
C CYS A 11 -11.63 6.01 4.82
N ALA A 12 -11.11 6.23 6.03
CA ALA A 12 -11.72 7.12 7.02
C ALA A 12 -13.03 6.54 7.58
N THR A 13 -14.05 6.47 6.74
CA THR A 13 -15.34 5.93 7.15
C THR A 13 -15.24 4.40 7.35
N GLY A 14 -14.67 3.72 6.38
CA GLY A 14 -14.48 2.29 6.49
C GLY A 14 -13.23 1.93 7.26
N VAL A 15 -13.27 2.13 8.57
CA VAL A 15 -12.12 1.90 9.43
C VAL A 15 -11.63 0.47 9.35
N ALA A 16 -12.54 -0.48 9.49
CA ALA A 16 -12.19 -1.89 9.46
C ALA A 16 -11.62 -2.29 8.11
N HIS A 17 -12.16 -1.70 7.04
CA HIS A 17 -11.66 -1.98 5.69
C HIS A 17 -10.22 -1.51 5.55
N THR A 18 -9.90 -0.42 6.22
CA THR A 18 -8.55 0.14 6.18
C THR A 18 -7.53 -0.83 6.77
N TYR A 19 -7.84 -1.35 7.96
CA TYR A 19 -6.97 -2.31 8.61
C TYR A 19 -6.92 -3.62 7.82
N MET A 20 -8.07 -4.02 7.29
CA MET A 20 -8.17 -5.25 6.52
C MET A 20 -7.23 -5.22 5.33
N ALA A 21 -7.34 -4.18 4.51
CA ALA A 21 -6.52 -4.06 3.31
C ALA A 21 -5.04 -4.03 3.67
N ALA A 22 -4.70 -3.31 4.74
CA ALA A 22 -3.33 -3.22 5.20
C ALA A 22 -2.77 -4.60 5.55
N GLN A 23 -3.54 -5.34 6.33
CA GLN A 23 -3.15 -6.66 6.78
C GLN A 23 -3.20 -7.68 5.64
N ALA A 24 -4.10 -7.46 4.70
CA ALA A 24 -4.24 -8.35 3.55
C ALA A 24 -3.09 -8.15 2.57
N LEU A 25 -2.72 -6.89 2.35
CA LEU A 25 -1.58 -6.57 1.50
C LEU A 25 -0.29 -7.19 2.05
N LYS A 26 -0.08 -7.03 3.36
CA LYS A 26 1.08 -7.62 4.02
C LYS A 26 1.01 -9.14 3.92
N LYS A 27 -0.18 -9.68 4.14
CA LYS A 27 -0.45 -11.10 4.03
C LYS A 27 -0.05 -11.64 2.66
N GLY A 28 -0.51 -10.96 1.61
CA GLY A 28 -0.21 -11.37 0.26
C GLY A 28 1.24 -11.17 -0.11
N ALA A 29 1.83 -10.09 0.39
CA ALA A 29 3.22 -9.77 0.08
C ALA A 29 4.16 -10.85 0.61
N LYS A 30 3.98 -11.22 1.87
CA LYS A 30 4.82 -12.25 2.47
C LYS A 30 4.52 -13.62 1.87
N LYS A 31 3.30 -13.78 1.36
CA LYS A 31 2.90 -15.00 0.68
C LYS A 31 3.65 -15.13 -0.65
N MET A 32 3.70 -14.02 -1.38
CA MET A 32 4.37 -14.00 -2.69
C MET A 32 5.89 -13.96 -2.53
N GLY A 33 6.35 -13.58 -1.34
CA GLY A 33 7.78 -13.55 -1.07
C GLY A 33 8.39 -12.20 -1.30
N ASN A 34 7.69 -11.15 -0.88
CA ASN A 34 8.20 -9.79 -1.02
C ASN A 34 8.25 -9.11 0.34
N LEU A 35 8.72 -7.86 0.37
CA LEU A 35 8.81 -7.11 1.61
C LEU A 35 7.99 -5.83 1.52
N ILE A 36 7.06 -5.65 2.46
CA ILE A 36 6.14 -4.53 2.38
C ILE A 36 6.10 -3.74 3.70
N LYS A 37 6.06 -2.42 3.58
CA LYS A 37 5.87 -1.55 4.73
C LYS A 37 4.56 -0.78 4.55
N VAL A 38 3.57 -1.14 5.35
CA VAL A 38 2.24 -0.57 5.19
C VAL A 38 1.97 0.54 6.22
N GLU A 39 1.36 1.61 5.75
CA GLU A 39 0.96 2.71 6.60
C GLU A 39 -0.56 2.78 6.70
N THR A 40 -1.06 3.12 7.88
CA THR A 40 -2.48 3.27 8.09
C THR A 40 -2.80 4.75 8.33
N GLN A 41 -3.45 5.37 7.36
CA GLN A 41 -3.70 6.80 7.44
C GLN A 41 -5.13 7.09 7.06
N GLY A 42 -5.97 7.33 8.07
CA GLY A 42 -7.38 7.57 7.82
C GLY A 42 -7.61 8.78 6.95
N ALA A 43 -6.99 9.88 7.36
CA ALA A 43 -7.04 11.15 6.63
C ALA A 43 -6.23 12.19 7.39
N THR A 44 -6.47 12.26 8.69
CA THR A 44 -5.77 13.19 9.55
C THR A 44 -4.96 12.42 10.60
N GLY A 45 -5.42 11.20 10.90
CA GLY A 45 -4.73 10.36 11.85
C GLY A 45 -3.67 9.51 11.19
N ILE A 46 -2.51 9.39 11.82
CA ILE A 46 -1.38 8.70 11.23
C ILE A 46 -0.96 7.53 12.10
N GLU A 47 -1.07 6.31 11.57
CA GLU A 47 -0.64 5.14 12.30
C GLU A 47 0.55 4.49 11.60
N ASN A 48 1.52 4.08 12.40
CA ASN A 48 2.81 3.56 11.93
C ASN A 48 3.67 4.70 11.38
N GLU A 49 3.13 5.41 10.38
CA GLU A 49 3.78 6.58 9.80
C GLU A 49 5.10 6.21 9.11
N LEU A 50 5.06 6.15 7.79
CA LEU A 50 6.23 5.79 7.01
C LEU A 50 7.14 6.99 6.82
N THR A 51 8.29 6.95 7.48
CA THR A 51 9.27 8.01 7.36
C THR A 51 9.96 7.95 6.00
N GLU A 52 10.68 9.02 5.65
CA GLU A 52 11.37 9.12 4.39
C GLU A 52 12.25 7.89 4.14
N LYS A 53 12.78 7.34 5.22
CA LYS A 53 13.61 6.14 5.15
C LYS A 53 12.84 4.96 4.57
N ASP A 54 11.72 4.61 5.19
CA ASP A 54 10.95 3.45 4.74
C ASP A 54 10.34 3.69 3.38
N VAL A 55 9.97 4.93 3.14
CA VAL A 55 9.39 5.33 1.87
C VAL A 55 10.36 5.09 0.72
N ASN A 56 11.64 5.32 0.97
CA ASN A 56 12.65 5.14 -0.06
C ASN A 56 13.27 3.74 0.01
N ILE A 57 12.71 2.89 0.85
CA ILE A 57 13.05 1.48 0.86
C ILE A 57 12.25 0.78 -0.23
N GLY A 58 10.94 1.03 -0.23
CA GLY A 58 10.07 0.47 -1.23
C GLY A 58 10.33 1.07 -2.60
N GLU A 59 10.20 0.25 -3.63
CA GLU A 59 10.49 0.70 -4.99
C GLU A 59 9.21 1.04 -5.74
N VAL A 60 8.12 0.37 -5.38
CA VAL A 60 6.82 0.68 -5.93
C VAL A 60 5.83 0.95 -4.80
N VAL A 61 4.91 1.88 -5.01
CA VAL A 61 3.98 2.27 -3.97
C VAL A 61 2.55 1.84 -4.31
N ILE A 62 1.88 1.24 -3.36
CA ILE A 62 0.49 0.84 -3.53
C ILE A 62 -0.41 1.65 -2.61
N PHE A 63 -1.44 2.26 -3.16
CA PHE A 63 -2.39 3.02 -2.38
C PHE A 63 -3.74 2.33 -2.35
N ALA A 64 -4.06 1.71 -1.23
CA ALA A 64 -5.38 1.18 -1.01
C ALA A 64 -6.17 2.20 -0.21
N VAL A 65 -6.84 3.11 -0.91
CA VAL A 65 -7.45 4.25 -0.26
C VAL A 65 -8.85 4.51 -0.78
N ASP A 66 -9.68 5.05 0.09
CA ASP A 66 -11.02 5.50 -0.31
C ASP A 66 -11.11 7.00 -0.11
N THR A 67 -9.99 7.59 0.25
CA THR A 67 -9.89 9.03 0.50
C THR A 67 -8.44 9.48 0.28
N LYS A 68 -8.15 10.72 0.64
CA LYS A 68 -6.80 11.27 0.46
C LYS A 68 -5.92 10.94 1.66
N VAL A 69 -4.63 11.16 1.50
CA VAL A 69 -3.67 10.96 2.59
C VAL A 69 -2.68 12.11 2.61
N ARG A 70 -1.87 12.17 3.67
CA ARG A 70 -0.94 13.26 3.89
C ARG A 70 0.44 12.91 3.34
N ASN A 71 0.92 11.73 3.69
CA ASN A 71 2.29 11.33 3.39
C ASN A 71 2.49 10.99 1.93
N LYS A 72 1.40 10.99 1.16
CA LYS A 72 1.43 10.68 -0.27
C LYS A 72 2.56 11.40 -1.00
N GLU A 73 2.90 12.59 -0.53
CA GLU A 73 3.86 13.45 -1.22
C GLU A 73 5.23 12.81 -1.39
N ARG A 74 5.60 11.87 -0.52
CA ARG A 74 6.90 11.21 -0.63
C ARG A 74 6.83 9.97 -1.51
N PHE A 75 5.61 9.49 -1.78
CA PHE A 75 5.41 8.33 -2.62
C PHE A 75 5.09 8.77 -4.05
N ASP A 76 4.69 10.03 -4.17
CA ASP A 76 4.15 10.57 -5.42
C ASP A 76 5.13 10.48 -6.58
N GLY A 77 6.37 10.88 -6.35
CA GLY A 77 7.34 10.92 -7.41
C GLY A 77 8.02 9.57 -7.65
N LYS A 78 7.30 8.50 -7.37
CA LYS A 78 7.81 7.16 -7.61
C LYS A 78 6.88 6.42 -8.54
N VAL A 79 6.12 5.49 -7.98
CA VAL A 79 5.17 4.68 -8.73
C VAL A 79 3.91 4.54 -7.92
N VAL A 80 2.81 5.10 -8.42
CA VAL A 80 1.57 5.13 -7.66
C VAL A 80 0.52 4.20 -8.26
N LEU A 81 0.30 3.07 -7.60
CA LEU A 81 -0.79 2.18 -7.96
C LEU A 81 -1.93 2.41 -6.99
N GLU A 82 -2.94 3.15 -7.42
CA GLU A 82 -4.03 3.56 -6.56
C GLU A 82 -5.29 2.74 -6.84
N VAL A 83 -5.80 2.09 -5.80
CA VAL A 83 -7.03 1.31 -5.89
C VAL A 83 -7.88 1.50 -4.63
N PRO A 84 -9.19 1.23 -4.72
CA PRO A 84 -10.08 1.29 -3.56
C PRO A 84 -9.62 0.34 -2.46
N VAL A 85 -9.80 0.75 -1.22
CA VAL A 85 -9.32 -0.01 -0.06
C VAL A 85 -10.02 -1.38 0.04
N SER A 86 -11.18 -1.49 -0.60
CA SER A 86 -11.96 -2.72 -0.59
C SER A 86 -11.34 -3.81 -1.48
N ALA A 87 -10.61 -3.38 -2.51
CA ALA A 87 -10.10 -4.31 -3.52
C ALA A 87 -9.01 -5.26 -2.98
N PRO A 88 -7.94 -4.74 -2.34
CA PRO A 88 -6.81 -5.57 -1.89
C PRO A 88 -7.18 -6.51 -0.73
N ILE A 89 -8.44 -6.49 -0.32
CA ILE A 89 -8.90 -7.38 0.73
C ILE A 89 -8.95 -8.82 0.22
N LYS A 90 -9.54 -9.00 -0.96
CA LYS A 90 -9.59 -10.30 -1.60
C LYS A 90 -8.46 -10.43 -2.63
N ASP A 91 -8.34 -9.44 -3.50
CA ASP A 91 -7.46 -9.57 -4.66
C ASP A 91 -6.16 -8.80 -4.46
N ALA A 92 -5.61 -8.87 -3.26
CA ALA A 92 -4.31 -8.28 -2.96
C ALA A 92 -3.26 -8.77 -3.95
N GLU A 93 -3.38 -10.05 -4.31
CA GLU A 93 -2.49 -10.68 -5.28
C GLU A 93 -2.49 -9.91 -6.60
N LYS A 94 -3.69 -9.56 -7.06
CA LYS A 94 -3.83 -8.85 -8.32
C LYS A 94 -3.38 -7.40 -8.19
N VAL A 95 -3.57 -6.83 -7.00
CA VAL A 95 -3.15 -5.46 -6.73
C VAL A 95 -1.62 -5.37 -6.67
N ILE A 96 -1.00 -6.37 -6.04
CA ILE A 96 0.44 -6.44 -5.94
C ILE A 96 1.07 -6.54 -7.32
N ASN A 97 0.54 -7.45 -8.13
CA ASN A 97 1.05 -7.67 -9.47
C ASN A 97 0.70 -6.50 -10.39
N ALA A 98 -0.33 -5.74 -10.01
CA ALA A 98 -0.74 -4.57 -10.78
C ALA A 98 0.33 -3.49 -10.70
N ALA A 99 0.91 -3.33 -9.51
CA ALA A 99 1.96 -2.36 -9.30
C ALA A 99 3.22 -2.78 -10.05
N LEU A 100 3.55 -4.06 -9.96
CA LEU A 100 4.69 -4.62 -10.67
C LEU A 100 4.54 -4.50 -12.18
N ALA A 101 3.30 -4.65 -12.66
CA ALA A 101 3.02 -4.60 -14.08
C ALA A 101 3.34 -3.24 -14.68
N LEU A 102 3.46 -2.23 -13.84
CA LEU A 102 3.77 -0.89 -14.30
C LEU A 102 5.28 -0.72 -14.55
N ILE A 103 6.08 -1.22 -13.62
CA ILE A 103 7.52 -0.99 -13.67
C ILE A 103 8.28 -2.22 -14.18
N ASP A 104 7.82 -3.40 -13.81
CA ASP A 104 8.52 -4.63 -14.17
C ASP A 104 7.75 -5.35 -15.28
N GLU A 105 6.47 -5.02 -15.40
CA GLU A 105 5.60 -5.57 -16.43
C GLU A 105 5.53 -7.10 -16.33
N LYS A 106 4.86 -7.58 -15.29
CA LYS A 106 4.71 -9.01 -15.08
C LYS A 106 3.25 -9.33 -14.76
N MET A 1 11.44 -13.72 -4.67
CA MET A 1 11.51 -12.26 -4.88
C MET A 1 11.26 -11.53 -3.57
N LYS A 2 12.30 -10.92 -3.03
CA LYS A 2 12.17 -10.09 -1.84
C LYS A 2 12.01 -8.64 -2.24
N ARG A 3 10.93 -8.36 -2.95
CA ARG A 3 10.68 -7.02 -3.47
C ARG A 3 10.22 -6.11 -2.33
N LYS A 4 10.85 -4.96 -2.22
CA LYS A 4 10.46 -3.96 -1.23
C LYS A 4 9.21 -3.23 -1.72
N ILE A 5 8.17 -3.23 -0.91
CA ILE A 5 6.94 -2.58 -1.30
C ILE A 5 6.43 -1.66 -0.18
N ILE A 6 6.05 -0.45 -0.55
CA ILE A 6 5.41 0.45 0.40
C ILE A 6 3.96 0.67 -0.02
N ALA A 7 3.04 0.47 0.92
CA ALA A 7 1.62 0.56 0.61
C ALA A 7 0.90 1.36 1.68
N VAL A 8 -0.04 2.19 1.24
CA VAL A 8 -0.83 3.00 2.16
C VAL A 8 -2.29 2.63 2.05
N THR A 9 -2.92 2.36 3.19
CA THR A 9 -4.33 2.02 3.24
C THR A 9 -5.11 3.06 4.01
N ALA A 10 -6.06 3.71 3.35
CA ALA A 10 -6.83 4.78 3.97
C ALA A 10 -8.32 4.64 3.70
N CYS A 11 -9.11 4.57 4.77
CA CYS A 11 -10.56 4.51 4.65
C CYS A 11 -11.21 5.54 5.58
N ALA A 12 -10.39 6.14 6.46
CA ALA A 12 -10.84 7.16 7.42
C ALA A 12 -11.99 6.66 8.30
N THR A 13 -13.21 6.85 7.83
CA THR A 13 -14.39 6.42 8.55
C THR A 13 -14.74 4.99 8.15
N GLY A 14 -14.27 4.05 8.94
CA GLY A 14 -14.47 2.65 8.61
C GLY A 14 -13.24 1.83 8.95
N VAL A 15 -12.97 1.69 10.23
CA VAL A 15 -11.81 0.95 10.71
C VAL A 15 -11.83 -0.50 10.20
N ALA A 16 -13.03 -1.05 10.01
CA ALA A 16 -13.17 -2.41 9.51
C ALA A 16 -12.56 -2.54 8.11
N HIS A 17 -12.69 -1.49 7.32
CA HIS A 17 -12.11 -1.49 5.98
C HIS A 17 -10.64 -1.07 6.04
N THR A 18 -10.31 -0.22 7.00
CA THR A 18 -8.95 0.29 7.13
C THR A 18 -7.99 -0.81 7.61
N TYR A 19 -8.29 -1.40 8.76
CA TYR A 19 -7.42 -2.40 9.36
C TYR A 19 -7.36 -3.67 8.52
N MET A 20 -8.50 -4.08 7.97
CA MET A 20 -8.56 -5.31 7.18
C MET A 20 -7.73 -5.17 5.92
N ALA A 21 -7.82 -4.04 5.24
CA ALA A 21 -7.07 -3.83 4.02
C ALA A 21 -5.57 -3.84 4.29
N ALA A 22 -5.19 -3.21 5.40
CA ALA A 22 -3.79 -3.11 5.79
C ALA A 22 -3.19 -4.50 6.05
N GLN A 23 -3.93 -5.35 6.75
CA GLN A 23 -3.45 -6.69 7.05
C GLN A 23 -3.64 -7.63 5.86
N ALA A 24 -4.69 -7.41 5.07
CA ALA A 24 -4.94 -8.22 3.89
C ALA A 24 -3.82 -8.04 2.88
N LEU A 25 -3.37 -6.81 2.74
CA LEU A 25 -2.19 -6.50 1.92
C LEU A 25 -0.98 -7.29 2.40
N LYS A 26 -0.81 -7.33 3.72
CA LYS A 26 0.29 -8.08 4.32
C LYS A 26 0.18 -9.56 3.98
N LYS A 27 -1.04 -10.08 3.99
CA LYS A 27 -1.30 -11.48 3.65
C LYS A 27 -0.75 -11.82 2.27
N GLY A 28 -1.18 -11.06 1.28
CA GLY A 28 -0.74 -11.28 -0.09
C GLY A 28 0.75 -11.07 -0.26
N ALA A 29 1.30 -10.09 0.44
CA ALA A 29 2.71 -9.77 0.34
C ALA A 29 3.59 -10.91 0.86
N LYS A 30 3.26 -11.40 2.06
CA LYS A 30 4.02 -12.49 2.66
C LYS A 30 3.78 -13.80 1.90
N LYS A 31 2.63 -13.90 1.26
CA LYS A 31 2.29 -15.06 0.44
C LYS A 31 3.25 -15.17 -0.74
N MET A 32 3.52 -14.03 -1.37
CA MET A 32 4.45 -13.99 -2.48
C MET A 32 5.89 -13.91 -1.96
N GLY A 33 6.03 -13.62 -0.68
CA GLY A 33 7.33 -13.62 -0.04
C GLY A 33 8.09 -12.32 -0.22
N ASN A 34 7.37 -11.21 -0.21
CA ASN A 34 7.99 -9.90 -0.39
C ASN A 34 8.07 -9.16 0.95
N LEU A 35 8.75 -8.01 0.95
CA LEU A 35 8.89 -7.22 2.15
C LEU A 35 8.13 -5.91 1.99
N ILE A 36 7.04 -5.77 2.74
CA ILE A 36 6.14 -4.64 2.55
C ILE A 36 5.99 -3.82 3.83
N LYS A 37 5.84 -2.51 3.65
CA LYS A 37 5.49 -1.61 4.73
C LYS A 37 4.13 -1.00 4.44
N VAL A 38 3.14 -1.34 5.25
CA VAL A 38 1.79 -0.85 5.06
C VAL A 38 1.48 0.27 6.03
N GLU A 39 1.08 1.41 5.51
CA GLU A 39 0.76 2.57 6.32
C GLU A 39 -0.74 2.63 6.58
N THR A 40 -1.11 2.66 7.85
CA THR A 40 -2.51 2.79 8.23
C THR A 40 -2.88 4.26 8.30
N GLN A 41 -3.65 4.71 7.32
CA GLN A 41 -4.03 6.10 7.23
C GLN A 41 -5.53 6.26 7.43
N GLY A 42 -5.91 7.18 8.30
CA GLY A 42 -7.30 7.52 8.46
C GLY A 42 -7.71 8.60 7.48
N ALA A 43 -7.64 9.84 7.94
CA ALA A 43 -7.87 10.99 7.07
C ALA A 43 -6.67 11.91 7.16
N THR A 44 -6.38 12.36 8.37
CA THR A 44 -5.24 13.23 8.61
C THR A 44 -4.38 12.62 9.72
N GLY A 45 -4.74 11.42 10.15
CA GLY A 45 -4.02 10.73 11.20
C GLY A 45 -3.35 9.48 10.67
N ILE A 46 -2.08 9.30 11.03
CA ILE A 46 -1.29 8.20 10.49
C ILE A 46 -0.88 7.26 11.62
N GLU A 47 -0.89 5.95 11.35
CA GLU A 47 -0.46 4.98 12.34
C GLU A 47 1.02 4.66 12.19
N ASN A 48 1.47 4.52 10.96
CA ASN A 48 2.83 4.09 10.67
C ASN A 48 3.73 5.27 10.35
N GLU A 49 3.34 6.02 9.32
CA GLU A 49 4.11 7.15 8.81
C GLU A 49 5.40 6.65 8.19
N LEU A 50 5.31 6.31 6.91
CA LEU A 50 6.46 5.84 6.15
C LEU A 50 7.33 7.02 5.75
N THR A 51 8.59 6.97 6.13
CA THR A 51 9.47 8.11 5.91
C THR A 51 10.12 7.99 4.55
N GLU A 52 10.69 9.09 4.07
CA GLU A 52 11.36 9.08 2.77
C GLU A 52 12.43 7.99 2.74
N LYS A 53 12.96 7.68 3.92
CA LYS A 53 13.93 6.60 4.06
C LYS A 53 13.31 5.26 3.64
N ASP A 54 12.17 4.95 4.25
CA ASP A 54 11.44 3.71 3.96
C ASP A 54 10.91 3.74 2.54
N VAL A 55 10.36 4.88 2.16
CA VAL A 55 9.71 5.07 0.87
C VAL A 55 10.70 4.91 -0.28
N ASN A 56 11.96 5.28 -0.05
CA ASN A 56 12.99 5.14 -1.08
C ASN A 56 13.50 3.70 -1.18
N ILE A 57 13.19 2.90 -0.16
CA ILE A 57 13.59 1.50 -0.16
C ILE A 57 12.65 0.70 -1.05
N GLY A 58 11.35 0.93 -0.90
CA GLY A 58 10.35 0.24 -1.69
C GLY A 58 10.53 0.46 -3.19
N GLU A 59 10.22 -0.57 -3.97
CA GLU A 59 10.33 -0.53 -5.41
C GLU A 59 9.13 0.20 -6.00
N VAL A 60 7.94 -0.28 -5.65
CA VAL A 60 6.70 0.30 -6.13
C VAL A 60 5.82 0.71 -4.97
N VAL A 61 4.94 1.67 -5.20
CA VAL A 61 4.04 2.16 -4.16
C VAL A 61 2.61 1.75 -4.47
N ILE A 62 2.00 1.03 -3.53
CA ILE A 62 0.62 0.61 -3.68
C ILE A 62 -0.27 1.46 -2.79
N PHE A 63 -1.10 2.30 -3.41
CA PHE A 63 -1.98 3.17 -2.66
C PHE A 63 -3.40 2.64 -2.69
N ALA A 64 -3.78 1.92 -1.65
CA ALA A 64 -5.15 1.48 -1.52
C ALA A 64 -5.90 2.44 -0.61
N VAL A 65 -6.48 3.46 -1.22
CA VAL A 65 -7.08 4.55 -0.47
C VAL A 65 -8.40 4.97 -1.09
N ASP A 66 -9.37 5.24 -0.25
CA ASP A 66 -10.66 5.75 -0.70
C ASP A 66 -10.92 7.11 -0.06
N THR A 67 -10.02 7.51 0.82
CA THR A 67 -10.17 8.78 1.55
C THR A 67 -8.89 9.60 1.50
N LYS A 68 -8.78 10.54 2.42
CA LYS A 68 -7.66 11.47 2.47
C LYS A 68 -6.40 10.80 3.02
N VAL A 69 -5.26 11.19 2.46
CA VAL A 69 -3.97 10.70 2.93
C VAL A 69 -2.92 11.82 2.86
N ARG A 70 -2.35 12.17 4.01
CA ARG A 70 -1.44 13.31 4.08
C ARG A 70 0.01 12.90 3.81
N ASN A 71 0.33 11.63 4.07
CA ASN A 71 1.70 11.16 3.93
C ASN A 71 2.03 10.85 2.48
N LYS A 72 1.00 10.92 1.61
CA LYS A 72 1.16 10.71 0.18
C LYS A 72 2.21 11.67 -0.37
N GLU A 73 2.39 12.76 0.37
CA GLU A 73 3.45 13.73 0.16
C GLU A 73 4.78 13.06 -0.18
N ARG A 74 5.06 11.94 0.49
CA ARG A 74 6.31 11.22 0.28
C ARG A 74 6.34 10.55 -1.09
N PHE A 75 5.33 9.74 -1.36
CA PHE A 75 5.30 8.88 -2.53
C PHE A 75 4.90 9.64 -3.79
N ASP A 76 4.71 10.95 -3.66
CA ASP A 76 4.13 11.75 -4.74
C ASP A 76 4.99 11.70 -6.00
N GLY A 77 6.31 11.72 -5.81
CA GLY A 77 7.22 11.66 -6.94
C GLY A 77 7.70 10.26 -7.23
N LYS A 78 7.04 9.27 -6.65
CA LYS A 78 7.41 7.88 -6.86
C LYS A 78 6.36 7.17 -7.70
N VAL A 79 6.59 5.88 -7.96
CA VAL A 79 5.70 5.10 -8.80
C VAL A 79 4.53 4.57 -7.98
N VAL A 80 3.39 5.24 -8.11
CA VAL A 80 2.23 4.95 -7.29
C VAL A 80 1.09 4.36 -8.11
N LEU A 81 0.58 3.24 -7.66
CA LEU A 81 -0.66 2.69 -8.20
C LEU A 81 -1.79 2.98 -7.23
N GLU A 82 -2.78 3.75 -7.67
CA GLU A 82 -3.87 4.14 -6.79
C GLU A 82 -5.07 3.21 -6.99
N VAL A 83 -5.21 2.30 -6.06
CA VAL A 83 -6.25 1.27 -6.09
C VAL A 83 -7.28 1.51 -4.97
N PRO A 84 -8.56 1.21 -5.23
CA PRO A 84 -9.62 1.30 -4.21
C PRO A 84 -9.30 0.43 -3.00
N VAL A 85 -9.67 0.92 -1.81
CA VAL A 85 -9.27 0.27 -0.56
C VAL A 85 -9.82 -1.16 -0.43
N SER A 86 -10.89 -1.45 -1.16
CA SER A 86 -11.50 -2.78 -1.13
C SER A 86 -10.67 -3.82 -1.90
N ALA A 87 -9.93 -3.37 -2.90
CA ALA A 87 -9.25 -4.28 -3.84
C ALA A 87 -8.22 -5.21 -3.16
N PRO A 88 -7.27 -4.68 -2.36
CA PRO A 88 -6.19 -5.49 -1.76
C PRO A 88 -6.69 -6.56 -0.79
N ILE A 89 -7.98 -6.55 -0.50
CA ILE A 89 -8.54 -7.54 0.41
C ILE A 89 -8.83 -8.84 -0.34
N LYS A 90 -9.29 -8.72 -1.58
CA LYS A 90 -9.61 -9.89 -2.39
C LYS A 90 -8.46 -10.27 -3.30
N ASP A 91 -7.79 -9.28 -3.85
CA ASP A 91 -6.78 -9.50 -4.88
C ASP A 91 -5.42 -8.94 -4.49
N ALA A 92 -5.03 -9.15 -3.24
CA ALA A 92 -3.75 -8.62 -2.74
C ALA A 92 -2.56 -9.04 -3.63
N GLU A 93 -2.49 -10.31 -3.97
CA GLU A 93 -1.40 -10.79 -4.83
C GLU A 93 -1.51 -10.15 -6.21
N LYS A 94 -2.73 -9.90 -6.64
CA LYS A 94 -2.99 -9.36 -7.96
C LYS A 94 -2.63 -7.88 -8.01
N VAL A 95 -2.94 -7.17 -6.92
CA VAL A 95 -2.65 -5.75 -6.81
C VAL A 95 -1.16 -5.51 -6.80
N ILE A 96 -0.44 -6.43 -6.17
CA ILE A 96 1.01 -6.43 -6.16
C ILE A 96 1.55 -6.57 -7.59
N ASN A 97 1.04 -7.57 -8.30
CA ASN A 97 1.44 -7.80 -9.69
C ASN A 97 1.06 -6.62 -10.57
N ALA A 98 -0.07 -5.99 -10.27
CA ALA A 98 -0.53 -4.81 -11.00
C ALA A 98 0.47 -3.67 -10.89
N ALA A 99 0.96 -3.44 -9.67
CA ALA A 99 1.97 -2.41 -9.43
C ALA A 99 3.29 -2.78 -10.11
N LEU A 100 3.57 -4.08 -10.16
CA LEU A 100 4.77 -4.57 -10.82
C LEU A 100 4.71 -4.31 -12.32
N ALA A 101 3.51 -4.28 -12.87
CA ALA A 101 3.31 -4.07 -14.30
C ALA A 101 3.84 -2.71 -14.75
N LEU A 102 3.93 -1.77 -13.81
CA LEU A 102 4.40 -0.43 -14.11
C LEU A 102 5.88 -0.42 -14.53
N ILE A 103 6.69 -1.23 -13.87
CA ILE A 103 8.13 -1.25 -14.15
C ILE A 103 8.58 -2.59 -14.72
N ASP A 104 8.14 -3.68 -14.11
CA ASP A 104 8.51 -5.02 -14.55
C ASP A 104 7.60 -5.48 -15.67
N GLU A 105 6.31 -5.18 -15.52
CA GLU A 105 5.29 -5.59 -16.48
C GLU A 105 5.24 -7.12 -16.60
N LYS A 106 4.55 -7.75 -15.67
CA LYS A 106 4.42 -9.19 -15.67
C LYS A 106 2.96 -9.58 -15.77
N MET A 1 12.48 -13.28 -4.87
CA MET A 1 12.18 -11.90 -5.32
C MET A 1 11.61 -11.08 -4.18
N LYS A 2 12.43 -10.20 -3.61
CA LYS A 2 11.99 -9.35 -2.53
C LYS A 2 11.74 -7.94 -3.02
N ARG A 3 10.55 -7.71 -3.55
CA ARG A 3 10.16 -6.40 -3.99
C ARG A 3 9.79 -5.55 -2.78
N LYS A 4 10.46 -4.43 -2.62
CA LYS A 4 10.20 -3.52 -1.53
C LYS A 4 9.07 -2.57 -1.91
N ILE A 5 7.97 -2.68 -1.18
CA ILE A 5 6.75 -1.97 -1.53
C ILE A 5 6.24 -1.14 -0.37
N ILE A 6 5.89 0.11 -0.64
CA ILE A 6 5.23 0.94 0.34
C ILE A 6 3.77 1.10 -0.05
N ALA A 7 2.88 0.76 0.88
CA ALA A 7 1.46 0.78 0.59
C ALA A 7 0.71 1.52 1.68
N VAL A 8 -0.11 2.48 1.27
CA VAL A 8 -0.89 3.24 2.22
C VAL A 8 -2.37 2.91 2.09
N THR A 9 -2.94 2.45 3.17
CA THR A 9 -4.36 2.18 3.25
C THR A 9 -5.06 3.27 4.05
N ALA A 10 -6.01 3.95 3.43
CA ALA A 10 -6.69 5.06 4.09
C ALA A 10 -8.09 5.26 3.52
N CYS A 11 -9.09 4.76 4.22
CA CYS A 11 -10.46 4.86 3.77
C CYS A 11 -11.30 5.69 4.75
N ALA A 12 -12.22 6.48 4.21
CA ALA A 12 -13.12 7.28 5.04
C ALA A 12 -14.48 6.62 5.12
N THR A 13 -14.72 5.66 4.23
CA THR A 13 -15.96 4.92 4.21
C THR A 13 -16.07 4.03 5.45
N GLY A 14 -15.10 3.14 5.60
CA GLY A 14 -15.11 2.22 6.73
C GLY A 14 -13.73 2.01 7.29
N VAL A 15 -13.61 2.23 8.59
CA VAL A 15 -12.33 2.13 9.29
C VAL A 15 -11.81 0.70 9.29
N ALA A 16 -12.71 -0.25 9.51
CA ALA A 16 -12.34 -1.67 9.51
C ALA A 16 -11.84 -2.10 8.14
N HIS A 17 -12.37 -1.47 7.11
CA HIS A 17 -11.97 -1.78 5.73
C HIS A 17 -10.55 -1.29 5.50
N THR A 18 -10.25 -0.11 6.02
CA THR A 18 -8.92 0.47 5.92
C THR A 18 -7.87 -0.48 6.50
N TYR A 19 -8.15 -0.95 7.71
CA TYR A 19 -7.18 -1.75 8.44
C TYR A 19 -7.06 -3.17 7.85
N MET A 20 -8.20 -3.76 7.51
CA MET A 20 -8.21 -5.12 6.98
C MET A 20 -7.52 -5.19 5.63
N ALA A 21 -7.57 -4.10 4.88
CA ALA A 21 -6.89 -4.03 3.59
C ALA A 21 -5.39 -4.23 3.76
N ALA A 22 -4.84 -3.56 4.78
CA ALA A 22 -3.42 -3.66 5.09
C ALA A 22 -3.06 -5.08 5.52
N GLN A 23 -3.94 -5.70 6.29
CA GLN A 23 -3.71 -7.05 6.82
C GLN A 23 -3.67 -8.07 5.69
N ALA A 24 -4.67 -8.02 4.81
CA ALA A 24 -4.75 -8.96 3.70
C ALA A 24 -3.63 -8.71 2.70
N LEU A 25 -3.35 -7.43 2.46
CA LEU A 25 -2.26 -7.05 1.56
C LEU A 25 -0.92 -7.56 2.10
N LYS A 26 -0.73 -7.43 3.40
CA LYS A 26 0.47 -7.95 4.06
C LYS A 26 0.57 -9.45 3.86
N LYS A 27 -0.56 -10.14 4.06
CA LYS A 27 -0.64 -11.59 3.90
C LYS A 27 -0.18 -12.01 2.51
N GLY A 28 -0.65 -11.28 1.49
CA GLY A 28 -0.28 -11.60 0.12
C GLY A 28 1.20 -11.37 -0.14
N ALA A 29 1.75 -10.29 0.38
CA ALA A 29 3.15 -9.96 0.17
C ALA A 29 4.06 -10.95 0.89
N LYS A 30 3.66 -11.33 2.10
CA LYS A 30 4.39 -12.32 2.87
C LYS A 30 4.34 -13.67 2.16
N LYS A 31 3.19 -13.97 1.57
CA LYS A 31 2.95 -15.22 0.86
C LYS A 31 3.86 -15.33 -0.36
N MET A 32 4.19 -14.19 -0.95
CA MET A 32 5.06 -14.14 -2.12
C MET A 32 6.52 -14.01 -1.72
N GLY A 33 6.74 -13.58 -0.47
CA GLY A 33 8.09 -13.45 0.04
C GLY A 33 8.72 -12.11 -0.28
N ASN A 34 7.91 -11.06 -0.31
CA ASN A 34 8.40 -9.72 -0.60
C ASN A 34 8.64 -8.93 0.67
N LEU A 35 9.04 -7.68 0.51
CA LEU A 35 9.29 -6.79 1.64
C LEU A 35 8.33 -5.61 1.57
N ILE A 36 7.24 -5.69 2.31
CA ILE A 36 6.22 -4.67 2.24
C ILE A 36 6.18 -3.84 3.52
N LYS A 37 6.00 -2.55 3.36
CA LYS A 37 5.81 -1.65 4.47
C LYS A 37 4.48 -0.93 4.29
N VAL A 38 3.47 -1.40 5.01
CA VAL A 38 2.12 -0.89 4.82
C VAL A 38 1.76 0.09 5.92
N GLU A 39 1.02 1.12 5.55
CA GLU A 39 0.56 2.13 6.49
C GLU A 39 -0.96 2.18 6.51
N THR A 40 -1.55 2.07 7.69
CA THR A 40 -2.97 2.29 7.84
C THR A 40 -3.22 3.69 8.39
N GLN A 41 -3.85 4.53 7.59
CA GLN A 41 -4.14 5.88 8.01
C GLN A 41 -5.65 6.12 8.04
N GLY A 42 -6.23 6.03 9.23
CA GLY A 42 -7.65 6.21 9.37
C GLY A 42 -8.03 7.67 9.52
N ALA A 43 -7.69 8.46 8.50
CA ALA A 43 -7.94 9.90 8.50
C ALA A 43 -7.21 10.57 9.67
N THR A 44 -5.96 10.96 9.41
CA THR A 44 -5.10 11.60 10.42
C THR A 44 -4.53 10.57 11.41
N GLY A 45 -5.36 9.61 11.81
CA GLY A 45 -4.92 8.58 12.73
C GLY A 45 -4.10 7.53 12.01
N ILE A 46 -2.78 7.68 12.09
CA ILE A 46 -1.88 6.78 11.39
C ILE A 46 -1.42 5.66 12.32
N GLU A 47 -1.58 4.42 11.88
CA GLU A 47 -1.21 3.26 12.67
C GLU A 47 0.27 2.96 12.56
N ASN A 48 0.80 3.04 11.34
CA ASN A 48 2.18 2.63 11.07
C ASN A 48 3.07 3.82 10.79
N GLU A 49 2.71 4.58 9.74
CA GLU A 49 3.46 5.75 9.27
C GLU A 49 4.72 5.34 8.52
N LEU A 50 4.72 5.59 7.22
CA LEU A 50 5.88 5.32 6.39
C LEU A 50 6.83 6.51 6.43
N THR A 51 8.02 6.28 6.94
CA THR A 51 9.01 7.35 7.04
C THR A 51 9.70 7.53 5.69
N GLU A 52 10.42 8.63 5.55
CA GLU A 52 11.13 8.94 4.31
C GLU A 52 12.07 7.79 3.92
N LYS A 53 12.65 7.12 4.91
CA LYS A 53 13.54 6.00 4.64
C LYS A 53 12.77 4.84 4.01
N ASP A 54 11.60 4.54 4.56
CA ASP A 54 10.74 3.49 3.99
C ASP A 54 10.40 3.81 2.56
N VAL A 55 10.09 5.08 2.33
CA VAL A 55 9.69 5.57 1.03
C VAL A 55 10.80 5.47 0.01
N ASN A 56 12.03 5.71 0.44
CA ASN A 56 13.17 5.66 -0.48
C ASN A 56 13.63 4.23 -0.72
N ILE A 57 13.24 3.32 0.16
CA ILE A 57 13.53 1.91 -0.03
C ILE A 57 12.48 1.28 -0.93
N GLY A 58 11.21 1.37 -0.52
CA GLY A 58 10.11 0.88 -1.31
C GLY A 58 10.06 1.51 -2.69
N GLU A 59 9.99 0.69 -3.71
CA GLU A 59 10.02 1.16 -5.08
C GLU A 59 8.63 1.56 -5.55
N VAL A 60 7.71 0.61 -5.53
CA VAL A 60 6.36 0.85 -6.01
C VAL A 60 5.44 1.24 -4.85
N VAL A 61 4.55 2.18 -5.12
CA VAL A 61 3.65 2.68 -4.10
C VAL A 61 2.24 2.22 -4.38
N ILE A 62 1.71 1.38 -3.51
CA ILE A 62 0.33 0.91 -3.65
C ILE A 62 -0.60 1.80 -2.84
N PHE A 63 -1.46 2.52 -3.53
CA PHE A 63 -2.42 3.39 -2.86
C PHE A 63 -3.81 2.80 -2.91
N ALA A 64 -4.23 2.22 -1.80
CA ALA A 64 -5.59 1.77 -1.63
C ALA A 64 -6.28 2.71 -0.66
N VAL A 65 -6.88 3.77 -1.19
CA VAL A 65 -7.39 4.84 -0.34
C VAL A 65 -8.75 5.32 -0.79
N ASP A 66 -9.41 6.00 0.14
CA ASP A 66 -10.71 6.59 -0.07
C ASP A 66 -10.73 8.00 0.54
N THR A 67 -9.62 8.34 1.18
CA THR A 67 -9.50 9.60 1.89
C THR A 67 -8.09 10.19 1.68
N LYS A 68 -7.75 11.25 2.41
CA LYS A 68 -6.46 11.92 2.24
C LYS A 68 -5.33 11.08 2.83
N VAL A 69 -4.12 11.33 2.33
CA VAL A 69 -2.91 10.72 2.88
C VAL A 69 -1.88 11.80 3.15
N ARG A 70 -1.44 11.91 4.40
CA ARG A 70 -0.52 12.97 4.79
C ARG A 70 0.90 12.67 4.30
N ASN A 71 1.27 11.40 4.28
CA ASN A 71 2.60 10.99 3.84
C ASN A 71 2.68 10.90 2.32
N LYS A 72 1.53 11.05 1.66
CA LYS A 72 1.42 10.89 0.20
C LYS A 72 2.39 11.80 -0.55
N GLU A 73 2.70 12.94 0.07
CA GLU A 73 3.53 13.97 -0.55
C GLU A 73 4.86 13.43 -1.10
N ARG A 74 5.43 12.43 -0.44
CA ARG A 74 6.75 11.94 -0.82
C ARG A 74 6.69 10.87 -1.92
N PHE A 75 5.50 10.31 -2.14
CA PHE A 75 5.29 9.34 -3.20
C PHE A 75 4.91 10.06 -4.50
N ASP A 76 4.91 11.39 -4.44
CA ASP A 76 4.50 12.24 -5.56
C ASP A 76 5.33 11.95 -6.81
N GLY A 77 6.65 11.96 -6.66
CA GLY A 77 7.53 11.70 -7.79
C GLY A 77 7.99 10.24 -7.83
N LYS A 78 7.12 9.33 -7.45
CA LYS A 78 7.43 7.91 -7.47
C LYS A 78 6.35 7.14 -8.21
N VAL A 79 6.56 5.84 -8.41
CA VAL A 79 5.62 5.03 -9.18
C VAL A 79 4.45 4.59 -8.31
N VAL A 80 3.24 4.99 -8.70
CA VAL A 80 2.05 4.76 -7.90
C VAL A 80 1.08 3.79 -8.59
N LEU A 81 0.57 2.85 -7.82
CA LEU A 81 -0.46 1.93 -8.27
C LEU A 81 -1.76 2.26 -7.53
N GLU A 82 -2.77 2.70 -8.27
CA GLU A 82 -4.01 3.18 -7.69
C GLU A 82 -5.06 2.09 -7.66
N VAL A 83 -5.54 1.75 -6.47
CA VAL A 83 -6.63 0.81 -6.31
C VAL A 83 -7.56 1.25 -5.18
N PRO A 84 -8.83 0.82 -5.22
CA PRO A 84 -9.76 1.06 -4.12
C PRO A 84 -9.37 0.25 -2.89
N VAL A 85 -9.70 0.75 -1.71
CA VAL A 85 -9.34 0.09 -0.45
C VAL A 85 -9.99 -1.29 -0.35
N SER A 86 -11.09 -1.47 -1.08
CA SER A 86 -11.82 -2.72 -1.09
C SER A 86 -11.09 -3.81 -1.87
N ALA A 87 -10.16 -3.40 -2.75
CA ALA A 87 -9.49 -4.33 -3.64
C ALA A 87 -8.48 -5.24 -2.92
N PRO A 88 -7.50 -4.69 -2.17
CA PRO A 88 -6.44 -5.49 -1.53
C PRO A 88 -6.96 -6.48 -0.49
N ILE A 89 -8.20 -6.31 -0.07
CA ILE A 89 -8.79 -7.21 0.89
C ILE A 89 -9.12 -8.56 0.25
N LYS A 90 -9.71 -8.51 -0.93
CA LYS A 90 -10.12 -9.72 -1.63
C LYS A 90 -9.07 -10.15 -2.65
N ASP A 91 -8.36 -9.19 -3.23
CA ASP A 91 -7.42 -9.45 -4.31
C ASP A 91 -6.02 -8.94 -4.01
N ALA A 92 -5.57 -9.15 -2.78
CA ALA A 92 -4.24 -8.67 -2.35
C ALA A 92 -3.14 -9.12 -3.30
N GLU A 93 -3.08 -10.41 -3.58
CA GLU A 93 -2.05 -10.95 -4.48
C GLU A 93 -2.17 -10.36 -5.89
N LYS A 94 -3.38 -9.96 -6.27
CA LYS A 94 -3.62 -9.34 -7.57
C LYS A 94 -3.04 -7.93 -7.59
N VAL A 95 -3.34 -7.18 -6.54
CA VAL A 95 -2.88 -5.80 -6.39
C VAL A 95 -1.36 -5.73 -6.39
N ILE A 96 -0.73 -6.69 -5.72
CA ILE A 96 0.72 -6.76 -5.66
C ILE A 96 1.30 -6.95 -7.06
N ASN A 97 0.75 -7.91 -7.79
CA ASN A 97 1.21 -8.19 -9.15
C ASN A 97 0.92 -7.02 -10.07
N ALA A 98 -0.14 -6.28 -9.77
CA ALA A 98 -0.51 -5.11 -10.57
C ALA A 98 0.59 -4.05 -10.49
N ALA A 99 1.15 -3.87 -9.30
CA ALA A 99 2.26 -2.93 -9.11
C ALA A 99 3.46 -3.34 -9.95
N LEU A 100 3.72 -4.65 -9.97
CA LEU A 100 4.80 -5.19 -10.79
C LEU A 100 4.49 -5.07 -12.27
N ALA A 101 3.20 -5.10 -12.60
CA ALA A 101 2.75 -4.99 -13.98
C ALA A 101 2.90 -3.56 -14.49
N LEU A 102 2.96 -2.60 -13.57
CA LEU A 102 3.12 -1.21 -13.95
C LEU A 102 4.58 -0.86 -14.23
N ILE A 103 5.50 -1.64 -13.66
CA ILE A 103 6.92 -1.36 -13.83
C ILE A 103 7.58 -2.28 -14.86
N ASP A 104 7.21 -3.55 -14.86
CA ASP A 104 7.83 -4.52 -15.77
C ASP A 104 6.81 -5.19 -16.67
N GLU A 105 5.56 -5.25 -16.21
CA GLU A 105 4.50 -5.99 -16.89
C GLU A 105 4.80 -7.49 -16.89
N LYS A 106 4.33 -8.17 -15.85
CA LYS A 106 4.60 -9.58 -15.68
C LYS A 106 3.42 -10.39 -16.18
N MET A 1 16.03 -8.88 -4.54
CA MET A 1 15.29 -10.11 -4.21
C MET A 1 14.04 -9.78 -3.41
N LYS A 2 14.23 -9.33 -2.17
CA LYS A 2 13.11 -9.00 -1.31
C LYS A 2 12.66 -7.57 -1.57
N ARG A 3 11.66 -7.45 -2.44
CA ARG A 3 11.19 -6.15 -2.91
C ARG A 3 10.49 -5.38 -1.81
N LYS A 4 10.91 -4.13 -1.60
CA LYS A 4 10.22 -3.24 -0.67
C LYS A 4 9.06 -2.53 -1.36
N ILE A 5 7.89 -2.65 -0.78
CA ILE A 5 6.70 -1.96 -1.27
C ILE A 5 6.09 -1.14 -0.15
N ILE A 6 5.77 0.10 -0.43
CA ILE A 6 5.05 0.93 0.53
C ILE A 6 3.59 1.04 0.11
N ALA A 7 2.70 0.72 1.03
CA ALA A 7 1.27 0.70 0.73
C ALA A 7 0.49 1.46 1.78
N VAL A 8 -0.08 2.59 1.39
CA VAL A 8 -0.86 3.39 2.30
C VAL A 8 -2.35 3.06 2.14
N THR A 9 -2.95 2.61 3.22
CA THR A 9 -4.36 2.28 3.23
C THR A 9 -5.13 3.33 4.02
N ALA A 10 -6.25 3.79 3.48
CA ALA A 10 -7.05 4.82 4.13
C ALA A 10 -8.51 4.71 3.74
N CYS A 11 -9.38 5.20 4.61
CA CYS A 11 -10.80 5.26 4.33
C CYS A 11 -11.48 6.21 5.31
N ALA A 12 -12.46 6.95 4.82
CA ALA A 12 -13.18 7.90 5.65
C ALA A 12 -14.36 7.24 6.36
N THR A 13 -14.98 6.28 5.70
CA THR A 13 -16.16 5.62 6.25
C THR A 13 -15.83 4.21 6.75
N GLY A 14 -15.62 3.29 5.81
CA GLY A 14 -15.42 1.89 6.16
C GLY A 14 -13.98 1.58 6.51
N VAL A 15 -13.51 2.11 7.63
CA VAL A 15 -12.14 1.92 8.08
C VAL A 15 -11.85 0.45 8.39
N ALA A 16 -12.92 -0.33 8.61
CA ALA A 16 -12.78 -1.76 8.82
C ALA A 16 -12.12 -2.42 7.62
N HIS A 17 -12.37 -1.87 6.43
CA HIS A 17 -11.80 -2.39 5.20
C HIS A 17 -10.32 -2.04 5.12
N THR A 18 -9.96 -0.91 5.71
CA THR A 18 -8.58 -0.44 5.73
C THR A 18 -7.68 -1.44 6.46
N TYR A 19 -8.11 -1.84 7.65
CA TYR A 19 -7.32 -2.75 8.47
C TYR A 19 -7.26 -4.15 7.87
N MET A 20 -8.33 -4.56 7.22
CA MET A 20 -8.38 -5.86 6.56
C MET A 20 -7.45 -5.87 5.35
N ALA A 21 -7.51 -4.82 4.56
CA ALA A 21 -6.68 -4.69 3.37
C ALA A 21 -5.20 -4.71 3.75
N ALA A 22 -4.89 -4.08 4.88
CA ALA A 22 -3.53 -4.05 5.39
C ALA A 22 -3.01 -5.46 5.63
N GLN A 23 -3.82 -6.28 6.29
CA GLN A 23 -3.44 -7.65 6.60
C GLN A 23 -3.33 -8.50 5.34
N ALA A 24 -4.26 -8.31 4.41
CA ALA A 24 -4.27 -9.09 3.18
C ALA A 24 -3.09 -8.73 2.27
N LEU A 25 -2.86 -7.43 2.10
CA LEU A 25 -1.73 -6.96 1.30
C LEU A 25 -0.42 -7.44 1.90
N LYS A 26 -0.29 -7.29 3.21
CA LYS A 26 0.91 -7.71 3.91
C LYS A 26 1.12 -9.20 3.76
N LYS A 27 0.05 -9.96 3.92
CA LYS A 27 0.09 -11.41 3.87
C LYS A 27 0.58 -11.90 2.51
N GLY A 28 -0.01 -11.33 1.46
CA GLY A 28 0.34 -11.71 0.11
C GLY A 28 1.80 -11.44 -0.21
N ALA A 29 2.23 -10.22 0.09
CA ALA A 29 3.62 -9.84 -0.15
C ALA A 29 4.58 -10.71 0.66
N LYS A 30 4.26 -10.93 1.93
CA LYS A 30 5.07 -11.77 2.80
C LYS A 30 5.13 -13.20 2.28
N LYS A 31 4.03 -13.67 1.72
CA LYS A 31 3.95 -15.01 1.16
C LYS A 31 4.85 -15.13 -0.07
N MET A 32 4.90 -14.06 -0.86
CA MET A 32 5.69 -14.05 -2.09
C MET A 32 7.15 -13.70 -1.82
N GLY A 33 7.49 -13.53 -0.55
CA GLY A 33 8.88 -13.29 -0.18
C GLY A 33 9.27 -11.83 -0.26
N ASN A 34 8.28 -10.96 -0.36
CA ASN A 34 8.51 -9.53 -0.48
C ASN A 34 8.39 -8.85 0.88
N LEU A 35 8.76 -7.58 0.92
CA LEU A 35 8.72 -6.82 2.15
C LEU A 35 7.86 -5.57 1.97
N ILE A 36 6.62 -5.65 2.42
CA ILE A 36 5.69 -4.55 2.26
C ILE A 36 5.50 -3.84 3.58
N LYS A 37 5.42 -2.52 3.53
CA LYS A 37 5.14 -1.74 4.71
C LYS A 37 3.81 -1.03 4.52
N VAL A 38 2.80 -1.53 5.19
CA VAL A 38 1.46 -1.00 5.04
C VAL A 38 1.17 0.10 6.06
N GLU A 39 0.87 1.27 5.54
CA GLU A 39 0.55 2.43 6.35
C GLU A 39 -0.96 2.53 6.50
N THR A 40 -1.42 2.86 7.69
CA THR A 40 -2.85 2.90 7.95
C THR A 40 -3.28 4.32 8.32
N GLN A 41 -4.07 4.93 7.47
CA GLN A 41 -4.62 6.25 7.71
C GLN A 41 -6.13 6.17 7.83
N GLY A 42 -6.69 6.82 8.82
CA GLY A 42 -8.12 6.83 8.98
C GLY A 42 -8.72 8.17 8.62
N ALA A 43 -8.75 9.06 9.60
CA ALA A 43 -9.26 10.40 9.40
C ALA A 43 -8.37 11.39 10.14
N THR A 44 -7.57 12.14 9.38
CA THR A 44 -6.58 13.08 9.93
C THR A 44 -5.65 12.39 10.95
N GLY A 45 -5.50 11.08 10.80
CA GLY A 45 -4.67 10.32 11.71
C GLY A 45 -3.97 9.18 11.00
N ILE A 46 -2.66 9.09 11.18
CA ILE A 46 -1.86 8.06 10.53
C ILE A 46 -1.20 7.17 11.58
N GLU A 47 -1.47 5.87 11.49
CA GLU A 47 -0.98 4.94 12.50
C GLU A 47 0.40 4.40 12.14
N ASN A 48 0.49 3.59 11.09
CA ASN A 48 1.76 2.99 10.69
C ASN A 48 2.55 3.95 9.80
N GLU A 49 2.95 5.07 10.36
CA GLU A 49 3.69 6.10 9.64
C GLU A 49 4.97 5.54 9.03
N LEU A 50 5.03 5.51 7.70
CA LEU A 50 6.17 4.98 6.97
C LEU A 50 7.37 5.91 7.08
N THR A 51 8.56 5.34 7.23
CA THR A 51 9.77 6.12 7.34
C THR A 51 10.24 6.61 5.97
N GLU A 52 11.07 7.63 5.96
CA GLU A 52 11.63 8.16 4.71
C GLU A 52 12.44 7.08 4.01
N LYS A 53 13.14 6.28 4.80
CA LYS A 53 13.97 5.20 4.28
C LYS A 53 13.12 4.16 3.56
N ASP A 54 12.04 3.72 4.22
CA ASP A 54 11.16 2.72 3.62
C ASP A 54 10.57 3.22 2.32
N VAL A 55 10.24 4.50 2.29
CA VAL A 55 9.67 5.12 1.10
C VAL A 55 10.68 5.13 -0.06
N ASN A 56 11.93 5.44 0.25
CA ASN A 56 12.97 5.52 -0.78
C ASN A 56 13.38 4.16 -1.27
N ILE A 57 13.37 3.17 -0.37
CA ILE A 57 13.74 1.81 -0.75
C ILE A 57 12.58 1.13 -1.49
N GLY A 58 11.36 1.43 -1.07
CA GLY A 58 10.19 0.92 -1.75
C GLY A 58 10.08 1.44 -3.16
N GLU A 59 9.84 0.53 -4.10
CA GLU A 59 9.77 0.90 -5.52
C GLU A 59 8.42 1.54 -5.82
N VAL A 60 7.37 0.75 -5.71
CA VAL A 60 6.03 1.19 -6.04
C VAL A 60 5.23 1.51 -4.78
N VAL A 61 4.31 2.45 -4.94
CA VAL A 61 3.46 2.87 -3.84
C VAL A 61 2.03 2.41 -4.07
N ILE A 62 1.56 1.53 -3.22
CA ILE A 62 0.19 1.04 -3.34
C ILE A 62 -0.75 1.89 -2.50
N PHE A 63 -1.65 2.59 -3.15
CA PHE A 63 -2.65 3.40 -2.46
C PHE A 63 -4.00 2.71 -2.46
N ALA A 64 -4.28 1.99 -1.40
CA ALA A 64 -5.60 1.43 -1.19
C ALA A 64 -6.36 2.37 -0.27
N VAL A 65 -7.04 3.32 -0.85
CA VAL A 65 -7.59 4.43 -0.07
C VAL A 65 -9.05 4.70 -0.39
N ASP A 66 -9.51 5.83 0.12
CA ASP A 66 -10.90 6.23 0.03
C ASP A 66 -10.98 7.74 0.21
N THR A 67 -10.09 8.24 1.06
CA THR A 67 -9.90 9.68 1.21
C THR A 67 -8.47 10.03 0.79
N LYS A 68 -8.07 11.28 0.94
CA LYS A 68 -6.74 11.70 0.54
C LYS A 68 -5.72 11.33 1.62
N VAL A 69 -4.46 11.26 1.22
CA VAL A 69 -3.38 10.94 2.14
C VAL A 69 -2.45 12.15 2.28
N ARG A 70 -1.74 12.22 3.40
CA ARG A 70 -0.81 13.32 3.62
C ARG A 70 0.59 12.94 3.14
N ASN A 71 0.96 11.69 3.38
CA ASN A 71 2.31 11.20 3.13
C ASN A 71 2.64 11.14 1.64
N LYS A 72 1.64 11.39 0.79
CA LYS A 72 1.85 11.46 -0.66
C LYS A 72 3.04 12.38 -1.01
N GLU A 73 3.36 13.29 -0.10
CA GLU A 73 4.49 14.21 -0.25
C GLU A 73 5.74 13.48 -0.76
N ARG A 74 6.06 12.37 -0.11
CA ARG A 74 7.29 11.65 -0.39
C ARG A 74 7.13 10.69 -1.57
N PHE A 75 5.90 10.28 -1.82
CA PHE A 75 5.61 9.39 -2.94
C PHE A 75 5.51 10.17 -4.25
N ASP A 76 5.55 11.50 -4.15
CA ASP A 76 5.50 12.35 -5.33
C ASP A 76 6.74 12.12 -6.19
N GLY A 77 6.53 11.73 -7.44
CA GLY A 77 7.65 11.44 -8.32
C GLY A 77 7.95 9.96 -8.37
N LYS A 78 7.35 9.22 -7.44
CA LYS A 78 7.54 7.79 -7.37
C LYS A 78 6.45 7.06 -8.15
N VAL A 79 6.59 5.75 -8.29
CA VAL A 79 5.63 4.96 -9.04
C VAL A 79 4.47 4.55 -8.14
N VAL A 80 3.27 4.99 -8.49
CA VAL A 80 2.11 4.81 -7.62
C VAL A 80 1.03 3.95 -8.30
N LEU A 81 0.39 3.10 -7.51
CA LEU A 81 -0.74 2.29 -7.97
C LEU A 81 -1.91 2.54 -7.02
N GLU A 82 -2.99 3.12 -7.54
CA GLU A 82 -4.11 3.52 -6.71
C GLU A 82 -5.34 2.64 -6.94
N VAL A 83 -5.86 2.08 -5.85
CA VAL A 83 -7.05 1.24 -5.90
C VAL A 83 -7.95 1.55 -4.70
N PRO A 84 -9.25 1.22 -4.80
CA PRO A 84 -10.19 1.36 -3.68
C PRO A 84 -9.77 0.48 -2.50
N VAL A 85 -9.92 1.00 -1.29
CA VAL A 85 -9.48 0.30 -0.08
C VAL A 85 -10.17 -1.06 0.08
N SER A 86 -11.38 -1.18 -0.45
CA SER A 86 -12.14 -2.41 -0.34
C SER A 86 -11.59 -3.51 -1.26
N ALA A 87 -10.83 -3.12 -2.27
CA ALA A 87 -10.33 -4.05 -3.28
C ALA A 87 -9.30 -5.04 -2.71
N PRO A 88 -8.19 -4.55 -2.09
CA PRO A 88 -7.09 -5.42 -1.62
C PRO A 88 -7.52 -6.49 -0.62
N ILE A 89 -8.71 -6.35 -0.07
CA ILE A 89 -9.24 -7.36 0.86
C ILE A 89 -9.34 -8.70 0.14
N LYS A 90 -9.98 -8.70 -1.02
CA LYS A 90 -10.11 -9.90 -1.82
C LYS A 90 -9.04 -9.95 -2.91
N ASP A 91 -8.71 -8.80 -3.46
CA ASP A 91 -7.79 -8.72 -4.60
C ASP A 91 -6.37 -8.38 -4.17
N ALA A 92 -5.97 -8.85 -2.99
CA ALA A 92 -4.62 -8.57 -2.48
C ALA A 92 -3.56 -8.98 -3.50
N GLU A 93 -3.66 -10.22 -3.98
CA GLU A 93 -2.69 -10.74 -4.95
C GLU A 93 -2.77 -9.96 -6.25
N LYS A 94 -3.98 -9.51 -6.57
CA LYS A 94 -4.23 -8.78 -7.80
C LYS A 94 -3.56 -7.41 -7.73
N VAL A 95 -3.65 -6.78 -6.56
CA VAL A 95 -3.07 -5.46 -6.35
C VAL A 95 -1.55 -5.53 -6.34
N ILE A 96 -1.00 -6.51 -5.63
CA ILE A 96 0.45 -6.69 -5.52
C ILE A 96 1.06 -6.97 -6.90
N ASN A 97 0.41 -7.85 -7.66
CA ASN A 97 0.89 -8.19 -8.99
C ASN A 97 0.76 -7.01 -9.95
N ALA A 98 -0.33 -6.25 -9.81
CA ALA A 98 -0.56 -5.09 -10.66
C ALA A 98 0.51 -4.03 -10.42
N ALA A 99 0.86 -3.83 -9.15
CA ALA A 99 1.89 -2.86 -8.79
C ALA A 99 3.24 -3.26 -9.39
N LEU A 100 3.53 -4.54 -9.39
CA LEU A 100 4.77 -5.05 -9.97
C LEU A 100 4.71 -5.02 -11.49
N ALA A 101 3.52 -5.20 -12.05
CA ALA A 101 3.35 -5.29 -13.49
C ALA A 101 3.65 -3.98 -14.19
N LEU A 102 3.27 -2.86 -13.57
CA LEU A 102 3.44 -1.55 -14.20
C LEU A 102 4.91 -1.09 -14.22
N ILE A 103 5.79 -1.86 -13.57
CA ILE A 103 7.22 -1.61 -13.67
C ILE A 103 7.91 -2.76 -14.41
N ASP A 104 7.40 -3.96 -14.24
CA ASP A 104 7.93 -5.14 -14.90
C ASP A 104 6.85 -6.19 -15.08
N GLU A 105 6.57 -6.91 -14.00
CA GLU A 105 5.54 -7.95 -13.97
C GLU A 105 5.57 -8.61 -12.60
N LYS A 106 6.78 -8.91 -12.13
CA LYS A 106 6.99 -9.47 -10.82
C LYS A 106 8.48 -9.41 -10.48
#